data_2GBF
#
_entry.id   2GBF
#
_cell.length_a   208.171
_cell.length_b   208.171
_cell.length_c   208.171
_cell.angle_alpha   90.00
_cell.angle_beta   90.00
_cell.angle_gamma   90.00
#
_symmetry.space_group_name_H-M   'P 21 3'
#
loop_
_entity.id
_entity.type
_entity.pdbx_description
1 polymer 'Dipeptidyl peptidase 4'
2 non-polymer (1S)-2-[(2S,5R)-2-(AMINOMETHYL)-5-ETHYNYLPYRROLIDIN-1-YL]-1-CYCLOPENTYL-2-OXOETHANAMINE
#
_entity_poly.entity_id   1
_entity_poly.type   'polypeptide(L)'
_entity_poly.pdbx_seq_one_letter_code
;RRTYTLADYLKNTFRVKSYSLRWVSDSEYLYKQENNILLFNAEHGNSSIFLENSTFEIFGDSISDYSVSPDRLFVLLEYN
YVKQWRHSYTASYSIYDLNKRQLITEEKIPNNTQWITWSQEGHKLAYVWKNDIYVKIEPHLPSHRITSTGKENVIFNGIN
DWVYEEEIFGAYSALWWSPNGTFLAYAQFNDTGVPLIEYSFYSDESLQYPKTVWIPYPKAGAVNPTVKFFIVNTDSLSST
TTTIPMQITAPASVTTGDHYLCDVAWVSEDRISLQWLRRIQNYSVMAICDYDKTTLVWNCPTTQEHIETSATGWCGRFRP
AEPHFTSDGSSFYKIVSDKDGYKHICQFQKDRKPEQVCTFITKGAWEVISIEALTSDYLYYISNEYKEMPGGRNLYKIQL
TDHTNKKCLSCDLNPERCQYYSVSLSKEAKYYQLGCRGPGLPLYTLHRSTDQKELRVLEDNSALDKMLQDVQMPSKKLDF
IVLNETRFWYQMILPPHFDKSKKYPLLIDVYAGPCSQKADAAFRLNWATYLASTENIIVASFDGRGSGYQGDKIMHAINK
RLGTLEVEDQIEAARQFLKMGFVDSKRVAIWGWSYGGYVTSMVLGSGSGVFKCGIAVAPVSRWEYYDSVYTERYMGLPTP
EDNLDHYRNSTVMSRAENFKQVEYLLIHGTADDNVHFQQSAQISKALVDAGVDFQAMWYTDEDHGIASSTAHQHIYSHMS
HFLQQCFSLR
;
_entity_poly.pdbx_strand_id   A,B
#
loop_
_chem_comp.id
_chem_comp.type
_chem_comp.name
_chem_comp.formula
AIA non-polymer (1S)-2-[(2S,5R)-2-(AMINOMETHYL)-5-ETHYNYLPYRROLIDIN-1-YL]-1-CYCLOPENTYL-2-OXOETHANAMINE 'C14 H23 N3 O'
#
# COMPACT_ATOMS: atom_id res chain seq x y z
N ARG A 1 -24.83 -11.22 -36.64
CA ARG A 1 -24.66 -12.13 -35.46
C ARG A 1 -23.43 -11.78 -34.61
N ARG A 2 -23.32 -10.52 -34.18
CA ARG A 2 -22.20 -10.05 -33.35
C ARG A 2 -22.59 -10.08 -31.87
N THR A 3 -21.63 -10.33 -30.98
CA THR A 3 -21.90 -10.36 -29.54
C THR A 3 -21.53 -8.99 -28.92
N TYR A 4 -21.81 -8.80 -27.63
CA TYR A 4 -21.49 -7.55 -26.94
C TYR A 4 -20.11 -7.73 -26.27
N THR A 5 -19.07 -7.25 -26.96
CA THR A 5 -17.66 -7.35 -26.54
C THR A 5 -17.32 -6.67 -25.19
N LEU A 6 -16.19 -7.04 -24.58
CA LEU A 6 -15.80 -6.39 -23.33
C LEU A 6 -15.36 -5.00 -23.76
N ALA A 7 -14.99 -4.89 -25.03
CA ALA A 7 -14.56 -3.61 -25.59
C ALA A 7 -15.78 -2.72 -25.77
N ASP A 8 -16.90 -3.34 -26.15
CA ASP A 8 -18.14 -2.58 -26.34
C ASP A 8 -18.48 -1.86 -25.04
N TYR A 9 -18.23 -2.57 -23.93
CA TYR A 9 -18.48 -2.03 -22.62
C TYR A 9 -17.45 -0.97 -22.23
N LEU A 10 -16.18 -1.37 -22.24
CA LEU A 10 -15.10 -0.48 -21.87
C LEU A 10 -14.95 0.78 -22.72
N LYS A 11 -15.21 0.70 -24.02
CA LYS A 11 -15.09 1.87 -24.87
C LYS A 11 -16.42 2.62 -25.03
N ASN A 12 -17.47 2.08 -24.44
CA ASN A 12 -18.80 2.69 -24.52
C ASN A 12 -19.23 2.84 -25.99
N THR A 13 -19.22 1.72 -26.69
CA THR A 13 -19.58 1.68 -28.11
C THR A 13 -21.02 2.09 -28.33
N PHE A 14 -21.91 1.60 -27.46
CA PHE A 14 -23.32 1.91 -27.58
C PHE A 14 -23.78 2.90 -26.52
N ARG A 15 -23.86 4.17 -26.92
CA ARG A 15 -24.28 5.26 -26.06
C ARG A 15 -25.79 5.22 -25.79
N VAL A 16 -26.19 5.35 -24.52
CA VAL A 16 -27.59 5.37 -24.13
C VAL A 16 -27.96 6.81 -23.80
N LYS A 17 -28.84 7.42 -24.58
CA LYS A 17 -29.21 8.80 -24.32
C LYS A 17 -30.26 9.03 -23.23
N SER A 18 -30.45 10.30 -22.90
CA SER A 18 -31.39 10.72 -21.89
C SER A 18 -31.80 12.16 -22.18
N TYR A 19 -32.58 12.77 -21.30
CA TYR A 19 -32.99 14.14 -21.52
C TYR A 19 -32.96 14.85 -20.19
N SER A 20 -31.83 15.47 -19.90
CA SER A 20 -31.70 16.18 -18.63
C SER A 20 -32.02 17.65 -18.79
N LEU A 21 -33.23 18.02 -18.39
CA LEU A 21 -33.68 19.40 -18.51
C LEU A 21 -33.54 20.14 -17.20
N ARG A 22 -33.70 21.45 -17.26
CA ARG A 22 -33.62 22.25 -16.07
C ARG A 22 -34.79 23.22 -16.01
N TRP A 23 -35.84 22.85 -15.29
CA TRP A 23 -37.00 23.73 -15.18
C TRP A 23 -36.58 25.11 -14.70
N VAL A 24 -36.92 26.14 -15.47
CA VAL A 24 -36.57 27.50 -15.09
C VAL A 24 -37.79 28.20 -14.55
N SER A 25 -38.97 27.62 -14.80
CA SER A 25 -40.21 28.20 -14.33
C SER A 25 -41.29 27.13 -14.33
N ASP A 26 -42.54 27.57 -14.28
CA ASP A 26 -43.63 26.61 -14.27
C ASP A 26 -43.94 26.23 -15.71
N SER A 27 -43.23 26.84 -16.67
CA SER A 27 -43.52 26.59 -18.07
C SER A 27 -42.35 26.53 -19.07
N GLU A 28 -41.14 26.81 -18.62
CA GLU A 28 -39.98 26.76 -19.51
C GLU A 28 -38.86 25.99 -18.85
N TYR A 29 -37.96 25.45 -19.65
CA TYR A 29 -36.83 24.73 -19.10
C TYR A 29 -35.59 24.93 -19.95
N LEU A 30 -34.44 24.55 -19.41
CA LEU A 30 -33.20 24.67 -20.14
C LEU A 30 -32.76 23.30 -20.58
N TYR A 31 -32.03 23.25 -21.68
CA TYR A 31 -31.55 21.99 -22.22
C TYR A 31 -30.27 22.18 -23.01
N LYS A 32 -29.29 21.33 -22.74
CA LYS A 32 -28.01 21.41 -23.43
C LYS A 32 -28.11 20.67 -24.75
N GLN A 33 -27.82 21.37 -25.84
CA GLN A 33 -27.88 20.78 -27.16
C GLN A 33 -26.66 21.21 -27.96
N GLU A 34 -25.79 20.24 -28.26
CA GLU A 34 -24.56 20.51 -29.01
C GLU A 34 -23.85 21.68 -28.34
N ASN A 35 -23.52 21.52 -27.06
CA ASN A 35 -22.86 22.57 -26.29
C ASN A 35 -23.49 23.95 -26.43
N ASN A 36 -24.82 23.97 -26.36
CA ASN A 36 -25.61 25.19 -26.45
C ASN A 36 -26.75 25.04 -25.48
N ILE A 37 -26.94 26.03 -24.64
CA ILE A 37 -28.02 25.93 -23.69
C ILE A 37 -29.23 26.56 -24.36
N LEU A 38 -30.28 25.76 -24.52
CA LEU A 38 -31.50 26.24 -25.14
C LEU A 38 -32.64 26.34 -24.15
N LEU A 39 -33.50 27.34 -24.36
CA LEU A 39 -34.67 27.54 -23.52
C LEU A 39 -35.83 26.90 -24.28
N PHE A 40 -36.56 26.01 -23.64
CA PHE A 40 -37.69 25.36 -24.28
C PHE A 40 -38.99 25.73 -23.61
N ASN A 41 -40.04 25.79 -24.41
CA ASN A 41 -41.37 26.13 -23.93
C ASN A 41 -42.15 24.83 -23.78
N ALA A 42 -42.34 24.36 -22.55
CA ALA A 42 -43.12 23.14 -22.37
C ALA A 42 -44.52 23.51 -22.80
N GLU A 43 -44.99 22.87 -23.85
CA GLU A 43 -46.33 23.11 -24.41
C GLU A 43 -46.12 22.98 -25.89
N HIS A 44 -45.50 24.00 -26.47
CA HIS A 44 -45.20 24.03 -27.89
C HIS A 44 -43.69 23.92 -27.96
N GLY A 45 -43.16 22.96 -28.72
CA GLY A 45 -41.71 22.81 -28.85
C GLY A 45 -40.92 24.12 -28.94
N ASN A 46 -41.63 25.24 -29.11
CA ASN A 46 -41.08 26.60 -29.17
C ASN A 46 -39.72 26.57 -28.44
N SER A 47 -38.61 26.75 -29.16
CA SER A 47 -37.33 26.75 -28.46
C SER A 47 -36.69 28.14 -28.53
N SER A 48 -35.37 28.19 -28.33
CA SER A 48 -34.63 29.46 -28.35
C SER A 48 -33.25 29.34 -27.70
N ILE A 49 -32.24 29.99 -28.28
CA ILE A 49 -30.89 29.93 -27.73
C ILE A 49 -30.80 30.73 -26.44
N PHE A 50 -30.16 30.17 -25.42
CA PHE A 50 -29.97 30.85 -24.14
C PHE A 50 -28.50 31.19 -23.97
N LEU A 51 -27.63 30.26 -24.34
CA LEU A 51 -26.17 30.43 -24.28
C LEU A 51 -25.61 29.70 -25.48
N GLU A 52 -24.63 30.29 -26.15
CA GLU A 52 -24.08 29.70 -27.37
C GLU A 52 -22.97 28.66 -27.32
N ASN A 53 -22.79 27.97 -28.46
CA ASN A 53 -21.73 26.97 -28.67
C ASN A 53 -20.57 27.78 -28.08
N SER A 54 -20.71 29.10 -28.28
CA SER A 54 -19.78 30.12 -27.84
C SER A 54 -19.74 30.19 -26.31
N THR A 55 -19.34 31.35 -25.79
CA THR A 55 -19.26 31.59 -24.35
C THR A 55 -18.39 30.55 -23.68
N PHE A 56 -18.90 29.32 -23.59
CA PHE A 56 -18.19 28.20 -22.99
C PHE A 56 -16.75 28.02 -23.46
N GLU A 57 -16.48 28.28 -24.73
CA GLU A 57 -15.12 28.09 -25.25
C GLU A 57 -14.07 29.08 -24.76
N ILE A 58 -14.47 30.23 -24.23
CA ILE A 58 -13.50 31.22 -23.76
C ILE A 58 -12.59 30.58 -22.70
N PHE A 59 -13.22 30.06 -21.66
CA PHE A 59 -12.50 29.40 -20.58
C PHE A 59 -12.04 28.01 -21.06
N GLY A 60 -11.34 27.99 -22.19
CA GLY A 60 -10.85 26.75 -22.76
C GLY A 60 -11.88 25.64 -22.85
N ASP A 61 -11.43 24.42 -22.61
CA ASP A 61 -12.26 23.22 -22.65
C ASP A 61 -12.39 22.72 -21.21
N SER A 62 -11.97 23.58 -20.28
CA SER A 62 -12.00 23.24 -18.86
C SER A 62 -13.31 23.66 -18.21
N ILE A 63 -14.32 23.99 -19.03
CA ILE A 63 -15.62 24.38 -18.48
C ILE A 63 -16.35 23.15 -17.97
N SER A 64 -16.15 22.89 -16.68
CA SER A 64 -16.74 21.76 -15.99
C SER A 64 -18.26 21.77 -15.94
N ASP A 65 -18.86 22.95 -15.72
CA ASP A 65 -20.30 23.01 -15.61
C ASP A 65 -20.79 24.46 -15.63
N TYR A 66 -22.10 24.64 -15.51
CA TYR A 66 -22.68 25.98 -15.53
C TYR A 66 -23.91 26.05 -14.62
N SER A 67 -24.18 27.23 -14.09
CA SER A 67 -25.33 27.39 -13.21
C SER A 67 -25.97 28.75 -13.45
N VAL A 68 -27.21 28.73 -13.92
CA VAL A 68 -27.95 29.94 -14.21
C VAL A 68 -28.68 30.48 -12.98
N SER A 69 -28.45 31.74 -12.65
CA SER A 69 -29.14 32.37 -11.53
C SER A 69 -30.63 32.19 -11.74
N PRO A 70 -31.41 32.09 -10.66
CA PRO A 70 -32.84 31.91 -10.86
C PRO A 70 -33.55 33.02 -11.64
N ASP A 71 -33.11 34.26 -11.48
CA ASP A 71 -33.73 35.37 -12.22
C ASP A 71 -33.16 35.43 -13.65
N ARG A 72 -32.60 34.31 -14.09
CA ARG A 72 -32.02 34.16 -15.42
C ARG A 72 -31.17 35.33 -15.90
N LEU A 73 -30.59 36.08 -14.98
CA LEU A 73 -29.80 37.22 -15.37
C LEU A 73 -28.30 36.97 -15.53
N PHE A 74 -27.77 36.01 -14.77
CA PHE A 74 -26.36 35.65 -14.84
C PHE A 74 -26.15 34.15 -14.92
N VAL A 75 -24.95 33.75 -15.30
CA VAL A 75 -24.61 32.34 -15.39
C VAL A 75 -23.23 32.08 -14.77
N LEU A 76 -23.18 31.07 -13.92
CA LEU A 76 -21.94 30.68 -13.29
C LEU A 76 -21.20 29.73 -14.21
N LEU A 77 -19.90 29.97 -14.39
CA LEU A 77 -19.11 29.11 -15.24
C LEU A 77 -18.05 28.42 -14.42
N GLU A 78 -18.25 27.13 -14.22
CA GLU A 78 -17.36 26.27 -13.46
C GLU A 78 -16.22 25.74 -14.34
N TYR A 79 -15.01 25.74 -13.80
CA TYR A 79 -13.84 25.26 -14.55
C TYR A 79 -12.67 25.05 -13.61
N ASN A 80 -11.75 24.17 -14.00
CA ASN A 80 -10.59 23.83 -13.17
C ASN A 80 -11.08 22.98 -12.02
N TYR A 81 -12.01 22.09 -12.36
CA TYR A 81 -12.62 21.17 -11.44
C TYR A 81 -11.57 20.21 -10.93
N VAL A 82 -11.51 20.03 -9.62
CA VAL A 82 -10.56 19.10 -9.01
C VAL A 82 -11.34 18.29 -7.98
N LYS A 83 -11.49 17.00 -8.23
CA LYS A 83 -12.22 16.12 -7.32
C LYS A 83 -11.52 15.95 -5.98
N GLN A 84 -12.30 15.50 -5.00
CA GLN A 84 -11.85 15.27 -3.63
C GLN A 84 -13.02 14.57 -2.97
N TRP A 85 -12.89 13.27 -2.70
CA TRP A 85 -13.99 12.49 -2.08
C TRP A 85 -15.13 12.32 -3.06
N ARG A 86 -16.22 11.74 -2.57
CA ARG A 86 -17.38 11.46 -3.41
C ARG A 86 -18.01 12.69 -4.06
N HIS A 87 -18.37 13.68 -3.25
CA HIS A 87 -19.03 14.87 -3.77
C HIS A 87 -18.22 16.15 -3.71
N SER A 88 -17.27 16.21 -2.78
CA SER A 88 -16.43 17.37 -2.63
C SER A 88 -15.62 17.59 -3.90
N TYR A 89 -15.12 18.80 -4.06
CA TYR A 89 -14.30 19.17 -5.21
C TYR A 89 -14.16 20.69 -5.20
N THR A 90 -13.12 21.19 -5.87
CA THR A 90 -12.89 22.61 -5.93
C THR A 90 -12.69 23.08 -7.36
N ALA A 91 -13.41 24.14 -7.73
CA ALA A 91 -13.32 24.71 -9.07
C ALA A 91 -13.03 26.20 -9.00
N SER A 92 -12.96 26.81 -10.17
CA SER A 92 -12.74 28.25 -10.33
C SER A 92 -14.01 28.73 -11.01
N TYR A 93 -14.42 29.96 -10.75
CA TYR A 93 -15.66 30.43 -11.34
C TYR A 93 -15.60 31.79 -12.01
N SER A 94 -16.57 32.02 -12.89
CA SER A 94 -16.70 33.29 -13.61
C SER A 94 -18.19 33.55 -13.75
N ILE A 95 -18.61 34.77 -13.43
CA ILE A 95 -20.01 35.13 -13.56
C ILE A 95 -20.17 35.79 -14.92
N TYR A 96 -21.05 35.24 -15.76
CA TYR A 96 -21.31 35.80 -17.07
C TYR A 96 -22.61 36.58 -17.03
N ASP A 97 -22.54 37.87 -17.39
CA ASP A 97 -23.71 38.71 -17.39
C ASP A 97 -24.46 38.55 -18.69
N LEU A 98 -25.63 37.93 -18.63
CA LEU A 98 -26.40 37.71 -19.83
C LEU A 98 -26.76 39.04 -20.46
N ASN A 99 -27.36 39.92 -19.68
CA ASN A 99 -27.79 41.22 -20.17
C ASN A 99 -26.68 42.08 -20.82
N LYS A 100 -25.63 42.35 -20.07
CA LYS A 100 -24.49 43.15 -20.55
C LYS A 100 -23.66 42.33 -21.58
N ARG A 101 -23.99 41.05 -21.72
CA ARG A 101 -23.32 40.15 -22.64
C ARG A 101 -21.80 40.05 -22.50
N GLN A 102 -21.32 39.77 -21.30
CA GLN A 102 -19.88 39.63 -21.10
C GLN A 102 -19.57 39.17 -19.67
N LEU A 103 -18.31 38.77 -19.46
CA LEU A 103 -17.90 38.27 -18.15
C LEU A 103 -17.60 39.37 -17.17
N ILE A 104 -18.26 39.29 -16.02
CA ILE A 104 -18.04 40.23 -14.93
C ILE A 104 -16.61 39.99 -14.52
N THR A 105 -15.84 41.07 -14.47
CA THR A 105 -14.43 40.96 -14.17
C THR A 105 -14.00 41.63 -12.88
N GLU A 106 -14.83 42.53 -12.36
CA GLU A 106 -14.52 43.27 -11.15
C GLU A 106 -14.23 42.44 -9.90
N GLU A 107 -15.20 42.35 -9.00
CA GLU A 107 -15.06 41.59 -7.77
C GLU A 107 -15.18 40.11 -8.07
N LYS A 108 -14.11 39.50 -8.57
CA LYS A 108 -14.12 38.07 -8.92
C LYS A 108 -14.36 37.15 -7.73
N ILE A 109 -14.35 35.86 -8.01
CA ILE A 109 -14.56 34.86 -6.96
C ILE A 109 -13.36 33.91 -6.86
N PRO A 110 -12.76 33.83 -5.66
CA PRO A 110 -11.60 33.02 -5.30
C PRO A 110 -11.33 31.85 -6.22
N ASN A 111 -10.10 31.79 -6.73
CA ASN A 111 -9.72 30.74 -7.66
C ASN A 111 -9.57 29.37 -7.07
N ASN A 112 -10.32 29.07 -6.01
CA ASN A 112 -10.23 27.74 -5.42
C ASN A 112 -11.41 27.37 -4.59
N THR A 113 -12.56 27.92 -4.97
CA THR A 113 -13.78 27.69 -4.23
C THR A 113 -14.13 26.24 -4.01
N GLN A 114 -14.63 25.97 -2.80
CA GLN A 114 -15.04 24.65 -2.34
C GLN A 114 -16.53 24.46 -2.58
N TRP A 115 -17.27 25.56 -2.63
CA TRP A 115 -18.69 25.47 -2.87
C TRP A 115 -19.31 26.82 -3.18
N ILE A 116 -20.33 26.82 -4.04
CA ILE A 116 -21.00 28.05 -4.39
C ILE A 116 -22.45 27.79 -4.80
N THR A 117 -23.30 28.80 -4.66
CA THR A 117 -24.70 28.65 -5.04
C THR A 117 -25.48 29.94 -5.02
N TRP A 118 -26.44 30.04 -5.93
CA TRP A 118 -27.28 31.22 -6.01
C TRP A 118 -28.28 31.11 -4.89
N SER A 119 -29.01 32.18 -4.66
CA SER A 119 -30.06 32.17 -3.66
C SER A 119 -31.19 31.45 -4.39
N GLN A 120 -32.33 31.27 -3.76
CA GLN A 120 -33.45 30.64 -4.46
C GLN A 120 -34.17 31.70 -5.34
N GLU A 121 -33.89 32.98 -5.05
CA GLU A 121 -34.54 34.10 -5.73
C GLU A 121 -33.78 34.85 -6.81
N GLY A 122 -33.10 35.93 -6.42
CA GLY A 122 -32.41 36.75 -7.40
C GLY A 122 -31.09 36.28 -7.90
N HIS A 123 -30.05 37.04 -7.59
CA HIS A 123 -28.70 36.72 -8.02
C HIS A 123 -27.74 36.81 -6.84
N LYS A 124 -28.21 36.38 -5.68
CA LYS A 124 -27.34 36.40 -4.50
C LYS A 124 -26.49 35.16 -4.59
N LEU A 125 -25.25 35.29 -4.13
CA LEU A 125 -24.32 34.19 -4.14
C LEU A 125 -23.73 33.96 -2.77
N ALA A 126 -23.58 32.69 -2.41
CA ALA A 126 -22.97 32.31 -1.14
C ALA A 126 -21.97 31.24 -1.56
N TYR A 127 -20.72 31.38 -1.13
CA TYR A 127 -19.72 30.39 -1.49
C TYR A 127 -18.75 30.19 -0.35
N VAL A 128 -18.20 28.99 -0.25
CA VAL A 128 -17.25 28.66 0.80
C VAL A 128 -15.88 28.59 0.18
N TRP A 129 -14.91 29.20 0.83
CA TRP A 129 -13.54 29.23 0.35
C TRP A 129 -12.65 29.25 1.58
N LYS A 130 -11.69 28.33 1.63
CA LYS A 130 -10.81 28.23 2.79
C LYS A 130 -11.65 27.93 4.03
N ASN A 131 -12.68 27.12 3.88
CA ASN A 131 -13.55 26.76 4.98
C ASN A 131 -14.39 27.87 5.60
N ASP A 132 -14.41 29.02 4.94
CA ASP A 132 -15.20 30.15 5.41
C ASP A 132 -16.27 30.55 4.40
N ILE A 133 -17.41 31.02 4.92
CA ILE A 133 -18.55 31.41 4.10
C ILE A 133 -18.46 32.87 3.69
N TYR A 134 -18.78 33.15 2.42
CA TYR A 134 -18.75 34.50 1.90
C TYR A 134 -20.05 34.77 1.15
N VAL A 135 -20.43 36.05 1.05
CA VAL A 135 -21.65 36.45 0.35
C VAL A 135 -21.48 37.65 -0.57
N LYS A 136 -22.18 37.63 -1.69
CA LYS A 136 -22.15 38.72 -2.65
C LYS A 136 -23.61 39.01 -2.97
N ILE A 137 -24.12 40.12 -2.45
CA ILE A 137 -25.52 40.46 -2.69
C ILE A 137 -25.87 40.47 -4.17
N GLU A 138 -24.88 40.85 -5.00
CA GLU A 138 -25.06 40.88 -6.44
C GLU A 138 -23.66 40.65 -7.08
N PRO A 139 -23.61 39.99 -8.25
CA PRO A 139 -22.41 39.65 -9.03
C PRO A 139 -21.26 40.65 -9.20
N HIS A 140 -21.59 41.92 -9.41
CA HIS A 140 -20.58 42.96 -9.62
C HIS A 140 -20.01 43.47 -8.29
N LEU A 141 -20.78 43.26 -7.23
CA LEU A 141 -20.41 43.71 -5.89
C LEU A 141 -19.40 42.83 -5.17
N PRO A 142 -18.77 43.39 -4.13
CA PRO A 142 -17.75 42.72 -3.32
C PRO A 142 -18.25 41.70 -2.31
N SER A 143 -17.38 40.76 -1.97
CA SER A 143 -17.67 39.70 -1.02
C SER A 143 -17.73 40.17 0.42
N HIS A 144 -18.70 39.63 1.16
CA HIS A 144 -18.88 39.92 2.57
C HIS A 144 -18.55 38.65 3.31
N ARG A 145 -17.45 38.64 4.04
CA ARG A 145 -17.07 37.45 4.77
C ARG A 145 -17.98 37.20 5.96
N ILE A 146 -18.63 36.05 5.97
CA ILE A 146 -19.58 35.69 7.04
C ILE A 146 -18.92 34.99 8.23
N THR A 147 -17.95 34.13 7.95
CA THR A 147 -17.25 33.41 9.02
C THR A 147 -15.74 33.56 8.87
N SER A 148 -15.00 33.19 9.91
CA SER A 148 -13.54 33.30 9.87
C SER A 148 -12.88 32.24 10.76
N THR A 149 -13.72 31.45 11.43
CA THR A 149 -13.28 30.39 12.32
C THR A 149 -12.73 29.23 11.46
N GLY A 150 -13.00 29.31 10.16
CA GLY A 150 -12.59 28.28 9.22
C GLY A 150 -11.16 27.86 9.31
N LYS A 151 -10.91 26.57 9.13
CA LYS A 151 -9.56 25.99 9.18
C LYS A 151 -9.54 24.55 8.69
N GLU A 152 -8.62 24.26 7.78
CA GLU A 152 -8.51 22.93 7.19
C GLU A 152 -8.46 21.76 8.17
N ASN A 153 -9.26 20.74 7.86
CA ASN A 153 -9.36 19.53 8.66
C ASN A 153 -9.65 19.80 10.12
N VAL A 154 -10.24 20.96 10.40
CA VAL A 154 -10.58 21.28 11.77
C VAL A 154 -11.94 21.95 11.86
N ILE A 155 -12.06 23.14 11.29
CA ILE A 155 -13.34 23.83 11.35
C ILE A 155 -13.96 23.99 9.98
N PHE A 156 -15.15 23.41 9.82
CA PHE A 156 -15.82 23.50 8.54
C PHE A 156 -17.05 24.39 8.64
N ASN A 157 -17.07 25.43 7.82
CA ASN A 157 -18.18 26.39 7.80
C ASN A 157 -18.89 26.36 6.46
N GLY A 158 -20.11 25.82 6.42
CA GLY A 158 -20.85 25.80 5.17
C GLY A 158 -20.56 24.64 4.24
N ILE A 159 -19.72 23.71 4.67
CA ILE A 159 -19.39 22.52 3.90
C ILE A 159 -19.30 21.40 4.93
N ASN A 160 -19.45 20.15 4.50
CA ASN A 160 -19.39 19.03 5.44
C ASN A 160 -17.98 18.44 5.58
N ASP A 161 -17.69 17.86 6.75
CA ASP A 161 -16.39 17.22 6.95
C ASP A 161 -16.51 15.88 6.20
N TRP A 162 -15.52 15.01 6.29
CA TRP A 162 -15.60 13.78 5.51
C TRP A 162 -16.82 12.90 5.77
N VAL A 163 -17.02 12.51 7.03
CA VAL A 163 -18.13 11.62 7.38
C VAL A 163 -19.52 12.20 7.12
N TYR A 164 -19.70 13.51 7.31
CA TYR A 164 -21.00 14.13 7.07
C TYR A 164 -21.31 14.16 5.57
N GLU A 165 -20.30 14.51 4.79
CA GLU A 165 -20.44 14.58 3.35
C GLU A 165 -20.81 13.21 2.80
N GLU A 166 -20.16 12.18 3.32
CA GLU A 166 -20.38 10.81 2.87
C GLU A 166 -21.62 10.10 3.41
N GLU A 167 -21.81 10.12 4.74
CA GLU A 167 -22.91 9.42 5.41
C GLU A 167 -24.20 10.15 5.82
N ILE A 168 -24.14 11.46 6.03
CA ILE A 168 -25.32 12.19 6.45
C ILE A 168 -26.01 12.96 5.34
N PHE A 169 -25.32 13.96 4.80
CA PHE A 169 -25.94 14.77 3.77
C PHE A 169 -25.86 14.31 2.34
N GLY A 170 -24.78 13.65 1.96
CA GLY A 170 -24.70 13.18 0.60
C GLY A 170 -24.07 14.17 -0.35
N ALA A 171 -23.75 15.37 0.14
CA ALA A 171 -23.09 16.38 -0.68
C ALA A 171 -22.08 17.19 0.14
N TYR A 172 -21.34 18.05 -0.54
CA TYR A 172 -20.33 18.85 0.13
C TYR A 172 -20.97 20.02 0.86
N SER A 173 -22.07 20.51 0.29
CA SER A 173 -22.76 21.67 0.81
C SER A 173 -23.39 21.57 2.19
N ALA A 174 -23.27 22.66 2.94
CA ALA A 174 -23.85 22.79 4.27
C ALA A 174 -24.39 24.23 4.41
N LEU A 175 -24.92 24.74 3.31
CA LEU A 175 -25.54 26.09 3.23
C LEU A 175 -27.00 25.92 2.85
N TRP A 176 -27.84 26.88 3.25
CA TRP A 176 -29.27 26.84 2.92
C TRP A 176 -29.86 28.24 2.86
N TRP A 177 -30.11 28.74 1.64
CA TRP A 177 -30.71 30.06 1.52
C TRP A 177 -32.21 29.96 1.87
N SER A 178 -32.72 30.94 2.59
CA SER A 178 -34.12 30.95 2.93
C SER A 178 -34.81 31.49 1.68
N PRO A 179 -36.13 31.24 1.53
CA PRO A 179 -36.78 31.77 0.33
C PRO A 179 -36.73 33.27 0.51
N ASN A 180 -36.82 34.03 -0.56
CA ASN A 180 -36.75 35.50 -0.46
C ASN A 180 -35.37 35.94 0.06
N GLY A 181 -34.42 35.02 0.04
CA GLY A 181 -33.04 35.27 0.45
C GLY A 181 -32.65 36.22 1.58
N THR A 182 -33.49 36.35 2.58
CA THR A 182 -33.17 37.23 3.70
C THR A 182 -32.10 36.60 4.57
N PHE A 183 -32.30 35.33 4.93
CA PHE A 183 -31.35 34.64 5.76
C PHE A 183 -30.52 33.61 4.99
N LEU A 184 -29.46 33.17 5.63
CA LEU A 184 -28.59 32.13 5.08
C LEU A 184 -28.24 31.26 6.27
N ALA A 185 -28.73 30.02 6.25
CA ALA A 185 -28.47 29.10 7.32
C ALA A 185 -27.26 28.25 6.94
N TYR A 186 -26.48 27.86 7.94
CA TYR A 186 -25.32 27.05 7.67
C TYR A 186 -24.93 26.22 8.90
N ALA A 187 -24.22 25.13 8.65
CA ALA A 187 -23.78 24.27 9.73
C ALA A 187 -22.28 24.45 9.85
N GLN A 188 -21.78 24.18 11.04
CA GLN A 188 -20.35 24.29 11.32
C GLN A 188 -19.88 23.04 12.02
N PHE A 189 -18.80 22.45 11.52
CA PHE A 189 -18.30 21.23 12.13
C PHE A 189 -16.89 21.36 12.69
N ASN A 190 -16.71 20.83 13.90
CA ASN A 190 -15.42 20.86 14.60
C ASN A 190 -14.98 19.41 14.53
N ASP A 191 -13.87 19.16 13.84
CA ASP A 191 -13.33 17.81 13.68
C ASP A 191 -12.25 17.55 14.70
N THR A 192 -12.09 18.47 15.63
CA THR A 192 -11.02 18.37 16.61
C THR A 192 -10.66 17.04 17.22
N GLY A 193 -11.53 16.42 17.99
CA GLY A 193 -11.12 15.16 18.58
C GLY A 193 -11.13 13.94 17.65
N VAL A 194 -11.61 14.12 16.42
CA VAL A 194 -11.70 13.03 15.46
C VAL A 194 -10.31 12.60 15.04
N PRO A 195 -10.02 11.29 15.14
CA PRO A 195 -8.75 10.64 14.79
C PRO A 195 -8.42 10.78 13.32
N LEU A 196 -7.20 10.48 12.94
CA LEU A 196 -6.83 10.57 11.53
C LEU A 196 -6.47 9.23 10.87
N ILE A 197 -6.70 9.14 9.57
CA ILE A 197 -6.32 7.95 8.79
C ILE A 197 -5.36 8.61 7.80
N GLU A 198 -4.23 7.98 7.53
CA GLU A 198 -3.25 8.59 6.63
C GLU A 198 -2.62 7.66 5.61
N TYR A 199 -3.22 7.63 4.42
CA TYR A 199 -2.73 6.82 3.31
C TYR A 199 -1.67 7.55 2.42
N SER A 200 -0.86 6.78 1.68
CA SER A 200 0.17 7.37 0.83
C SER A 200 -0.29 7.64 -0.60
N PHE A 201 0.30 8.67 -1.21
CA PHE A 201 -0.01 9.03 -2.59
C PHE A 201 1.27 9.11 -3.37
N TYR A 202 1.36 8.38 -4.48
CA TYR A 202 2.60 8.34 -5.25
C TYR A 202 2.73 9.33 -6.37
N SER A 203 1.62 9.63 -7.04
CA SER A 203 1.66 10.62 -8.10
C SER A 203 2.64 10.26 -9.22
N ASP A 204 2.87 11.20 -10.14
CA ASP A 204 3.77 10.99 -11.27
C ASP A 204 5.05 10.36 -10.83
N GLU A 205 5.62 9.54 -11.71
CA GLU A 205 6.84 8.84 -11.36
C GLU A 205 7.99 9.78 -11.11
N SER A 206 7.76 11.07 -11.32
CA SER A 206 8.80 12.07 -11.09
C SER A 206 8.90 12.48 -9.62
N LEU A 207 7.80 12.34 -8.89
CA LEU A 207 7.83 12.70 -7.48
C LEU A 207 8.78 11.71 -6.80
N GLN A 208 9.87 12.21 -6.25
CA GLN A 208 10.85 11.36 -5.60
C GLN A 208 10.35 10.80 -4.26
N TYR A 209 9.62 11.60 -3.49
CA TYR A 209 9.11 11.12 -2.21
C TYR A 209 7.58 11.15 -2.18
N PRO A 210 6.94 9.99 -2.04
CA PRO A 210 5.48 9.92 -1.99
C PRO A 210 4.85 10.81 -0.92
N LYS A 211 3.73 11.43 -1.25
CA LYS A 211 3.03 12.31 -0.31
C LYS A 211 2.26 11.46 0.70
N THR A 212 1.63 12.13 1.66
CA THR A 212 0.80 11.48 2.65
C THR A 212 -0.46 12.32 2.82
N VAL A 213 -1.61 11.70 2.69
CA VAL A 213 -2.88 12.40 2.82
C VAL A 213 -3.48 12.02 4.16
N TRP A 214 -3.87 13.01 4.96
CA TRP A 214 -4.50 12.71 6.25
C TRP A 214 -5.94 13.16 6.23
N ILE A 215 -6.80 12.45 6.94
CA ILE A 215 -8.20 12.83 6.95
C ILE A 215 -8.84 12.53 8.27
N PRO A 216 -9.47 13.53 8.88
CA PRO A 216 -10.12 13.21 10.15
C PRO A 216 -11.32 12.31 9.78
N TYR A 217 -11.16 11.02 10.10
CA TYR A 217 -12.12 9.98 9.80
C TYR A 217 -12.50 9.18 11.06
N PRO A 218 -13.77 9.23 11.47
CA PRO A 218 -14.14 8.48 12.68
C PRO A 218 -14.62 7.06 12.41
N LYS A 219 -13.82 6.07 12.81
CA LYS A 219 -14.20 4.67 12.65
C LYS A 219 -15.21 4.30 13.73
N ALA A 220 -15.84 3.15 13.61
CA ALA A 220 -16.85 2.75 14.58
C ALA A 220 -16.41 2.98 16.04
N GLY A 221 -17.28 3.65 16.79
CA GLY A 221 -16.99 3.93 18.19
C GLY A 221 -16.07 5.10 18.50
N ALA A 222 -15.31 5.55 17.51
CA ALA A 222 -14.38 6.65 17.72
C ALA A 222 -15.11 7.97 17.97
N VAL A 223 -14.36 8.98 18.43
CA VAL A 223 -14.93 10.28 18.71
C VAL A 223 -15.38 10.95 17.42
N ASN A 224 -16.63 11.41 17.37
CA ASN A 224 -17.16 12.06 16.16
C ASN A 224 -17.02 13.56 16.13
N PRO A 225 -17.21 14.16 14.93
CA PRO A 225 -17.11 15.62 14.85
C PRO A 225 -18.32 16.19 15.57
N THR A 226 -18.32 17.50 15.81
CA THR A 226 -19.45 18.12 16.49
C THR A 226 -20.10 19.15 15.58
N VAL A 227 -21.37 19.46 15.84
CA VAL A 227 -22.10 20.41 15.01
C VAL A 227 -22.59 21.66 15.72
N LYS A 228 -23.00 22.63 14.92
CA LYS A 228 -23.57 23.87 15.40
C LYS A 228 -24.33 24.43 14.23
N PHE A 229 -25.49 25.00 14.50
CA PHE A 229 -26.29 25.54 13.41
C PHE A 229 -26.48 27.04 13.54
N PHE A 230 -26.24 27.75 12.45
CA PHE A 230 -26.39 29.19 12.44
C PHE A 230 -27.28 29.67 11.31
N ILE A 231 -27.77 30.90 11.46
CA ILE A 231 -28.60 31.58 10.47
C ILE A 231 -28.16 33.04 10.57
N VAL A 232 -27.52 33.55 9.51
CA VAL A 232 -27.06 34.92 9.50
C VAL A 232 -27.99 35.75 8.61
N ASN A 233 -28.29 36.97 9.04
CA ASN A 233 -29.16 37.86 8.28
C ASN A 233 -28.42 38.56 7.13
N THR A 234 -28.72 38.14 5.92
CA THR A 234 -28.11 38.68 4.70
C THR A 234 -28.30 40.18 4.43
N ASP A 235 -29.46 40.69 4.80
CA ASP A 235 -29.79 42.09 4.56
C ASP A 235 -28.95 43.16 5.26
N SER A 236 -28.38 42.85 6.41
CA SER A 236 -27.60 43.87 7.11
C SER A 236 -26.21 44.12 6.54
N LEU A 237 -25.62 43.10 5.95
CA LEU A 237 -24.26 43.18 5.40
C LEU A 237 -23.74 44.54 4.94
N SER A 238 -24.51 45.24 4.12
CA SER A 238 -24.10 46.54 3.59
C SER A 238 -23.85 47.63 4.62
N SER A 239 -24.42 47.45 5.81
CA SER A 239 -24.30 48.42 6.88
C SER A 239 -23.45 48.01 8.08
N THR A 240 -22.55 47.06 7.87
CA THR A 240 -21.67 46.58 8.93
C THR A 240 -20.39 46.07 8.35
N THR A 241 -19.37 45.93 9.19
CA THR A 241 -18.12 45.37 8.73
C THR A 241 -18.34 43.88 8.97
N THR A 242 -19.15 43.59 9.99
CA THR A 242 -19.45 42.20 10.37
C THR A 242 -20.88 42.01 10.84
N THR A 243 -21.42 40.83 10.60
CA THR A 243 -22.77 40.53 11.07
C THR A 243 -22.62 39.43 12.08
N ILE A 244 -23.56 39.36 13.02
CA ILE A 244 -23.48 38.32 14.04
C ILE A 244 -24.55 37.29 13.82
N PRO A 245 -24.16 36.13 13.28
CA PRO A 245 -25.09 35.04 13.01
C PRO A 245 -25.73 34.56 14.29
N MET A 246 -26.99 34.15 14.21
CA MET A 246 -27.70 33.64 15.36
C MET A 246 -27.61 32.12 15.31
N GLN A 247 -27.43 31.49 16.47
CA GLN A 247 -27.30 30.06 16.53
C GLN A 247 -28.57 29.36 17.05
N ILE A 248 -28.86 28.21 16.46
CA ILE A 248 -29.99 27.41 16.90
C ILE A 248 -29.32 26.23 17.60
N THR A 249 -29.88 25.82 18.72
CA THR A 249 -29.25 24.74 19.44
C THR A 249 -30.14 23.52 19.43
N ALA A 250 -29.59 22.40 18.98
CA ALA A 250 -30.36 21.17 18.89
C ALA A 250 -31.25 20.95 20.11
N PRO A 251 -32.37 20.25 19.92
CA PRO A 251 -33.30 19.97 21.01
C PRO A 251 -32.68 19.16 22.14
N ALA A 252 -33.07 19.49 23.37
CA ALA A 252 -32.59 18.84 24.59
C ALA A 252 -32.47 17.31 24.55
N SER A 253 -33.52 16.66 24.07
CA SER A 253 -33.52 15.22 24.01
C SER A 253 -32.44 14.65 23.09
N VAL A 254 -31.50 15.49 22.67
CA VAL A 254 -30.44 15.07 21.75
C VAL A 254 -29.04 15.52 22.22
N THR A 255 -29.01 16.61 22.99
CA THR A 255 -27.80 17.23 23.50
C THR A 255 -27.04 16.51 24.63
N THR A 256 -27.65 15.49 25.21
CA THR A 256 -27.03 14.77 26.32
C THR A 256 -25.73 14.08 25.97
N GLY A 257 -25.66 13.55 24.76
CA GLY A 257 -24.46 12.86 24.30
C GLY A 257 -24.26 13.05 22.80
N ASP A 258 -23.33 12.30 22.22
CA ASP A 258 -23.04 12.37 20.79
C ASP A 258 -24.34 12.38 19.96
N HIS A 259 -24.36 13.17 18.88
CA HIS A 259 -25.56 13.25 18.03
C HIS A 259 -25.21 13.89 16.69
N TYR A 260 -26.13 13.84 15.72
CA TYR A 260 -25.87 14.45 14.42
C TYR A 260 -27.03 15.30 13.92
N LEU A 261 -26.72 16.15 12.94
CA LEU A 261 -27.71 17.01 12.30
C LEU A 261 -28.15 16.20 11.06
N CYS A 262 -29.42 15.79 11.02
CA CYS A 262 -29.99 14.97 9.95
C CYS A 262 -30.32 15.64 8.65
N ASP A 263 -31.10 16.72 8.72
CA ASP A 263 -31.53 17.41 7.53
C ASP A 263 -32.08 18.81 7.83
N VAL A 264 -31.91 19.69 6.86
CA VAL A 264 -32.38 21.08 6.95
C VAL A 264 -33.41 21.32 5.85
N ALA A 265 -34.45 22.08 6.17
CA ALA A 265 -35.50 22.37 5.21
C ALA A 265 -36.22 23.66 5.57
N TRP A 266 -36.11 24.68 4.72
CA TRP A 266 -36.79 25.96 4.97
C TRP A 266 -38.32 25.87 4.72
N VAL A 267 -39.14 26.14 5.73
CA VAL A 267 -40.60 26.07 5.56
C VAL A 267 -41.10 27.31 4.85
N SER A 268 -40.90 28.47 5.46
CA SER A 268 -41.30 29.73 4.86
C SER A 268 -40.09 30.56 5.15
N GLU A 269 -40.24 31.88 5.18
CA GLU A 269 -39.05 32.68 5.47
C GLU A 269 -38.87 33.13 6.91
N ASP A 270 -39.73 32.66 7.79
CA ASP A 270 -39.63 32.98 9.21
C ASP A 270 -39.74 31.66 9.94
N ARG A 271 -39.65 30.58 9.18
CA ARG A 271 -39.75 29.24 9.74
C ARG A 271 -38.84 28.28 9.01
N ILE A 272 -38.08 27.53 9.78
CA ILE A 272 -37.14 26.57 9.24
C ILE A 272 -37.31 25.24 9.97
N SER A 273 -36.99 24.14 9.27
CA SER A 273 -37.13 22.80 9.81
C SER A 273 -35.80 22.07 9.89
N LEU A 274 -35.42 21.69 11.10
CA LEU A 274 -34.18 20.95 11.33
C LEU A 274 -34.48 19.55 11.89
N GLN A 275 -33.74 18.54 11.42
CA GLN A 275 -33.91 17.17 11.91
C GLN A 275 -32.62 16.75 12.58
N TRP A 276 -32.73 16.27 13.80
CA TRP A 276 -31.55 15.83 14.54
C TRP A 276 -31.61 14.36 14.84
N LEU A 277 -30.45 13.75 15.02
CA LEU A 277 -30.38 12.32 15.28
C LEU A 277 -29.38 11.99 16.38
N ARG A 278 -29.72 11.04 17.25
CA ARG A 278 -28.81 10.62 18.31
C ARG A 278 -27.72 9.75 17.68
N ARG A 279 -26.56 9.63 18.34
CA ARG A 279 -25.47 8.83 17.77
C ARG A 279 -25.96 7.41 17.48
N ILE A 280 -26.84 6.94 18.34
CA ILE A 280 -27.47 5.64 18.20
C ILE A 280 -28.79 6.01 17.51
N GLN A 281 -28.83 5.86 16.18
CA GLN A 281 -29.98 6.22 15.35
C GLN A 281 -31.35 5.56 15.60
N ASN A 282 -31.54 5.23 16.89
CA ASN A 282 -32.71 4.61 17.53
C ASN A 282 -33.77 5.75 17.56
N TYR A 283 -33.29 6.95 17.89
CA TYR A 283 -34.09 8.18 18.09
C TYR A 283 -33.81 9.34 17.13
N SER A 284 -34.86 10.10 16.81
CA SER A 284 -34.75 11.26 15.94
C SER A 284 -35.77 12.35 16.31
N VAL A 285 -35.38 13.62 16.19
CA VAL A 285 -36.28 14.72 16.48
C VAL A 285 -36.22 15.75 15.38
N MET A 286 -37.39 16.25 14.97
CA MET A 286 -37.47 17.25 13.93
C MET A 286 -38.11 18.49 14.50
N ALA A 287 -37.30 19.46 14.89
CA ALA A 287 -37.85 20.68 15.43
C ALA A 287 -38.18 21.71 14.33
N ILE A 288 -39.19 22.50 14.60
CA ILE A 288 -39.62 23.55 13.69
C ILE A 288 -39.32 24.83 14.43
N CYS A 289 -38.60 25.75 13.79
CA CYS A 289 -38.23 27.00 14.45
C CYS A 289 -38.78 28.24 13.76
N ASP A 290 -39.19 29.20 14.59
CA ASP A 290 -39.74 30.45 14.11
C ASP A 290 -38.85 31.64 14.43
N TYR A 291 -38.83 32.59 13.50
CA TYR A 291 -38.03 33.78 13.67
C TYR A 291 -38.79 34.85 14.44
N ASP A 292 -38.25 35.25 15.59
CA ASP A 292 -38.87 36.29 16.42
C ASP A 292 -38.44 37.67 15.90
N LYS A 293 -39.40 38.45 15.42
CA LYS A 293 -39.07 39.78 14.88
C LYS A 293 -38.57 40.71 15.97
N THR A 294 -39.20 40.63 17.13
CA THR A 294 -38.85 41.48 18.28
C THR A 294 -37.43 41.30 18.79
N THR A 295 -37.18 40.15 19.42
CA THR A 295 -35.88 39.85 19.99
C THR A 295 -34.84 39.36 18.98
N LEU A 296 -35.21 39.32 17.70
CA LEU A 296 -34.32 38.88 16.63
C LEU A 296 -33.59 37.58 17.00
N VAL A 297 -34.39 36.53 17.19
CA VAL A 297 -33.88 35.22 17.58
C VAL A 297 -34.78 34.12 17.03
N TRP A 298 -34.24 32.92 16.86
CA TRP A 298 -35.07 31.83 16.39
C TRP A 298 -35.51 30.99 17.58
N ASN A 299 -36.76 30.55 17.59
CA ASN A 299 -37.25 29.72 18.69
C ASN A 299 -37.68 28.37 18.17
N CYS A 300 -37.34 27.32 18.89
CA CYS A 300 -37.72 25.98 18.48
C CYS A 300 -38.45 25.31 19.64
N PRO A 301 -39.60 25.88 20.04
CA PRO A 301 -40.47 25.42 21.13
C PRO A 301 -40.71 23.92 21.07
N THR A 302 -40.57 23.25 22.21
CA THR A 302 -40.77 21.82 22.26
C THR A 302 -42.16 21.41 21.77
N THR A 303 -43.09 22.37 21.70
CA THR A 303 -44.43 22.06 21.25
C THR A 303 -44.46 21.69 19.77
N GLN A 304 -43.41 22.11 19.04
CA GLN A 304 -43.30 21.82 17.63
C GLN A 304 -42.14 20.86 17.44
N GLU A 305 -41.98 19.98 18.41
CA GLU A 305 -40.87 19.04 18.40
C GLU A 305 -40.95 17.89 17.40
N HIS A 306 -41.93 17.00 17.53
CA HIS A 306 -42.05 15.85 16.61
C HIS A 306 -40.92 14.80 16.76
N ILE A 307 -41.28 13.62 17.25
CA ILE A 307 -40.31 12.54 17.46
C ILE A 307 -40.48 11.30 16.57
N GLU A 308 -39.40 10.88 15.92
CA GLU A 308 -39.45 9.67 15.10
C GLU A 308 -38.66 8.59 15.85
N THR A 309 -39.18 7.37 15.86
CA THR A 309 -38.52 6.29 16.59
C THR A 309 -38.67 4.90 15.99
N SER A 310 -37.69 4.04 16.26
CA SER A 310 -37.72 2.68 15.73
C SER A 310 -37.36 1.62 16.77
N ALA A 311 -38.29 0.72 17.06
CA ALA A 311 -38.03 -0.32 18.04
C ALA A 311 -37.46 -1.58 17.38
N THR A 312 -37.31 -1.56 16.06
CA THR A 312 -36.79 -2.69 15.29
C THR A 312 -35.37 -2.45 14.82
N GLY A 313 -35.05 -1.19 14.53
CA GLY A 313 -33.73 -0.87 14.04
C GLY A 313 -33.39 0.60 14.06
N TRP A 314 -33.18 1.19 12.90
CA TRP A 314 -32.83 2.60 12.83
C TRP A 314 -33.92 3.43 12.18
N CYS A 315 -33.79 4.75 12.27
CA CYS A 315 -34.77 5.65 11.67
C CYS A 315 -34.53 5.95 10.22
N GLY A 316 -35.54 5.71 9.40
CA GLY A 316 -35.44 5.96 7.97
C GLY A 316 -34.72 4.86 7.23
N ARG A 317 -34.55 5.09 5.93
CA ARG A 317 -33.86 4.13 5.08
C ARG A 317 -32.37 4.29 5.37
N PHE A 318 -31.86 5.51 5.24
CA PHE A 318 -30.47 5.80 5.53
C PHE A 318 -30.42 7.00 6.47
N ARG A 319 -31.61 7.51 6.77
CA ARG A 319 -31.83 8.65 7.67
C ARG A 319 -33.27 9.10 7.54
N PRO A 320 -33.77 9.86 8.53
CA PRO A 320 -35.15 10.31 8.46
C PRO A 320 -35.46 10.93 7.11
N ALA A 321 -36.66 10.70 6.60
CA ALA A 321 -37.05 11.25 5.31
C ALA A 321 -37.25 12.76 5.46
N GLU A 322 -37.25 13.48 4.35
CA GLU A 322 -37.44 14.92 4.41
C GLU A 322 -38.91 15.39 4.49
N PRO A 323 -39.16 16.48 5.23
CA PRO A 323 -40.55 16.96 5.32
C PRO A 323 -40.92 17.83 4.13
N HIS A 324 -42.21 17.85 3.79
CA HIS A 324 -42.71 18.67 2.69
C HIS A 324 -43.88 19.47 3.22
N PHE A 325 -43.59 20.73 3.58
CA PHE A 325 -44.59 21.64 4.14
C PHE A 325 -45.52 22.24 3.12
N THR A 326 -46.69 22.67 3.61
CA THR A 326 -47.71 23.30 2.78
C THR A 326 -47.30 24.76 2.61
N SER A 327 -47.99 25.50 1.75
CA SER A 327 -47.68 26.92 1.55
C SER A 327 -47.63 27.68 2.85
N ASP A 328 -48.75 27.68 3.58
CA ASP A 328 -48.85 28.38 4.86
C ASP A 328 -48.06 27.69 5.95
N GLY A 329 -47.30 26.66 5.58
CA GLY A 329 -46.48 25.92 6.53
C GLY A 329 -47.20 25.45 7.79
N SER A 330 -48.50 25.25 7.70
CA SER A 330 -49.32 24.80 8.83
C SER A 330 -49.19 23.30 9.06
N SER A 331 -48.97 22.57 7.96
CA SER A 331 -48.84 21.12 8.02
C SER A 331 -47.75 20.67 7.06
N PHE A 332 -47.37 19.40 7.17
CA PHE A 332 -46.35 18.85 6.30
C PHE A 332 -46.51 17.35 6.15
N TYR A 333 -46.09 16.81 5.01
CA TYR A 333 -46.19 15.38 4.75
C TYR A 333 -44.77 14.83 4.79
N LYS A 334 -44.63 13.61 5.30
CA LYS A 334 -43.32 12.98 5.42
C LYS A 334 -43.46 11.47 5.38
N ILE A 335 -42.50 10.80 4.75
CA ILE A 335 -42.51 9.35 4.64
C ILE A 335 -42.01 8.68 5.92
N VAL A 336 -42.86 7.87 6.54
CA VAL A 336 -42.47 7.16 7.76
C VAL A 336 -43.13 5.78 7.80
N SER A 337 -42.49 4.84 8.49
CA SER A 337 -43.04 3.50 8.60
C SER A 337 -44.38 3.54 9.33
N ASP A 338 -45.35 2.79 8.84
CA ASP A 338 -46.66 2.73 9.49
C ASP A 338 -46.68 1.60 10.51
N LYS A 339 -47.84 1.39 11.13
CA LYS A 339 -47.97 0.36 12.14
C LYS A 339 -47.41 -1.00 11.69
N ASP A 340 -47.39 -1.23 10.37
CA ASP A 340 -46.88 -2.50 9.83
C ASP A 340 -45.45 -2.50 9.35
N GLY A 341 -44.79 -1.35 9.43
CA GLY A 341 -43.40 -1.27 9.00
C GLY A 341 -43.24 -0.94 7.53
N TYR A 342 -44.25 -0.30 6.96
CA TYR A 342 -44.17 0.07 5.55
C TYR A 342 -44.05 1.57 5.42
N LYS A 343 -42.93 1.99 4.84
CA LYS A 343 -42.66 3.40 4.63
C LYS A 343 -43.77 4.03 3.76
N HIS A 344 -44.62 4.84 4.41
CA HIS A 344 -45.73 5.51 3.73
C HIS A 344 -45.81 7.00 4.07
N ILE A 345 -46.67 7.70 3.34
CA ILE A 345 -46.86 9.13 3.52
C ILE A 345 -47.94 9.49 4.55
N CYS A 346 -47.62 10.36 5.50
CA CYS A 346 -48.65 10.83 6.43
C CYS A 346 -48.50 12.29 6.82
N GLN A 347 -49.64 12.90 7.18
CA GLN A 347 -49.71 14.30 7.56
C GLN A 347 -49.37 14.58 8.98
N PHE A 348 -48.81 15.76 9.17
CA PHE A 348 -48.39 16.25 10.47
C PHE A 348 -48.89 17.67 10.56
N GLN A 349 -49.02 18.14 11.79
CA GLN A 349 -49.43 19.51 12.08
C GLN A 349 -48.17 20.11 12.69
N LYS A 350 -47.89 21.38 12.42
CA LYS A 350 -46.69 21.98 12.98
C LYS A 350 -46.54 21.58 14.47
N ASP A 351 -47.62 21.72 15.25
CA ASP A 351 -47.57 21.35 16.66
C ASP A 351 -47.79 19.84 16.83
N ARG A 352 -46.90 19.19 17.58
CA ARG A 352 -47.02 17.75 17.80
C ARG A 352 -48.27 17.45 18.61
N LYS A 353 -48.81 16.25 18.41
CA LYS A 353 -50.00 15.80 19.11
C LYS A 353 -49.68 14.47 19.79
N PRO A 354 -50.04 14.34 21.08
CA PRO A 354 -49.79 13.12 21.87
C PRO A 354 -50.10 11.75 21.23
N GLU A 355 -49.07 11.16 20.61
CA GLU A 355 -49.18 9.85 19.96
C GLU A 355 -50.26 9.79 18.89
N GLN A 356 -50.31 10.83 18.06
CA GLN A 356 -51.28 10.94 16.98
C GLN A 356 -50.72 11.95 15.98
N VAL A 357 -49.42 12.24 16.10
CA VAL A 357 -48.78 13.23 15.23
C VAL A 357 -48.99 12.92 13.75
N CYS A 358 -49.27 11.66 13.43
CA CYS A 358 -49.47 11.29 12.04
C CYS A 358 -50.85 10.79 11.65
N THR A 359 -51.13 10.96 10.37
CA THR A 359 -52.38 10.50 9.76
C THR A 359 -51.90 9.99 8.43
N PHE A 360 -51.85 8.67 8.26
CA PHE A 360 -51.38 8.13 7.00
C PHE A 360 -52.31 8.39 5.84
N ILE A 361 -51.71 8.71 4.70
CA ILE A 361 -52.41 9.00 3.46
C ILE A 361 -52.17 7.83 2.50
N THR A 362 -51.41 6.85 2.99
CA THR A 362 -51.06 5.69 2.20
C THR A 362 -51.00 4.41 3.06
N LYS A 363 -51.52 3.32 2.50
CA LYS A 363 -51.55 2.02 3.17
C LYS A 363 -51.20 0.96 2.14
N GLY A 364 -50.78 -0.21 2.61
CA GLY A 364 -50.44 -1.31 1.71
C GLY A 364 -49.09 -1.96 1.93
N ALA A 365 -48.92 -3.14 1.35
CA ALA A 365 -47.66 -3.87 1.47
C ALA A 365 -46.76 -3.48 0.32
N TRP A 366 -46.42 -2.21 0.29
CA TRP A 366 -45.55 -1.62 -0.72
C TRP A 366 -45.11 -0.34 -0.02
N GLU A 367 -44.17 0.38 -0.60
CA GLU A 367 -43.68 1.59 0.03
C GLU A 367 -43.59 2.79 -0.89
N VAL A 368 -43.63 3.97 -0.31
CA VAL A 368 -43.51 5.21 -1.08
C VAL A 368 -42.02 5.47 -1.13
N ILE A 369 -41.49 5.53 -2.35
CA ILE A 369 -40.08 5.76 -2.54
C ILE A 369 -39.73 7.18 -2.16
N SER A 370 -40.52 8.13 -2.65
CA SER A 370 -40.23 9.53 -2.39
C SER A 370 -41.34 10.49 -2.79
N ILE A 371 -41.41 11.61 -2.10
CA ILE A 371 -42.40 12.64 -2.42
C ILE A 371 -41.78 13.54 -3.48
N GLU A 372 -42.47 13.78 -4.58
CA GLU A 372 -41.90 14.59 -5.66
C GLU A 372 -42.36 16.04 -5.77
N ALA A 373 -43.54 16.35 -5.25
CA ALA A 373 -44.05 17.72 -5.35
C ALA A 373 -45.32 17.84 -4.54
N LEU A 374 -45.57 19.03 -4.00
CA LEU A 374 -46.76 19.26 -3.21
C LEU A 374 -47.47 20.52 -3.64
N THR A 375 -48.56 20.35 -4.39
CA THR A 375 -49.38 21.44 -4.88
C THR A 375 -50.34 21.84 -3.76
N SER A 376 -51.11 22.88 -4.01
CA SER A 376 -52.10 23.35 -3.07
C SER A 376 -53.24 22.34 -2.98
N ASP A 377 -53.32 21.45 -3.96
CA ASP A 377 -54.37 20.45 -3.98
C ASP A 377 -53.89 19.04 -4.26
N TYR A 378 -52.67 18.94 -4.81
CA TYR A 378 -52.09 17.63 -5.15
C TYR A 378 -50.74 17.29 -4.52
N LEU A 379 -50.51 16.00 -4.30
CA LEU A 379 -49.25 15.52 -3.75
C LEU A 379 -48.76 14.43 -4.70
N TYR A 380 -47.75 14.75 -5.50
CA TYR A 380 -47.16 13.79 -6.45
C TYR A 380 -46.03 13.03 -5.77
N TYR A 381 -46.07 11.71 -5.87
CA TYR A 381 -45.04 10.88 -5.26
C TYR A 381 -44.62 9.72 -6.17
N ILE A 382 -43.76 8.84 -5.67
CA ILE A 382 -43.31 7.69 -6.44
C ILE A 382 -43.30 6.43 -5.57
N SER A 383 -43.93 5.35 -6.05
CA SER A 383 -43.96 4.12 -5.27
C SER A 383 -43.70 2.89 -6.12
N ASN A 384 -43.53 1.76 -5.44
CA ASN A 384 -43.26 0.50 -6.10
C ASN A 384 -44.49 -0.38 -5.91
N GLU A 385 -45.63 0.28 -5.78
CA GLU A 385 -46.93 -0.37 -5.57
C GLU A 385 -47.44 -1.21 -6.74
N TYR A 386 -47.51 -0.61 -7.92
CA TYR A 386 -48.00 -1.28 -9.12
C TYR A 386 -47.46 -2.69 -9.33
N LYS A 387 -48.37 -3.58 -9.73
CA LYS A 387 -48.07 -5.00 -10.01
C LYS A 387 -47.26 -5.68 -8.89
N GLU A 388 -47.45 -5.22 -7.66
CA GLU A 388 -46.73 -5.78 -6.52
C GLU A 388 -45.24 -5.99 -6.79
N MET A 389 -44.65 -5.14 -7.61
CA MET A 389 -43.23 -5.22 -7.94
C MET A 389 -42.43 -4.20 -7.14
N PRO A 390 -41.76 -4.64 -6.06
CA PRO A 390 -40.96 -3.73 -5.23
C PRO A 390 -39.75 -3.23 -6.01
N GLY A 391 -39.47 -3.90 -7.13
CA GLY A 391 -38.35 -3.50 -7.96
C GLY A 391 -38.73 -2.54 -9.07
N GLY A 392 -40.01 -2.14 -9.11
CA GLY A 392 -40.48 -1.21 -10.13
C GLY A 392 -40.71 0.19 -9.57
N ARG A 393 -40.72 1.20 -10.46
CA ARG A 393 -40.91 2.59 -10.02
C ARG A 393 -41.97 3.34 -10.81
N ASN A 394 -43.05 3.75 -10.15
CA ASN A 394 -44.11 4.50 -10.83
C ASN A 394 -44.51 5.81 -10.16
N LEU A 395 -44.93 6.77 -10.98
CA LEU A 395 -45.35 8.10 -10.50
C LEU A 395 -46.84 8.20 -10.21
N TYR A 396 -47.17 8.39 -8.94
CA TYR A 396 -48.56 8.51 -8.53
C TYR A 396 -48.91 9.94 -8.15
N LYS A 397 -50.16 10.16 -7.77
CA LYS A 397 -50.64 11.49 -7.35
C LYS A 397 -51.95 11.40 -6.58
N ILE A 398 -52.02 12.13 -5.48
CA ILE A 398 -53.22 12.14 -4.64
C ILE A 398 -53.74 13.56 -4.48
N GLN A 399 -55.07 13.68 -4.51
CA GLN A 399 -55.73 14.96 -4.32
C GLN A 399 -55.79 15.12 -2.81
N LEU A 400 -55.29 16.24 -2.32
CA LEU A 400 -55.22 16.47 -0.88
C LEU A 400 -56.58 16.48 -0.23
N THR A 401 -57.49 17.22 -0.86
CA THR A 401 -58.87 17.37 -0.37
C THR A 401 -59.71 16.07 -0.37
N ASP A 402 -59.23 15.06 -1.09
CA ASP A 402 -59.89 13.76 -1.22
C ASP A 402 -58.81 12.69 -1.40
N HIS A 403 -58.42 12.02 -0.33
CA HIS A 403 -57.38 10.99 -0.44
C HIS A 403 -57.81 9.78 -1.29
N THR A 404 -59.03 9.82 -1.78
CA THR A 404 -59.53 8.73 -2.62
C THR A 404 -59.07 8.97 -4.03
N ASN A 405 -59.04 10.24 -4.43
CA ASN A 405 -58.62 10.60 -5.76
C ASN A 405 -57.12 10.34 -6.02
N LYS A 406 -56.73 9.06 -5.95
CA LYS A 406 -55.36 8.58 -6.15
C LYS A 406 -55.24 7.96 -7.53
N LYS A 407 -54.34 8.48 -8.35
CA LYS A 407 -54.18 7.96 -9.71
C LYS A 407 -52.72 7.80 -10.14
N CYS A 408 -52.42 6.66 -10.78
CA CYS A 408 -51.07 6.40 -11.28
C CYS A 408 -50.99 7.06 -12.66
N LEU A 409 -49.91 7.78 -12.93
CA LEU A 409 -49.77 8.48 -14.20
C LEU A 409 -48.79 7.84 -15.18
N SER A 410 -48.11 6.77 -14.78
CA SER A 410 -47.12 6.14 -15.65
C SER A 410 -47.38 4.65 -15.87
N CYS A 411 -48.28 4.08 -15.07
CA CYS A 411 -48.62 2.66 -15.15
C CYS A 411 -49.10 2.16 -16.52
N ASP A 412 -49.80 3.00 -17.27
CA ASP A 412 -50.30 2.61 -18.60
C ASP A 412 -49.23 2.80 -19.64
N LEU A 413 -49.00 4.06 -19.97
CA LEU A 413 -48.00 4.50 -20.95
C LEU A 413 -47.30 3.42 -21.78
N ASN A 414 -46.44 2.62 -21.15
CA ASN A 414 -45.72 1.55 -21.85
C ASN A 414 -45.44 0.41 -20.88
N PRO A 415 -46.47 -0.34 -20.49
CA PRO A 415 -46.29 -1.45 -19.56
C PRO A 415 -45.19 -2.43 -19.96
N GLU A 416 -44.99 -2.54 -21.26
CA GLU A 416 -43.99 -3.43 -21.83
C GLU A 416 -42.57 -2.87 -21.67
N ARG A 417 -42.38 -1.64 -22.16
CA ARG A 417 -41.08 -0.99 -22.14
C ARG A 417 -40.70 -0.33 -20.82
N CYS A 418 -41.66 0.29 -20.16
CA CYS A 418 -41.38 1.03 -18.93
C CYS A 418 -42.06 0.59 -17.65
N GLN A 419 -41.24 0.29 -16.64
CA GLN A 419 -41.72 -0.11 -15.32
C GLN A 419 -40.90 0.58 -14.22
N TYR A 420 -39.91 1.37 -14.65
CA TYR A 420 -39.04 2.11 -13.74
C TYR A 420 -38.98 3.56 -14.18
N TYR A 421 -39.81 4.40 -13.57
CA TYR A 421 -39.83 5.80 -13.94
C TYR A 421 -39.10 6.73 -12.98
N SER A 422 -38.60 7.81 -13.56
CA SER A 422 -37.92 8.86 -12.82
C SER A 422 -38.79 10.06 -13.21
N VAL A 423 -38.97 11.03 -12.32
CA VAL A 423 -39.82 12.16 -12.69
C VAL A 423 -39.10 13.50 -12.58
N SER A 424 -39.84 14.58 -12.84
CA SER A 424 -39.29 15.92 -12.79
C SER A 424 -40.38 16.91 -13.16
N LEU A 425 -41.04 17.49 -12.16
CA LEU A 425 -42.11 18.43 -12.42
C LEU A 425 -41.62 19.88 -12.48
N SER A 426 -42.36 20.70 -13.23
CA SER A 426 -42.00 22.11 -13.37
C SER A 426 -42.22 22.82 -12.03
N LYS A 427 -41.65 24.01 -11.90
CA LYS A 427 -41.73 24.81 -10.68
C LYS A 427 -43.03 24.68 -9.93
N GLU A 428 -44.15 24.64 -10.63
CA GLU A 428 -45.42 24.50 -9.96
C GLU A 428 -46.28 23.36 -10.50
N ALA A 429 -45.61 22.28 -10.86
CA ALA A 429 -46.26 21.07 -11.34
C ALA A 429 -47.24 21.29 -12.48
N LYS A 430 -46.97 22.25 -13.36
CA LYS A 430 -47.89 22.48 -14.49
C LYS A 430 -47.61 21.43 -15.57
N TYR A 431 -46.34 21.06 -15.69
CA TYR A 431 -45.90 20.04 -16.64
C TYR A 431 -45.02 19.09 -15.86
N TYR A 432 -44.77 17.92 -16.42
CA TYR A 432 -43.91 16.98 -15.75
C TYR A 432 -43.24 16.10 -16.77
N GLN A 433 -41.93 15.96 -16.65
CA GLN A 433 -41.19 15.12 -17.59
C GLN A 433 -41.01 13.72 -16.99
N LEU A 434 -41.16 12.71 -17.83
CA LEU A 434 -41.01 11.33 -17.37
C LEU A 434 -39.76 10.66 -17.93
N GLY A 435 -39.08 9.92 -17.07
CA GLY A 435 -37.88 9.23 -17.46
C GLY A 435 -38.11 7.75 -17.33
N CYS A 436 -38.24 7.09 -18.48
CA CYS A 436 -38.45 5.66 -18.51
C CYS A 436 -37.05 5.01 -18.46
N ARG A 437 -36.76 4.36 -17.34
CA ARG A 437 -35.49 3.66 -17.14
C ARG A 437 -35.88 2.19 -17.28
N GLY A 438 -37.21 2.01 -17.36
CA GLY A 438 -37.89 0.73 -17.48
C GLY A 438 -37.19 -0.33 -18.27
N PRO A 439 -37.66 -1.58 -18.16
CA PRO A 439 -37.11 -2.75 -18.86
C PRO A 439 -36.47 -2.46 -20.22
N GLY A 440 -37.23 -1.87 -21.14
CA GLY A 440 -36.72 -1.56 -22.47
C GLY A 440 -35.77 -0.38 -22.52
N LEU A 441 -35.42 0.06 -23.72
CA LEU A 441 -34.51 1.21 -23.83
C LEU A 441 -35.18 2.44 -23.21
N PRO A 442 -34.39 3.23 -22.44
CA PRO A 442 -34.91 4.44 -21.78
C PRO A 442 -35.69 5.40 -22.69
N LEU A 443 -36.85 5.82 -22.20
CA LEU A 443 -37.76 6.71 -22.92
C LEU A 443 -38.16 7.96 -22.14
N TYR A 444 -37.85 9.12 -22.69
CA TYR A 444 -38.19 10.39 -22.04
C TYR A 444 -39.29 11.14 -22.76
N THR A 445 -40.31 11.51 -22.00
CA THR A 445 -41.44 12.22 -22.55
C THR A 445 -41.90 13.29 -21.58
N LEU A 446 -42.48 14.38 -22.08
CA LEU A 446 -42.99 15.40 -21.17
C LEU A 446 -44.50 15.51 -21.38
N HIS A 447 -45.24 15.74 -20.30
CA HIS A 447 -46.68 15.80 -20.36
C HIS A 447 -47.19 17.10 -19.74
N ARG A 448 -48.50 17.33 -19.83
CA ARG A 448 -49.13 18.50 -19.21
C ARG A 448 -49.89 17.92 -18.01
N SER A 449 -49.53 18.36 -16.81
CA SER A 449 -50.14 17.87 -15.58
C SER A 449 -51.65 17.76 -15.54
N THR A 450 -52.33 18.75 -16.11
CA THR A 450 -53.80 18.78 -16.13
C THR A 450 -54.47 17.48 -16.49
N ASP A 451 -54.22 17.04 -17.72
CA ASP A 451 -54.83 15.82 -18.25
C ASP A 451 -53.82 14.72 -18.61
N GLN A 452 -52.53 15.00 -18.39
CA GLN A 452 -51.48 14.03 -18.69
C GLN A 452 -51.19 13.90 -20.20
N LYS A 453 -51.77 14.79 -21.00
CA LYS A 453 -51.57 14.75 -22.45
C LYS A 453 -50.09 14.74 -22.75
N GLU A 454 -49.56 13.61 -23.22
CA GLU A 454 -48.15 13.53 -23.56
C GLU A 454 -47.90 14.52 -24.70
N LEU A 455 -47.43 15.72 -24.35
CA LEU A 455 -47.16 16.76 -25.34
C LEU A 455 -46.25 16.24 -26.44
N ARG A 456 -45.17 15.59 -26.05
CA ARG A 456 -44.26 15.02 -27.05
C ARG A 456 -43.24 14.08 -26.45
N VAL A 457 -42.47 13.47 -27.34
CA VAL A 457 -41.43 12.55 -26.93
C VAL A 457 -40.08 13.24 -27.03
N LEU A 458 -39.47 13.48 -25.87
CA LEU A 458 -38.18 14.16 -25.76
C LEU A 458 -37.00 13.30 -26.16
N GLU A 459 -37.10 12.00 -25.94
CA GLU A 459 -36.02 11.10 -26.30
C GLU A 459 -36.40 9.64 -26.16
N ASP A 460 -36.34 8.93 -27.28
CA ASP A 460 -36.61 7.49 -27.36
C ASP A 460 -35.28 7.04 -27.95
N ASN A 461 -34.65 6.02 -27.41
CA ASN A 461 -33.36 5.67 -27.98
C ASN A 461 -33.39 4.92 -29.30
N SER A 462 -34.05 5.54 -30.27
CA SER A 462 -34.18 5.00 -31.61
C SER A 462 -32.79 4.74 -32.17
N ALA A 463 -31.89 5.69 -31.97
CA ALA A 463 -30.51 5.59 -32.44
C ALA A 463 -29.83 4.35 -31.85
N LEU A 464 -29.80 4.29 -30.51
CA LEU A 464 -29.21 3.16 -29.83
C LEU A 464 -29.93 1.89 -30.26
N ASP A 465 -31.22 2.01 -30.57
CA ASP A 465 -32.02 0.87 -30.99
C ASP A 465 -31.57 0.30 -32.32
N LYS A 466 -31.41 1.17 -33.31
CA LYS A 466 -30.97 0.76 -34.64
C LYS A 466 -29.64 0.03 -34.50
N MET A 467 -28.79 0.57 -33.64
CA MET A 467 -27.46 0.01 -33.37
C MET A 467 -27.49 -1.42 -32.79
N LEU A 468 -28.31 -1.61 -31.76
CA LEU A 468 -28.42 -2.90 -31.08
C LEU A 468 -29.10 -3.99 -31.88
N GLN A 469 -29.54 -3.63 -33.08
CA GLN A 469 -30.19 -4.59 -33.97
C GLN A 469 -29.20 -5.66 -34.42
N ASP A 470 -28.00 -5.21 -34.78
CA ASP A 470 -26.96 -6.11 -35.25
C ASP A 470 -26.15 -6.75 -34.15
N VAL A 471 -26.69 -6.77 -32.93
CA VAL A 471 -25.95 -7.37 -31.82
C VAL A 471 -26.83 -8.33 -31.06
N GLN A 472 -26.27 -9.47 -30.66
CA GLN A 472 -27.01 -10.47 -29.90
C GLN A 472 -27.08 -10.11 -28.43
N MET A 473 -28.02 -9.25 -28.07
CA MET A 473 -28.20 -8.79 -26.70
C MET A 473 -28.77 -9.84 -25.75
N PRO A 474 -28.39 -9.78 -24.48
CA PRO A 474 -28.93 -10.75 -23.53
C PRO A 474 -30.26 -10.24 -23.03
N SER A 475 -31.01 -11.11 -22.36
CA SER A 475 -32.32 -10.75 -21.80
C SER A 475 -32.18 -10.54 -20.29
N LYS A 476 -33.29 -10.21 -19.64
CA LYS A 476 -33.26 -10.00 -18.19
C LYS A 476 -34.56 -10.41 -17.51
N LYS A 477 -34.52 -11.51 -16.76
CA LYS A 477 -35.71 -11.95 -16.07
C LYS A 477 -35.71 -11.32 -14.68
N LEU A 478 -36.87 -10.82 -14.28
CA LEU A 478 -37.03 -10.20 -12.98
C LEU A 478 -38.20 -10.88 -12.31
N ASP A 479 -37.92 -11.91 -11.52
CA ASP A 479 -38.99 -12.60 -10.83
C ASP A 479 -38.68 -12.69 -9.35
N PHE A 480 -39.27 -13.67 -8.69
CA PHE A 480 -39.06 -13.85 -7.28
C PHE A 480 -39.25 -15.31 -6.88
N ILE A 481 -38.42 -15.77 -5.96
CA ILE A 481 -38.49 -17.12 -5.43
C ILE A 481 -39.14 -16.86 -4.06
N VAL A 482 -39.65 -17.89 -3.39
CA VAL A 482 -40.24 -17.68 -2.07
C VAL A 482 -39.58 -18.59 -1.04
N LEU A 483 -39.06 -17.98 0.02
CA LEU A 483 -38.37 -18.69 1.10
C LEU A 483 -39.16 -18.45 2.38
N ASN A 484 -39.03 -19.37 3.35
CA ASN A 484 -39.73 -19.27 4.64
C ASN A 484 -41.08 -18.54 4.52
N GLU A 485 -41.80 -18.76 3.42
CA GLU A 485 -43.11 -18.14 3.18
C GLU A 485 -43.13 -16.65 2.83
N THR A 486 -42.08 -16.16 2.18
CA THR A 486 -42.00 -14.75 1.84
C THR A 486 -41.48 -14.52 0.42
N ARG A 487 -41.97 -13.48 -0.24
CA ARG A 487 -41.50 -13.18 -1.58
C ARG A 487 -40.09 -12.62 -1.44
N PHE A 488 -39.21 -13.00 -2.36
CA PHE A 488 -37.82 -12.50 -2.37
C PHE A 488 -37.44 -12.36 -3.82
N TRP A 489 -37.38 -11.13 -4.29
CA TRP A 489 -37.07 -10.89 -5.68
C TRP A 489 -35.61 -11.07 -6.12
N TYR A 490 -35.45 -11.50 -7.36
CA TYR A 490 -34.14 -11.72 -7.92
C TYR A 490 -34.21 -11.35 -9.39
N GLN A 491 -33.06 -11.29 -10.03
CA GLN A 491 -33.03 -10.99 -11.44
C GLN A 491 -31.87 -11.74 -12.10
N MET A 492 -32.02 -12.03 -13.39
CA MET A 492 -30.98 -12.75 -14.12
C MET A 492 -30.75 -12.13 -15.49
N ILE A 493 -29.47 -12.00 -15.85
CA ILE A 493 -29.12 -11.49 -17.15
C ILE A 493 -28.81 -12.78 -17.90
N LEU A 494 -29.72 -13.15 -18.79
CA LEU A 494 -29.62 -14.37 -19.57
C LEU A 494 -28.94 -14.15 -20.91
N PRO A 495 -27.93 -14.97 -21.21
CA PRO A 495 -27.21 -14.84 -22.49
C PRO A 495 -28.16 -15.03 -23.68
N PRO A 496 -27.91 -14.32 -24.78
CA PRO A 496 -28.73 -14.38 -25.99
C PRO A 496 -29.75 -15.51 -26.11
N HIS A 497 -29.54 -16.40 -27.08
CA HIS A 497 -30.45 -17.51 -27.34
C HIS A 497 -30.57 -18.51 -26.18
N PHE A 498 -30.67 -17.98 -24.97
CA PHE A 498 -30.76 -18.77 -23.76
C PHE A 498 -31.73 -19.94 -23.86
N ASP A 499 -31.17 -21.14 -23.70
CA ASP A 499 -31.95 -22.37 -23.77
C ASP A 499 -32.07 -23.04 -22.40
N LYS A 500 -33.27 -22.97 -21.84
CA LYS A 500 -33.59 -23.52 -20.51
C LYS A 500 -33.16 -24.98 -20.26
N SER A 501 -32.80 -25.69 -21.32
CA SER A 501 -32.40 -27.08 -21.17
C SER A 501 -30.89 -27.24 -21.00
N LYS A 502 -30.10 -26.39 -21.67
CA LYS A 502 -28.66 -26.46 -21.55
C LYS A 502 -28.23 -25.97 -20.16
N LYS A 503 -26.94 -25.97 -19.89
CA LYS A 503 -26.45 -25.51 -18.59
C LYS A 503 -25.33 -24.49 -18.70
N TYR A 504 -25.53 -23.36 -18.01
CA TYR A 504 -24.58 -22.25 -18.02
C TYR A 504 -23.92 -22.01 -16.67
N PRO A 505 -22.79 -21.28 -16.68
CA PRO A 505 -22.08 -20.95 -15.44
C PRO A 505 -22.82 -19.76 -14.84
N LEU A 506 -22.80 -19.65 -13.52
CA LEU A 506 -23.49 -18.59 -12.83
C LEU A 506 -22.60 -17.63 -12.07
N LEU A 507 -22.89 -16.34 -12.21
CA LEU A 507 -22.14 -15.30 -11.52
C LEU A 507 -23.13 -14.53 -10.66
N ILE A 508 -22.92 -14.53 -9.35
CA ILE A 508 -23.82 -13.79 -8.48
C ILE A 508 -23.22 -12.40 -8.34
N ASP A 509 -24.00 -11.37 -8.66
CA ASP A 509 -23.57 -10.00 -8.54
C ASP A 509 -24.12 -9.59 -7.17
N VAL A 510 -23.25 -9.22 -6.25
CA VAL A 510 -23.71 -8.87 -4.91
C VAL A 510 -23.48 -7.48 -4.38
N TYR A 511 -24.36 -7.13 -3.46
CA TYR A 511 -24.33 -5.88 -2.73
C TYR A 511 -24.95 -6.32 -1.40
N ALA A 512 -26.25 -6.51 -1.39
CA ALA A 512 -26.94 -7.00 -0.20
C ALA A 512 -26.68 -6.25 1.12
N GLY A 513 -26.49 -4.93 1.05
CA GLY A 513 -26.26 -4.16 2.25
C GLY A 513 -27.62 -3.73 2.77
N PRO A 514 -27.70 -3.12 3.96
CA PRO A 514 -29.00 -2.70 4.46
C PRO A 514 -29.70 -1.78 3.46
N CYS A 515 -31.01 -2.01 3.30
CA CYS A 515 -31.86 -1.24 2.39
C CYS A 515 -31.34 -1.13 0.94
N SER A 516 -30.73 -2.22 0.46
CA SER A 516 -30.19 -2.26 -0.90
C SER A 516 -31.18 -2.92 -1.84
N GLN A 517 -30.96 -2.76 -3.14
CA GLN A 517 -31.82 -3.39 -4.13
C GLN A 517 -31.09 -3.63 -5.43
N LYS A 518 -30.85 -4.91 -5.74
CA LYS A 518 -30.14 -5.26 -6.96
C LYS A 518 -31.08 -5.81 -8.04
N ALA A 519 -32.26 -6.26 -7.61
CA ALA A 519 -33.26 -6.79 -8.50
C ALA A 519 -34.29 -5.70 -8.82
N ASP A 520 -34.18 -5.11 -10.00
CA ASP A 520 -35.11 -4.06 -10.40
C ASP A 520 -35.39 -4.10 -11.90
N ALA A 521 -36.32 -3.27 -12.34
CA ALA A 521 -36.73 -3.21 -13.73
C ALA A 521 -36.01 -2.16 -14.57
N ALA A 522 -34.77 -1.83 -14.21
CA ALA A 522 -34.04 -0.79 -14.93
C ALA A 522 -33.10 -1.32 -16.03
N PHE A 523 -33.12 -0.68 -17.18
CA PHE A 523 -32.29 -1.07 -18.30
C PHE A 523 -30.84 -0.64 -18.12
N ARG A 524 -29.90 -1.53 -18.40
CA ARG A 524 -28.50 -1.21 -18.26
C ARG A 524 -27.60 -1.93 -19.26
N LEU A 525 -26.47 -1.30 -19.55
CA LEU A 525 -25.46 -1.84 -20.44
C LEU A 525 -24.15 -1.81 -19.65
N ASN A 526 -23.89 -2.87 -18.88
CA ASN A 526 -22.70 -2.94 -18.04
C ASN A 526 -21.85 -4.16 -18.35
N TRP A 527 -20.96 -4.49 -17.43
CA TRP A 527 -20.07 -5.63 -17.56
C TRP A 527 -20.86 -6.93 -17.64
N ALA A 528 -21.92 -7.03 -16.84
CA ALA A 528 -22.77 -8.23 -16.84
C ALA A 528 -23.38 -8.46 -18.22
N THR A 529 -23.57 -7.39 -18.98
CA THR A 529 -24.12 -7.48 -20.33
C THR A 529 -23.10 -8.24 -21.20
N TYR A 530 -21.84 -7.84 -21.14
CA TYR A 530 -20.76 -8.48 -21.88
C TYR A 530 -20.61 -9.94 -21.43
N LEU A 531 -20.68 -10.15 -20.12
CA LEU A 531 -20.54 -11.48 -19.57
C LEU A 531 -21.58 -12.49 -20.08
N ALA A 532 -22.77 -12.01 -20.42
CA ALA A 532 -23.82 -12.90 -20.91
C ALA A 532 -23.81 -12.98 -22.45
N SER A 533 -23.72 -11.84 -23.08
CA SER A 533 -23.72 -11.76 -24.54
C SER A 533 -22.48 -12.33 -25.23
N THR A 534 -21.42 -12.62 -24.48
CA THR A 534 -20.22 -13.13 -25.12
C THR A 534 -19.56 -14.29 -24.40
N GLU A 535 -19.87 -14.47 -23.12
CA GLU A 535 -19.26 -15.56 -22.37
C GLU A 535 -20.34 -16.57 -22.00
N ASN A 536 -21.58 -16.25 -22.36
CA ASN A 536 -22.74 -17.10 -22.06
C ASN A 536 -22.80 -17.41 -20.59
N ILE A 537 -22.55 -16.39 -19.79
CA ILE A 537 -22.59 -16.56 -18.34
C ILE A 537 -23.86 -15.91 -17.84
N ILE A 538 -24.52 -16.56 -16.89
CA ILE A 538 -25.73 -16.00 -16.34
C ILE A 538 -25.33 -15.18 -15.12
N VAL A 539 -25.65 -13.89 -15.16
CA VAL A 539 -25.33 -12.99 -14.06
C VAL A 539 -26.63 -12.70 -13.32
N ALA A 540 -26.71 -13.15 -12.08
CA ALA A 540 -27.92 -12.96 -11.27
C ALA A 540 -27.64 -12.24 -9.95
N SER A 541 -28.64 -11.50 -9.47
CA SER A 541 -28.56 -10.77 -8.21
C SER A 541 -29.79 -11.15 -7.43
N PHE A 542 -29.70 -11.12 -6.10
CA PHE A 542 -30.83 -11.50 -5.26
C PHE A 542 -31.00 -10.60 -4.06
N ASP A 543 -32.16 -9.96 -3.92
CA ASP A 543 -32.41 -9.09 -2.76
C ASP A 543 -33.02 -9.93 -1.65
N GLY A 544 -32.18 -10.33 -0.69
CA GLY A 544 -32.65 -11.14 0.42
C GLY A 544 -32.98 -10.29 1.63
N ARG A 545 -32.85 -10.86 2.82
CA ARG A 545 -33.15 -10.12 4.04
C ARG A 545 -32.29 -8.90 4.29
N GLY A 546 -32.89 -7.94 5.01
CA GLY A 546 -32.21 -6.69 5.34
C GLY A 546 -32.12 -5.80 4.11
N SER A 547 -33.02 -6.01 3.16
CA SER A 547 -32.95 -5.23 1.94
C SER A 547 -34.12 -4.36 1.56
N GLY A 548 -33.98 -3.86 0.33
CA GLY A 548 -34.94 -3.01 -0.35
C GLY A 548 -36.05 -2.30 0.36
N TYR A 549 -37.06 -1.99 -0.44
CA TYR A 549 -38.21 -1.26 0.00
C TYR A 549 -39.40 -2.17 0.09
N GLN A 550 -39.37 -3.06 1.08
CA GLN A 550 -40.45 -4.02 1.27
C GLN A 550 -40.83 -4.12 2.73
N GLY A 551 -40.74 -3.00 3.44
CA GLY A 551 -41.08 -3.01 4.85
C GLY A 551 -39.89 -3.27 5.75
N ASP A 552 -40.01 -2.78 6.97
CA ASP A 552 -38.94 -2.93 7.95
C ASP A 552 -38.77 -4.37 8.42
N LYS A 553 -39.82 -5.19 8.32
CA LYS A 553 -39.69 -6.57 8.77
C LYS A 553 -38.52 -7.20 8.01
N ILE A 554 -38.45 -6.92 6.71
CA ILE A 554 -37.38 -7.43 5.88
C ILE A 554 -36.07 -6.65 6.06
N MET A 555 -36.16 -5.31 6.04
CA MET A 555 -34.98 -4.47 6.20
C MET A 555 -34.30 -4.59 7.56
N HIS A 556 -35.03 -4.36 8.64
CA HIS A 556 -34.46 -4.43 9.99
C HIS A 556 -34.05 -5.85 10.43
N ALA A 557 -34.25 -6.83 9.56
CA ALA A 557 -33.91 -8.21 9.84
C ALA A 557 -32.43 -8.41 10.15
N ILE A 558 -31.61 -7.48 9.67
CA ILE A 558 -30.18 -7.54 9.87
C ILE A 558 -29.72 -6.80 11.12
N ASN A 559 -30.52 -5.84 11.58
CA ASN A 559 -30.18 -5.00 12.72
C ASN A 559 -29.26 -5.63 13.77
N LYS A 560 -28.27 -4.85 14.21
CA LYS A 560 -27.30 -5.26 15.20
C LYS A 560 -26.48 -6.50 14.83
N ARG A 561 -26.61 -6.97 13.59
CA ARG A 561 -25.84 -8.15 13.20
C ARG A 561 -25.62 -8.31 11.70
N LEU A 562 -24.79 -7.46 11.12
CA LEU A 562 -24.48 -7.54 9.70
C LEU A 562 -23.62 -8.77 9.50
N GLY A 563 -23.42 -9.19 8.25
CA GLY A 563 -22.61 -10.36 7.97
C GLY A 563 -23.23 -11.66 8.44
N THR A 564 -24.56 -11.66 8.46
CA THR A 564 -25.36 -12.80 8.89
C THR A 564 -26.35 -13.22 7.81
N LEU A 565 -27.62 -12.98 8.10
CA LEU A 565 -28.70 -13.32 7.20
C LEU A 565 -28.50 -12.90 5.76
N GLU A 566 -28.10 -11.64 5.52
CA GLU A 566 -27.92 -11.19 4.14
C GLU A 566 -26.89 -12.06 3.42
N VAL A 567 -25.91 -12.58 4.14
CA VAL A 567 -24.90 -13.45 3.54
C VAL A 567 -25.56 -14.79 3.24
N GLU A 568 -26.08 -15.44 4.29
CA GLU A 568 -26.76 -16.72 4.12
C GLU A 568 -27.73 -16.71 2.94
N ASP A 569 -28.78 -15.90 3.03
CA ASP A 569 -29.79 -15.77 1.98
C ASP A 569 -29.16 -15.67 0.59
N GLN A 570 -27.95 -15.15 0.51
CA GLN A 570 -27.29 -15.03 -0.78
C GLN A 570 -26.90 -16.41 -1.27
N ILE A 571 -26.52 -17.29 -0.33
CA ILE A 571 -26.15 -18.65 -0.66
C ILE A 571 -27.42 -19.42 -1.04
N GLU A 572 -28.47 -19.26 -0.23
CA GLU A 572 -29.76 -19.92 -0.48
C GLU A 572 -30.21 -19.62 -1.91
N ALA A 573 -30.16 -18.34 -2.28
CA ALA A 573 -30.55 -17.90 -3.61
C ALA A 573 -29.81 -18.67 -4.70
N ALA A 574 -28.54 -19.00 -4.43
CA ALA A 574 -27.75 -19.74 -5.39
C ALA A 574 -28.33 -21.16 -5.45
N ARG A 575 -28.56 -21.76 -4.29
CA ARG A 575 -29.15 -23.10 -4.20
C ARG A 575 -30.35 -23.15 -5.13
N GLN A 576 -31.32 -22.29 -4.83
CA GLN A 576 -32.56 -22.15 -5.59
C GLN A 576 -32.34 -22.01 -7.10
N PHE A 577 -31.33 -21.22 -7.48
CA PHE A 577 -31.03 -21.03 -8.88
C PHE A 577 -30.62 -22.36 -9.50
N LEU A 578 -29.83 -23.13 -8.75
CA LEU A 578 -29.37 -24.42 -9.23
C LEU A 578 -30.58 -25.31 -9.49
N LYS A 579 -31.51 -25.31 -8.53
CA LYS A 579 -32.73 -26.11 -8.64
C LYS A 579 -33.55 -25.70 -9.85
N MET A 580 -33.28 -24.53 -10.40
CA MET A 580 -34.02 -24.10 -11.57
C MET A 580 -33.54 -24.85 -12.82
N GLY A 581 -32.50 -25.66 -12.65
CA GLY A 581 -32.00 -26.43 -13.76
C GLY A 581 -30.79 -25.91 -14.51
N PHE A 582 -31.03 -25.00 -15.44
CA PHE A 582 -30.00 -24.39 -16.32
C PHE A 582 -28.69 -23.85 -15.74
N VAL A 583 -28.34 -24.29 -14.54
CA VAL A 583 -27.10 -23.83 -13.91
C VAL A 583 -26.11 -24.96 -13.70
N ASP A 584 -24.94 -24.81 -14.31
CA ASP A 584 -23.86 -25.79 -14.21
C ASP A 584 -23.28 -25.69 -12.79
N SER A 585 -23.79 -26.48 -11.85
CA SER A 585 -23.30 -26.39 -10.48
C SER A 585 -21.76 -26.45 -10.33
N LYS A 586 -21.06 -26.87 -11.38
CA LYS A 586 -19.60 -26.98 -11.29
C LYS A 586 -18.88 -25.68 -11.61
N ARG A 587 -19.65 -24.66 -11.96
CA ARG A 587 -19.08 -23.36 -12.25
C ARG A 587 -20.00 -22.21 -11.83
N VAL A 588 -19.97 -21.94 -10.52
CA VAL A 588 -20.75 -20.90 -9.90
C VAL A 588 -19.80 -19.95 -9.16
N ALA A 589 -19.87 -18.67 -9.49
CA ALA A 589 -19.02 -17.65 -8.86
C ALA A 589 -19.85 -16.58 -8.14
N ILE A 590 -19.15 -15.56 -7.64
CA ILE A 590 -19.79 -14.46 -6.92
C ILE A 590 -18.77 -13.34 -6.71
N TRP A 591 -19.19 -12.11 -7.00
CA TRP A 591 -18.32 -10.97 -6.81
C TRP A 591 -19.08 -9.79 -6.22
N GLY A 592 -18.34 -8.79 -5.78
CA GLY A 592 -18.96 -7.62 -5.20
C GLY A 592 -17.96 -6.53 -4.97
N TRP A 593 -18.48 -5.31 -4.85
CA TRP A 593 -17.64 -4.14 -4.64
C TRP A 593 -18.07 -3.55 -3.29
N SER A 594 -17.12 -2.99 -2.56
CA SER A 594 -17.39 -2.35 -1.28
C SER A 594 -18.27 -3.29 -0.39
N TYR A 595 -19.50 -2.97 0.00
CA TYR A 595 -20.30 -3.88 0.82
C TYR A 595 -20.42 -5.25 0.16
N GLY A 596 -20.64 -5.23 -1.16
CA GLY A 596 -20.77 -6.46 -1.91
C GLY A 596 -19.53 -7.33 -1.83
N GLY A 597 -18.36 -6.69 -1.77
CA GLY A 597 -17.12 -7.42 -1.67
C GLY A 597 -17.02 -8.09 -0.32
N TYR A 598 -17.63 -7.49 0.68
CA TYR A 598 -17.63 -8.06 2.03
C TYR A 598 -18.43 -9.36 1.98
N VAL A 599 -19.68 -9.26 1.53
CA VAL A 599 -20.55 -10.43 1.42
C VAL A 599 -19.92 -11.51 0.54
N THR A 600 -19.34 -11.09 -0.58
CA THR A 600 -18.68 -12.04 -1.46
C THR A 600 -17.66 -12.82 -0.64
N SER A 601 -16.79 -12.09 0.06
CA SER A 601 -15.76 -12.68 0.90
C SER A 601 -16.32 -13.54 2.03
N MET A 602 -17.40 -13.07 2.64
CA MET A 602 -18.04 -13.82 3.71
C MET A 602 -18.71 -15.09 3.18
N VAL A 603 -19.13 -15.07 1.91
CA VAL A 603 -19.75 -16.24 1.31
C VAL A 603 -18.65 -17.22 0.96
N LEU A 604 -17.61 -16.75 0.28
CA LEU A 604 -16.50 -17.61 -0.09
C LEU A 604 -15.90 -18.23 1.15
N GLY A 605 -15.86 -17.48 2.24
CA GLY A 605 -15.27 -18.00 3.45
C GLY A 605 -16.20 -18.76 4.38
N SER A 606 -17.39 -19.11 3.88
CA SER A 606 -18.37 -19.84 4.69
C SER A 606 -18.21 -21.35 4.54
N GLY A 607 -17.42 -21.77 3.55
CA GLY A 607 -17.22 -23.18 3.29
C GLY A 607 -18.52 -23.91 2.97
N SER A 608 -19.46 -23.23 2.34
CA SER A 608 -20.74 -23.85 2.00
C SER A 608 -20.54 -24.77 0.80
N GLY A 609 -19.36 -24.71 0.21
CA GLY A 609 -19.06 -25.54 -0.93
C GLY A 609 -19.78 -25.16 -2.21
N VAL A 610 -20.76 -24.28 -2.11
CA VAL A 610 -21.56 -23.86 -3.26
C VAL A 610 -20.87 -23.00 -4.34
N PHE A 611 -19.77 -22.33 -4.00
CA PHE A 611 -19.08 -21.48 -4.97
C PHE A 611 -17.64 -21.87 -5.28
N LYS A 612 -17.27 -21.73 -6.54
CA LYS A 612 -15.94 -22.10 -7.00
C LYS A 612 -14.92 -21.00 -6.79
N CYS A 613 -15.27 -19.81 -7.26
CA CYS A 613 -14.39 -18.66 -7.14
C CYS A 613 -15.18 -17.42 -6.77
N GLY A 614 -14.48 -16.29 -6.66
CA GLY A 614 -15.14 -15.05 -6.31
C GLY A 614 -14.17 -13.89 -6.40
N ILE A 615 -14.72 -12.69 -6.55
CA ILE A 615 -13.90 -11.49 -6.64
C ILE A 615 -14.49 -10.43 -5.72
N ALA A 616 -13.64 -9.87 -4.86
CA ALA A 616 -14.05 -8.83 -3.92
C ALA A 616 -13.24 -7.56 -4.19
N VAL A 617 -13.92 -6.46 -4.52
CA VAL A 617 -13.22 -5.21 -4.77
C VAL A 617 -13.51 -4.25 -3.63
N ALA A 618 -12.45 -3.69 -3.05
CA ALA A 618 -12.53 -2.73 -1.95
C ALA A 618 -13.53 -3.19 -0.93
N PRO A 619 -13.36 -4.41 -0.43
CA PRO A 619 -14.27 -4.99 0.56
C PRO A 619 -14.07 -4.43 1.96
N VAL A 620 -15.01 -4.72 2.84
CA VAL A 620 -14.91 -4.29 4.20
C VAL A 620 -14.60 -5.61 4.87
N SER A 621 -13.55 -5.66 5.70
CA SER A 621 -13.19 -6.92 6.35
C SER A 621 -13.65 -7.07 7.80
N ARG A 622 -14.01 -5.97 8.44
CA ARG A 622 -14.54 -6.01 9.80
C ARG A 622 -15.03 -4.62 10.12
N TRP A 623 -16.24 -4.53 10.68
CA TRP A 623 -16.84 -3.23 10.94
C TRP A 623 -16.11 -2.20 11.80
N GLU A 624 -15.13 -2.60 12.60
CA GLU A 624 -14.44 -1.57 13.36
C GLU A 624 -13.63 -0.66 12.44
N TYR A 625 -13.31 -1.15 11.24
CA TYR A 625 -12.54 -0.33 10.30
C TYR A 625 -13.38 0.70 9.55
N TYR A 626 -14.67 0.45 9.41
CA TYR A 626 -15.50 1.40 8.70
C TYR A 626 -15.92 2.57 9.58
N ASP A 627 -16.40 3.65 8.94
CA ASP A 627 -16.79 4.84 9.66
C ASP A 627 -17.97 4.69 10.60
N SER A 628 -18.08 5.64 11.52
CA SER A 628 -19.12 5.64 12.54
C SER A 628 -20.57 5.77 12.10
N VAL A 629 -20.91 6.86 11.42
CA VAL A 629 -22.28 7.08 10.99
C VAL A 629 -22.90 5.88 10.32
N TYR A 630 -22.21 5.31 9.33
CA TYR A 630 -22.74 4.16 8.62
C TYR A 630 -22.81 2.91 9.51
N THR A 631 -21.65 2.41 9.91
CA THR A 631 -21.56 1.20 10.73
C THR A 631 -22.51 1.19 11.92
N GLU A 632 -22.33 2.15 12.83
CA GLU A 632 -23.15 2.26 14.02
C GLU A 632 -24.65 2.26 13.76
N ARG A 633 -25.08 2.84 12.63
CA ARG A 633 -26.50 2.89 12.30
C ARG A 633 -27.12 1.49 12.34
N TYR A 634 -26.33 0.48 12.03
CA TYR A 634 -26.83 -0.88 12.02
C TYR A 634 -26.18 -1.72 13.11
N MET A 635 -24.94 -1.40 13.47
CA MET A 635 -24.22 -2.19 14.46
C MET A 635 -24.11 -1.66 15.89
N GLY A 636 -24.51 -0.41 16.12
CA GLY A 636 -24.40 0.16 17.44
C GLY A 636 -22.93 0.50 17.70
N LEU A 637 -22.53 0.52 18.96
CA LEU A 637 -21.14 0.80 19.31
C LEU A 637 -20.40 -0.49 19.58
N PRO A 638 -19.15 -0.59 19.10
CA PRO A 638 -18.32 -1.78 19.28
C PRO A 638 -17.81 -1.93 20.71
N THR A 639 -18.70 -1.86 21.68
CA THR A 639 -18.29 -1.96 23.07
C THR A 639 -18.98 -3.09 23.84
N PRO A 640 -18.27 -3.68 24.81
CA PRO A 640 -18.88 -4.77 25.59
C PRO A 640 -20.20 -4.35 26.18
N GLU A 641 -20.39 -3.04 26.37
CA GLU A 641 -21.62 -2.56 26.95
C GLU A 641 -22.72 -2.49 25.90
N ASP A 642 -22.37 -2.82 24.66
CA ASP A 642 -23.32 -2.79 23.56
C ASP A 642 -23.24 -4.00 22.63
N ASN A 643 -22.66 -3.81 21.45
CA ASN A 643 -22.59 -4.86 20.44
C ASN A 643 -21.18 -5.34 20.00
N LEU A 644 -20.20 -5.23 20.88
CA LEU A 644 -18.84 -5.64 20.53
C LEU A 644 -18.75 -7.05 20.00
N ASP A 645 -19.56 -7.94 20.54
CA ASP A 645 -19.52 -9.31 20.12
C ASP A 645 -19.86 -9.52 18.67
N HIS A 646 -20.98 -8.97 18.21
CA HIS A 646 -21.35 -9.13 16.80
C HIS A 646 -20.31 -8.46 15.92
N TYR A 647 -19.64 -7.44 16.44
CA TYR A 647 -18.59 -6.80 15.65
C TYR A 647 -17.49 -7.85 15.41
N ARG A 648 -17.01 -8.43 16.50
CA ARG A 648 -15.94 -9.42 16.40
C ARG A 648 -16.30 -10.75 15.75
N ASN A 649 -17.58 -11.04 15.61
CA ASN A 649 -18.03 -12.27 14.98
C ASN A 649 -18.09 -12.16 13.45
N SER A 650 -18.50 -10.99 12.95
CA SER A 650 -18.66 -10.75 11.53
C SER A 650 -17.39 -10.41 10.76
N THR A 651 -16.25 -10.93 11.22
CA THR A 651 -14.96 -10.68 10.60
C THR A 651 -14.68 -11.56 9.39
N VAL A 652 -14.07 -11.01 8.35
CA VAL A 652 -13.74 -11.83 7.18
C VAL A 652 -12.49 -12.65 7.49
N MET A 653 -11.55 -12.07 8.21
CA MET A 653 -10.34 -12.81 8.53
C MET A 653 -10.61 -14.02 9.40
N SER A 654 -11.67 -13.98 10.19
CA SER A 654 -11.98 -15.10 11.07
C SER A 654 -12.42 -16.31 10.25
N ARG A 655 -12.51 -16.14 8.93
CA ARG A 655 -12.92 -17.23 8.06
C ARG A 655 -11.86 -17.61 7.06
N ALA A 656 -10.62 -17.18 7.33
CA ALA A 656 -9.49 -17.44 6.45
C ALA A 656 -9.39 -18.90 6.02
N GLU A 657 -9.44 -19.80 7.00
CA GLU A 657 -9.38 -21.22 6.73
C GLU A 657 -10.21 -21.65 5.52
N ASN A 658 -11.52 -21.46 5.58
CA ASN A 658 -12.42 -21.86 4.51
C ASN A 658 -12.09 -21.38 3.11
N PHE A 659 -11.09 -20.52 2.97
CA PHE A 659 -10.73 -20.04 1.65
C PHE A 659 -9.87 -21.03 0.89
N LYS A 660 -9.43 -22.09 1.58
CA LYS A 660 -8.61 -23.10 0.92
C LYS A 660 -9.41 -23.76 -0.19
N GLN A 661 -10.72 -23.79 -0.02
CA GLN A 661 -11.61 -24.41 -0.99
C GLN A 661 -12.15 -23.42 -2.03
N VAL A 662 -11.39 -22.39 -2.38
CA VAL A 662 -11.85 -21.37 -3.34
C VAL A 662 -10.75 -20.60 -4.05
N GLU A 663 -10.99 -20.20 -5.30
CA GLU A 663 -10.05 -19.38 -6.04
C GLU A 663 -10.53 -17.96 -5.68
N TYR A 664 -9.69 -17.18 -5.01
CA TYR A 664 -10.09 -15.85 -4.59
C TYR A 664 -9.28 -14.75 -5.23
N LEU A 665 -9.95 -13.66 -5.62
CA LEU A 665 -9.29 -12.50 -6.21
C LEU A 665 -9.64 -11.22 -5.42
N LEU A 666 -8.66 -10.68 -4.69
CA LEU A 666 -8.85 -9.48 -3.87
C LEU A 666 -8.27 -8.27 -4.59
N ILE A 667 -9.09 -7.24 -4.77
CA ILE A 667 -8.65 -6.03 -5.47
C ILE A 667 -8.89 -4.79 -4.62
N HIS A 668 -7.93 -3.88 -4.58
CA HIS A 668 -8.12 -2.67 -3.78
C HIS A 668 -7.42 -1.45 -4.31
N GLY A 669 -8.01 -0.28 -4.08
CA GLY A 669 -7.41 0.96 -4.53
C GLY A 669 -6.48 1.55 -3.48
N THR A 670 -5.30 1.97 -3.92
CA THR A 670 -4.28 2.55 -3.05
C THR A 670 -4.68 3.82 -2.29
N ALA A 671 -5.48 4.66 -2.92
CA ALA A 671 -5.91 5.92 -2.32
C ALA A 671 -7.39 5.90 -1.97
N ASP A 672 -7.85 4.78 -1.45
CA ASP A 672 -9.24 4.64 -1.06
C ASP A 672 -9.47 5.29 0.30
N ASP A 673 -10.07 6.47 0.30
CA ASP A 673 -10.35 7.21 1.53
C ASP A 673 -11.62 6.72 2.20
N ASN A 674 -12.41 5.92 1.50
CA ASN A 674 -13.66 5.40 2.04
C ASN A 674 -13.47 4.05 2.77
N VAL A 675 -13.12 3.02 2.00
CA VAL A 675 -12.85 1.68 2.53
C VAL A 675 -11.32 1.61 2.47
N HIS A 676 -10.70 2.03 3.56
CA HIS A 676 -9.26 2.17 3.73
C HIS A 676 -8.11 1.30 3.21
N PHE A 677 -8.35 0.15 2.60
CA PHE A 677 -7.22 -0.68 2.12
C PHE A 677 -6.69 -1.47 3.30
N GLN A 678 -6.63 -0.80 4.44
CA GLN A 678 -6.23 -1.43 5.67
C GLN A 678 -7.10 -2.69 5.72
N GLN A 679 -8.31 -2.55 5.19
CA GLN A 679 -9.28 -3.62 5.14
C GLN A 679 -8.79 -4.83 4.37
N SER A 680 -8.42 -4.64 3.11
CA SER A 680 -7.92 -5.74 2.30
C SER A 680 -6.58 -6.24 2.84
N ALA A 681 -5.75 -5.31 3.32
CA ALA A 681 -4.43 -5.64 3.86
C ALA A 681 -4.55 -6.57 5.05
N GLN A 682 -5.65 -6.41 5.78
CA GLN A 682 -5.87 -7.23 6.94
C GLN A 682 -6.35 -8.61 6.50
N ILE A 683 -6.99 -8.67 5.32
CA ILE A 683 -7.48 -9.93 4.74
C ILE A 683 -6.35 -10.76 4.17
N SER A 684 -5.57 -10.15 3.30
CA SER A 684 -4.46 -10.85 2.68
C SER A 684 -3.59 -11.44 3.77
N LYS A 685 -3.31 -10.63 4.79
CA LYS A 685 -2.50 -11.07 5.91
C LYS A 685 -3.13 -12.28 6.61
N ALA A 686 -4.45 -12.24 6.81
CA ALA A 686 -5.17 -13.33 7.47
C ALA A 686 -5.02 -14.64 6.70
N LEU A 687 -5.18 -14.56 5.38
CA LEU A 687 -5.09 -15.73 4.51
C LEU A 687 -3.67 -16.25 4.45
N VAL A 688 -2.70 -15.33 4.47
CA VAL A 688 -1.31 -15.72 4.41
C VAL A 688 -0.93 -16.48 5.68
N ASP A 689 -1.48 -16.07 6.82
CA ASP A 689 -1.17 -16.76 8.07
C ASP A 689 -1.86 -18.10 8.09
N ALA A 690 -2.93 -18.23 7.32
CA ALA A 690 -3.70 -19.48 7.24
C ALA A 690 -3.13 -20.43 6.19
N GLY A 691 -2.15 -19.94 5.42
CA GLY A 691 -1.55 -20.73 4.37
C GLY A 691 -2.52 -20.99 3.24
N VAL A 692 -3.30 -19.98 2.89
CA VAL A 692 -4.28 -20.09 1.81
C VAL A 692 -3.84 -19.26 0.61
N ASP A 693 -3.60 -19.89 -0.52
CA ASP A 693 -3.19 -19.11 -1.67
C ASP A 693 -4.38 -18.36 -2.25
N PHE A 694 -4.10 -17.21 -2.87
CA PHE A 694 -5.14 -16.40 -3.48
C PHE A 694 -4.47 -15.41 -4.42
N GLN A 695 -5.26 -14.65 -5.16
CA GLN A 695 -4.71 -13.67 -6.10
C GLN A 695 -5.07 -12.25 -5.67
N ALA A 696 -4.12 -11.33 -5.77
CA ALA A 696 -4.37 -9.96 -5.37
C ALA A 696 -4.03 -8.96 -6.47
N MET A 697 -4.42 -7.71 -6.25
CA MET A 697 -4.18 -6.66 -7.23
C MET A 697 -4.46 -5.30 -6.59
N TRP A 698 -3.43 -4.45 -6.52
CA TRP A 698 -3.61 -3.12 -5.97
C TRP A 698 -3.64 -2.14 -7.15
N TYR A 699 -4.34 -1.03 -6.97
CA TYR A 699 -4.41 0.00 -8.00
C TYR A 699 -3.84 1.30 -7.47
N THR A 700 -2.59 1.52 -7.86
CA THR A 700 -1.85 2.69 -7.44
C THR A 700 -2.59 4.00 -7.61
N ASP A 701 -2.76 4.71 -6.49
CA ASP A 701 -3.42 6.00 -6.49
C ASP A 701 -4.87 6.05 -6.95
N GLU A 702 -5.53 4.89 -7.01
CA GLU A 702 -6.91 4.87 -7.41
C GLU A 702 -7.81 5.12 -6.22
N ASP A 703 -8.96 5.69 -6.52
CA ASP A 703 -9.97 6.04 -5.55
C ASP A 703 -10.65 4.81 -4.99
N HIS A 704 -11.81 5.00 -4.38
CA HIS A 704 -12.57 3.86 -3.87
C HIS A 704 -13.35 3.28 -5.04
N GLY A 705 -13.40 4.01 -6.14
CA GLY A 705 -14.11 3.56 -7.31
C GLY A 705 -13.22 3.07 -8.44
N ILE A 706 -11.90 3.16 -8.26
CA ILE A 706 -10.94 2.70 -9.28
C ILE A 706 -11.56 3.07 -10.62
N ALA A 707 -11.92 4.34 -10.75
CA ALA A 707 -12.61 4.79 -11.95
C ALA A 707 -11.87 5.67 -12.94
N SER A 708 -10.56 5.82 -12.79
CA SER A 708 -9.84 6.61 -13.76
C SER A 708 -10.04 5.80 -15.04
N SER A 709 -9.82 6.39 -16.21
CA SER A 709 -10.02 5.63 -17.44
C SER A 709 -9.18 4.36 -17.51
N THR A 710 -7.87 4.50 -17.61
CA THR A 710 -6.97 3.37 -17.70
C THR A 710 -7.22 2.31 -16.61
N ALA A 711 -7.47 2.76 -15.38
CA ALA A 711 -7.71 1.81 -14.29
C ALA A 711 -9.02 1.05 -14.49
N HIS A 712 -10.09 1.79 -14.79
CA HIS A 712 -11.39 1.18 -15.02
C HIS A 712 -11.31 0.04 -16.02
N GLN A 713 -10.63 0.31 -17.14
CA GLN A 713 -10.47 -0.69 -18.17
C GLN A 713 -9.66 -1.87 -17.64
N HIS A 714 -8.52 -1.57 -17.04
CA HIS A 714 -7.62 -2.59 -16.50
C HIS A 714 -8.27 -3.54 -15.48
N ILE A 715 -9.02 -2.97 -14.54
CA ILE A 715 -9.65 -3.79 -13.52
C ILE A 715 -10.74 -4.70 -14.06
N TYR A 716 -11.42 -4.28 -15.12
CA TYR A 716 -12.47 -5.15 -15.63
C TYR A 716 -11.89 -6.22 -16.52
N SER A 717 -10.83 -5.90 -17.23
CA SER A 717 -10.21 -6.87 -18.11
C SER A 717 -9.63 -7.93 -17.21
N HIS A 718 -8.95 -7.50 -16.17
CA HIS A 718 -8.34 -8.43 -15.23
C HIS A 718 -9.38 -9.33 -14.56
N MET A 719 -10.54 -8.77 -14.25
CA MET A 719 -11.58 -9.58 -13.60
C MET A 719 -12.17 -10.56 -14.61
N SER A 720 -12.26 -10.14 -15.87
CA SER A 720 -12.78 -10.99 -16.93
C SER A 720 -11.86 -12.20 -17.01
N HIS A 721 -10.57 -11.97 -17.22
CA HIS A 721 -9.63 -13.08 -17.29
C HIS A 721 -9.70 -13.97 -16.04
N PHE A 722 -9.99 -13.40 -14.88
CA PHE A 722 -10.06 -14.24 -13.69
C PHE A 722 -11.21 -15.22 -13.82
N LEU A 723 -12.36 -14.74 -14.28
CA LEU A 723 -13.52 -15.59 -14.45
C LEU A 723 -13.27 -16.61 -15.56
N GLN A 724 -12.68 -16.14 -16.65
CA GLN A 724 -12.36 -17.00 -17.77
C GLN A 724 -11.48 -18.15 -17.29
N GLN A 725 -10.44 -17.85 -16.52
CA GLN A 725 -9.56 -18.89 -15.99
C GLN A 725 -10.39 -19.78 -15.08
N CYS A 726 -11.18 -19.18 -14.20
CA CYS A 726 -12.01 -19.96 -13.27
C CYS A 726 -13.06 -20.85 -13.94
N PHE A 727 -13.70 -20.36 -15.00
CA PHE A 727 -14.73 -21.12 -15.71
C PHE A 727 -14.22 -21.96 -16.88
N SER A 728 -12.91 -22.12 -16.98
CA SER A 728 -12.31 -22.92 -18.05
C SER A 728 -12.59 -22.41 -19.47
N LEU A 729 -12.94 -21.14 -19.61
CA LEU A 729 -13.21 -20.55 -20.92
C LEU A 729 -11.88 -19.99 -21.48
N ARG A 730 -11.83 -18.69 -21.73
CA ARG A 730 -10.64 -17.98 -22.26
C ARG A 730 -9.73 -18.75 -23.20
N ARG B 1 13.34 -43.50 -4.98
CA ARG B 1 13.18 -42.56 -6.13
C ARG B 1 12.27 -41.38 -5.79
N ARG B 2 12.57 -40.66 -4.70
CA ARG B 2 11.80 -39.47 -4.26
C ARG B 2 12.45 -38.18 -4.79
N THR B 3 11.63 -37.16 -5.07
CA THR B 3 12.15 -35.87 -5.57
C THR B 3 12.29 -34.90 -4.39
N TYR B 4 12.87 -33.73 -4.65
CA TYR B 4 13.03 -32.70 -3.60
C TYR B 4 11.80 -31.78 -3.69
N THR B 5 10.82 -32.04 -2.82
CA THR B 5 9.54 -31.30 -2.75
C THR B 5 9.66 -29.80 -2.44
N LEU B 6 8.61 -29.01 -2.73
CA LEU B 6 8.64 -27.57 -2.40
C LEU B 6 8.51 -27.55 -0.87
N ALA B 7 7.95 -28.62 -0.32
CA ALA B 7 7.78 -28.74 1.12
C ALA B 7 9.15 -29.01 1.73
N ASP B 8 9.97 -29.81 1.04
CA ASP B 8 11.31 -30.13 1.55
C ASP B 8 12.07 -28.84 1.77
N TYR B 9 11.84 -27.88 0.88
CA TYR B 9 12.49 -26.59 0.95
C TYR B 9 11.87 -25.71 2.03
N LEU B 10 10.57 -25.51 1.93
CA LEU B 10 9.85 -24.68 2.88
C LEU B 10 9.88 -25.14 4.32
N LYS B 11 9.88 -26.45 4.56
CA LYS B 11 9.90 -26.96 5.92
C LYS B 11 11.31 -27.29 6.39
N ASN B 12 12.29 -27.10 5.51
CA ASN B 12 13.68 -27.38 5.84
C ASN B 12 13.82 -28.83 6.31
N THR B 13 13.40 -29.75 5.46
CA THR B 13 13.45 -31.18 5.75
C THR B 13 14.89 -31.66 5.91
N PHE B 14 15.76 -31.19 5.02
CA PHE B 14 17.15 -31.59 5.06
C PHE B 14 18.06 -30.50 5.59
N ARG B 15 18.37 -30.59 6.87
CA ARG B 15 19.24 -29.64 7.54
C ARG B 15 20.71 -29.79 7.11
N VAL B 16 21.35 -28.67 6.81
CA VAL B 16 22.75 -28.64 6.42
C VAL B 16 23.55 -28.10 7.60
N LYS B 17 24.40 -28.92 8.21
CA LYS B 17 25.18 -28.46 9.35
C LYS B 17 26.45 -27.66 9.03
N SER B 18 27.03 -27.09 10.09
CA SER B 18 28.23 -26.29 10.00
C SER B 18 28.94 -26.35 11.33
N TYR B 19 30.01 -25.59 11.48
CA TYR B 19 30.74 -25.58 12.75
C TYR B 19 31.14 -24.15 13.03
N SER B 20 30.30 -23.44 13.78
CA SER B 20 30.59 -22.05 14.11
C SER B 20 31.25 -21.94 15.48
N LEU B 21 32.57 -21.80 15.47
CA LEU B 21 33.34 -21.70 16.70
C LEU B 21 33.67 -20.27 17.03
N ARG B 22 34.15 -20.06 18.25
CA ARG B 22 34.51 -18.72 18.67
C ARG B 22 35.89 -18.75 19.34
N TRP B 23 36.93 -18.45 18.56
CA TRP B 23 38.28 -18.44 19.10
C TRP B 23 38.36 -17.56 20.35
N VAL B 24 38.79 -18.14 21.46
CA VAL B 24 38.90 -17.37 22.69
C VAL B 24 40.35 -17.00 22.95
N SER B 25 41.24 -17.67 22.23
CA SER B 25 42.67 -17.42 22.38
C SER B 25 43.39 -17.93 21.15
N ASP B 26 44.71 -18.12 21.29
CA ASP B 26 45.47 -18.61 20.17
C ASP B 26 45.40 -20.14 20.17
N SER B 27 44.71 -20.70 21.16
CA SER B 27 44.64 -22.15 21.26
C SER B 27 43.33 -22.80 21.73
N GLU B 28 42.35 -22.00 22.12
CA GLU B 28 41.08 -22.55 22.55
C GLU B 28 39.93 -21.81 21.87
N TYR B 29 38.78 -22.46 21.79
CA TYR B 29 37.63 -21.82 21.19
C TYR B 29 36.35 -22.27 21.88
N LEU B 30 35.28 -21.55 21.60
CA LEU B 30 33.98 -21.88 22.17
C LEU B 30 33.12 -22.51 21.09
N TYR B 31 32.20 -23.37 21.52
CA TYR B 31 31.31 -24.04 20.58
C TYR B 31 30.00 -24.40 21.25
N LYS B 32 28.90 -24.10 20.58
CA LYS B 32 27.58 -24.40 21.13
C LYS B 32 27.22 -25.84 20.80
N GLN B 33 26.92 -26.62 21.84
CA GLN B 33 26.56 -28.01 21.63
C GLN B 33 25.37 -28.33 22.52
N GLU B 34 24.25 -28.65 21.89
CA GLU B 34 23.01 -28.97 22.61
C GLU B 34 22.78 -27.88 23.66
N ASN B 35 22.68 -26.64 23.21
CA ASN B 35 22.47 -25.50 24.10
C ASN B 35 23.42 -25.47 25.31
N ASN B 36 24.68 -25.77 25.02
CA ASN B 36 25.74 -25.78 26.03
C ASN B 36 26.96 -25.19 25.37
N ILE B 37 27.56 -24.22 26.02
CA ILE B 37 28.74 -23.62 25.44
C ILE B 37 29.92 -24.41 25.97
N LEU B 38 30.68 -25.00 25.06
CA LEU B 38 31.85 -25.79 25.44
C LEU B 38 33.14 -25.13 25.00
N LEU B 39 34.17 -25.32 25.81
CA LEU B 39 35.49 -24.78 25.51
C LEU B 39 36.27 -25.95 24.92
N PHE B 40 36.84 -25.73 23.74
CA PHE B 40 37.60 -26.77 23.09
C PHE B 40 39.07 -26.38 22.99
N ASN B 41 39.92 -27.40 23.04
CA ASN B 41 41.35 -27.21 22.94
C ASN B 41 41.79 -27.58 21.52
N ALA B 42 42.08 -26.58 20.70
CA ALA B 42 42.51 -26.88 19.34
C ALA B 42 43.86 -27.55 19.53
N GLU B 43 43.95 -28.80 19.10
CA GLU B 43 45.16 -29.63 19.22
C GLU B 43 44.64 -31.00 19.58
N HIS B 44 44.21 -31.14 20.82
CA HIS B 44 43.65 -32.39 21.31
C HIS B 44 42.17 -32.09 21.55
N GLY B 45 41.28 -32.90 20.99
CA GLY B 45 39.84 -32.69 21.17
C GLY B 45 39.43 -32.26 22.59
N ASN B 46 40.38 -32.31 23.52
CA ASN B 46 40.20 -31.92 24.93
C ASN B 46 39.06 -30.90 24.99
N SER B 47 37.92 -31.26 25.60
CA SER B 47 36.83 -30.29 25.67
C SER B 47 36.59 -29.85 27.11
N SER B 48 35.40 -29.33 27.38
CA SER B 48 35.03 -28.87 28.73
C SER B 48 33.83 -27.93 28.70
N ILE B 49 32.93 -28.08 29.67
CA ILE B 49 31.73 -27.22 29.73
C ILE B 49 32.11 -25.81 30.13
N PHE B 50 31.55 -24.81 29.45
CA PHE B 50 31.81 -23.41 29.76
C PHE B 50 30.55 -22.78 30.34
N LEU B 51 29.40 -23.13 29.76
CA LEU B 51 28.09 -22.65 30.20
C LEU B 51 27.14 -23.82 29.96
N GLU B 52 26.24 -24.06 30.92
CA GLU B 52 25.33 -25.20 30.82
C GLU B 52 24.01 -25.12 30.06
N ASN B 53 23.43 -26.30 29.79
CA ASN B 53 22.12 -26.43 29.13
C ASN B 53 21.36 -25.41 29.98
N SER B 54 21.81 -25.33 31.23
CA SER B 54 21.28 -24.43 32.25
C SER B 54 21.56 -22.97 31.89
N THR B 55 21.59 -22.11 32.91
CA THR B 55 21.85 -20.69 32.74
C THR B 55 20.87 -20.08 31.74
N PHE B 56 21.05 -20.41 30.46
CA PHE B 56 20.20 -19.91 29.39
C PHE B 56 18.70 -20.02 29.66
N GLU B 57 18.27 -21.09 30.31
CA GLU B 57 16.83 -21.27 30.56
C GLU B 57 16.20 -20.31 31.58
N ILE B 58 16.99 -19.65 32.42
CA ILE B 58 16.42 -18.73 33.41
C ILE B 58 15.60 -17.65 32.69
N PHE B 59 16.25 -16.95 31.76
CA PHE B 59 15.60 -15.91 30.99
C PHE B 59 14.71 -16.55 29.92
N GLY B 60 13.83 -17.44 30.37
CA GLY B 60 12.92 -18.14 29.48
C GLY B 60 13.58 -18.75 28.26
N ASP B 61 12.87 -18.69 27.14
CA ASP B 61 13.33 -19.21 25.87
C ASP B 61 13.59 -18.01 24.96
N SER B 62 13.61 -16.83 25.58
CA SER B 62 13.83 -15.59 24.86
C SER B 62 15.29 -15.22 24.79
N ILE B 63 16.18 -16.17 25.12
CA ILE B 63 17.62 -15.90 25.06
C ILE B 63 18.08 -15.89 23.60
N SER B 64 18.07 -14.70 23.03
CA SER B 64 18.46 -14.45 21.65
C SER B 64 19.92 -14.79 21.35
N ASP B 65 20.83 -14.48 22.26
CA ASP B 65 22.23 -14.73 22.00
C ASP B 65 23.06 -14.54 23.26
N TYR B 66 24.38 -14.71 23.14
CA TYR B 66 25.28 -14.57 24.27
C TYR B 66 26.64 -14.03 23.81
N SER B 67 27.31 -13.31 24.70
CA SER B 67 28.62 -12.74 24.37
C SER B 67 29.52 -12.80 25.58
N VAL B 68 30.60 -13.58 25.44
CA VAL B 68 31.57 -13.77 26.51
C VAL B 68 32.66 -12.69 26.51
N SER B 69 32.82 -12.01 27.65
CA SER B 69 33.85 -10.98 27.77
C SER B 69 35.16 -11.61 27.34
N PRO B 70 36.09 -10.82 26.79
CA PRO B 70 37.37 -11.42 26.38
C PRO B 70 38.17 -12.10 27.50
N ASP B 71 38.12 -11.54 28.70
CA ASP B 71 38.84 -12.13 29.83
C ASP B 71 38.05 -13.31 30.42
N ARG B 72 37.15 -13.84 29.61
CA ARG B 72 36.31 -14.98 29.97
C ARG B 72 35.72 -14.94 31.38
N LEU B 73 35.55 -13.75 31.93
CA LEU B 73 35.01 -13.66 33.27
C LEU B 73 33.52 -13.48 33.37
N PHE B 74 32.91 -12.84 32.36
CA PHE B 74 31.47 -12.63 32.35
C PHE B 74 30.86 -12.99 31.00
N VAL B 75 29.55 -13.14 30.99
CA VAL B 75 28.84 -13.47 29.77
C VAL B 75 27.60 -12.60 29.64
N LEU B 76 27.42 -12.02 28.46
CA LEU B 76 26.26 -11.18 28.17
C LEU B 76 25.13 -12.08 27.70
N LEU B 77 23.94 -11.87 28.25
CA LEU B 77 22.80 -12.68 27.85
C LEU B 77 21.76 -11.80 27.18
N GLU B 78 21.64 -11.96 25.87
CA GLU B 78 20.73 -11.19 25.05
C GLU B 78 19.36 -11.83 25.05
N TYR B 79 18.31 -11.03 25.14
CA TYR B 79 16.94 -11.54 25.14
C TYR B 79 15.94 -10.41 24.91
N ASN B 80 14.77 -10.74 24.38
CA ASN B 80 13.75 -9.75 24.06
C ASN B 80 14.19 -8.99 22.83
N TYR B 81 14.78 -9.75 21.92
CA TYR B 81 15.28 -9.26 20.65
C TYR B 81 14.12 -8.75 19.82
N VAL B 82 14.28 -7.53 19.30
CA VAL B 82 13.26 -6.93 18.46
C VAL B 82 13.98 -6.33 17.25
N LYS B 83 13.71 -6.89 16.08
CA LYS B 83 14.33 -6.44 14.84
C LYS B 83 13.91 -5.04 14.45
N GLN B 84 14.70 -4.43 13.58
CA GLN B 84 14.49 -3.08 13.08
C GLN B 84 15.53 -2.92 11.99
N TRP B 85 15.12 -2.95 10.72
CA TRP B 85 16.06 -2.82 9.59
C TRP B 85 16.91 -4.09 9.46
N ARG B 86 17.88 -4.02 8.56
CA ARG B 86 18.74 -5.17 8.29
C ARG B 86 19.52 -5.65 9.48
N HIS B 87 20.28 -4.76 10.11
CA HIS B 87 21.12 -5.16 11.24
C HIS B 87 20.71 -4.60 12.59
N SER B 88 20.02 -3.47 12.56
CA SER B 88 19.58 -2.85 13.80
C SER B 88 18.60 -3.78 14.53
N TYR B 89 18.44 -3.54 15.82
CA TYR B 89 17.54 -4.31 16.66
C TYR B 89 17.82 -3.93 18.10
N THR B 90 16.84 -4.16 18.97
CA THR B 90 16.99 -3.83 20.38
C THR B 90 16.64 -5.01 21.27
N ALA B 91 17.53 -5.31 22.20
CA ALA B 91 17.33 -6.40 23.14
C ALA B 91 17.47 -5.92 24.58
N SER B 92 17.36 -6.87 25.50
CA SER B 92 17.51 -6.62 26.93
C SER B 92 18.70 -7.48 27.32
N TYR B 93 19.47 -7.05 28.30
CA TYR B 93 20.64 -7.82 28.67
C TYR B 93 20.83 -8.11 30.14
N SER B 94 21.62 -9.15 30.41
CA SER B 94 21.95 -9.55 31.78
C SER B 94 23.40 -10.01 31.76
N ILE B 95 24.18 -9.55 32.73
CA ILE B 95 25.57 -9.94 32.80
C ILE B 95 25.65 -11.12 33.78
N TYR B 96 26.18 -12.24 33.31
CA TYR B 96 26.31 -13.40 34.17
C TYR B 96 27.76 -13.53 34.63
N ASP B 97 27.95 -13.54 35.95
CA ASP B 97 29.28 -13.65 36.51
C ASP B 97 29.70 -15.11 36.56
N LEU B 98 30.64 -15.50 35.70
CA LEU B 98 31.09 -16.88 35.69
C LEU B 98 31.66 -17.27 37.04
N ASN B 99 32.63 -16.48 37.51
CA ASN B 99 33.27 -16.75 38.79
C ASN B 99 32.33 -16.87 40.00
N LYS B 100 31.54 -15.83 40.25
CA LYS B 100 30.59 -15.80 41.36
C LYS B 100 29.40 -16.73 41.09
N ARG B 101 29.34 -17.25 39.86
CA ARG B 101 28.28 -18.16 39.43
C ARG B 101 26.84 -17.67 39.61
N GLN B 102 26.55 -16.48 39.11
CA GLN B 102 25.19 -15.94 39.19
C GLN B 102 25.06 -14.64 38.42
N LEU B 103 23.81 -14.20 38.24
CA LEU B 103 23.53 -12.98 37.49
C LEU B 103 23.72 -11.71 38.29
N ILE B 104 24.55 -10.82 37.75
CA ILE B 104 24.81 -9.53 38.37
C ILE B 104 23.47 -8.85 38.33
N THR B 105 23.04 -8.36 39.47
CA THR B 105 21.74 -7.74 39.58
C THR B 105 21.76 -6.25 39.93
N GLU B 106 22.88 -5.78 40.46
CA GLU B 106 23.03 -4.38 40.87
C GLU B 106 22.77 -3.33 39.80
N GLU B 107 23.84 -2.76 39.25
CA GLU B 107 23.74 -1.74 38.22
C GLU B 107 23.40 -2.39 36.89
N LYS B 108 22.13 -2.72 36.69
CA LYS B 108 21.70 -3.38 35.44
C LYS B 108 21.91 -2.54 34.19
N ILE B 109 21.50 -3.09 33.06
CA ILE B 109 21.64 -2.41 31.79
C ILE B 109 20.28 -2.22 31.11
N PRO B 110 19.91 -0.96 30.83
CA PRO B 110 18.65 -0.49 30.20
C PRO B 110 17.92 -1.55 29.42
N ASN B 111 16.66 -1.75 29.77
CA ASN B 111 15.83 -2.77 29.13
C ASN B 111 15.44 -2.50 27.70
N ASN B 112 16.26 -1.75 26.98
CA ASN B 112 15.93 -1.48 25.60
C ASN B 112 17.13 -1.10 24.76
N THR B 113 18.29 -1.60 25.14
CA THR B 113 19.52 -1.27 24.48
C THR B 113 19.50 -1.48 22.97
N GLN B 114 20.13 -0.55 22.27
CA GLN B 114 20.24 -0.55 20.82
C GLN B 114 21.54 -1.20 20.41
N TRP B 115 22.52 -1.18 21.31
CA TRP B 115 23.81 -1.77 21.01
C TRP B 115 24.70 -1.92 22.23
N ILE B 116 25.50 -2.97 22.25
CA ILE B 116 26.40 -3.20 23.38
C ILE B 116 27.61 -4.04 22.95
N THR B 117 28.72 -3.88 23.67
CA THR B 117 29.92 -4.63 23.34
C THR B 117 31.00 -4.52 24.39
N TRP B 118 31.77 -5.59 24.54
CA TRP B 118 32.86 -5.61 25.49
C TRP B 118 34.01 -4.85 24.85
N SER B 119 35.02 -4.55 25.65
CA SER B 119 36.19 -3.89 25.14
C SER B 119 36.93 -5.04 24.46
N GLN B 120 38.09 -4.78 23.87
CA GLN B 120 38.83 -5.86 23.24
C GLN B 120 39.60 -6.63 24.34
N GLU B 121 39.76 -5.99 25.50
CA GLU B 121 40.54 -6.53 26.61
C GLU B 121 39.82 -7.19 27.78
N GLY B 122 39.54 -6.41 28.82
CA GLY B 122 38.92 -6.96 30.01
C GLY B 122 37.43 -7.20 29.99
N HIS B 123 36.72 -6.47 30.83
CA HIS B 123 35.28 -6.59 30.94
C HIS B 123 34.61 -5.21 30.88
N LYS B 124 35.18 -4.34 30.05
CA LYS B 124 34.60 -3.03 29.89
C LYS B 124 33.44 -3.16 28.93
N LEU B 125 32.39 -2.40 29.20
CA LEU B 125 31.21 -2.41 28.36
C LEU B 125 30.86 -1.00 27.88
N ALA B 126 30.43 -0.92 26.63
CA ALA B 126 30.01 0.33 26.03
C ALA B 126 28.71 -0.06 25.35
N TYR B 127 27.65 0.70 25.62
CA TYR B 127 26.36 0.41 25.01
C TYR B 127 25.59 1.68 24.70
N VAL B 128 24.79 1.64 23.64
CA VAL B 128 24.01 2.79 23.24
C VAL B 128 22.58 2.54 23.61
N TRP B 129 21.96 3.54 24.21
CA TRP B 129 20.58 3.43 24.65
C TRP B 129 19.98 4.82 24.50
N LYS B 130 18.84 4.91 23.81
CA LYS B 130 18.21 6.20 23.58
C LYS B 130 19.17 7.08 22.78
N ASN B 131 19.89 6.47 21.85
CA ASN B 131 20.83 7.20 21.00
C ASN B 131 22.04 7.81 21.68
N ASP B 132 22.23 7.46 22.95
CA ASP B 132 23.37 7.97 23.72
C ASP B 132 24.28 6.83 24.14
N ILE B 133 25.58 7.15 24.20
CA ILE B 133 26.62 6.18 24.59
C ILE B 133 26.85 6.15 26.09
N TYR B 134 26.94 4.94 26.64
CA TYR B 134 27.19 4.74 28.07
C TYR B 134 28.34 3.77 28.28
N VAL B 135 29.02 3.89 29.41
CA VAL B 135 30.15 3.01 29.73
C VAL B 135 30.12 2.46 31.16
N LYS B 136 30.58 1.22 31.30
CA LYS B 136 30.66 0.56 32.61
C LYS B 136 32.04 -0.03 32.69
N ILE B 137 32.93 0.59 33.46
CA ILE B 137 34.30 0.08 33.55
C ILE B 137 34.33 -1.40 33.91
N GLU B 138 33.37 -1.84 34.71
CA GLU B 138 33.26 -3.23 35.11
C GLU B 138 31.77 -3.52 35.38
N PRO B 139 31.31 -4.75 35.08
CA PRO B 139 29.93 -5.25 35.25
C PRO B 139 29.09 -4.90 36.47
N HIS B 140 29.69 -4.87 37.66
CA HIS B 140 28.95 -4.57 38.89
C HIS B 140 28.81 -3.08 39.11
N LEU B 141 29.68 -2.31 38.46
CA LEU B 141 29.71 -0.85 38.58
C LEU B 141 28.66 -0.12 37.76
N PRO B 142 28.41 1.15 38.12
CA PRO B 142 27.44 2.02 37.47
C PRO B 142 27.83 2.61 36.12
N SER B 143 26.81 2.93 35.32
CA SER B 143 26.98 3.49 34.00
C SER B 143 27.46 4.93 34.00
N HIS B 144 28.36 5.24 33.08
CA HIS B 144 28.89 6.60 32.92
C HIS B 144 28.38 7.08 31.57
N ARG B 145 27.48 8.06 31.58
CA ARG B 145 26.94 8.56 30.34
C ARG B 145 27.98 9.39 29.59
N ILE B 146 28.28 8.97 28.37
CA ILE B 146 29.27 9.64 27.53
C ILE B 146 28.70 10.75 26.66
N THR B 147 27.49 10.56 26.16
CA THR B 147 26.86 11.59 25.32
C THR B 147 25.44 11.86 25.81
N SER B 148 24.84 12.94 25.32
CA SER B 148 23.49 13.30 25.73
C SER B 148 22.76 14.07 24.62
N THR B 149 23.47 14.29 23.52
CA THR B 149 22.94 15.00 22.36
C THR B 149 21.97 14.07 21.64
N GLY B 150 21.99 12.80 22.05
CA GLY B 150 21.14 11.79 21.43
C GLY B 150 19.68 12.14 21.29
N LYS B 151 19.09 11.75 20.17
CA LYS B 151 17.67 12.00 19.90
C LYS B 151 17.17 11.22 18.70
N GLU B 152 16.05 10.52 18.89
CA GLU B 152 15.47 9.70 17.83
C GLU B 152 15.30 10.35 16.46
N ASN B 153 15.71 9.62 15.43
CA ASN B 153 15.64 10.07 14.05
C ASN B 153 16.28 11.43 13.82
N VAL B 154 17.18 11.82 14.71
CA VAL B 154 17.86 13.09 14.56
C VAL B 154 19.34 12.98 14.87
N ILE B 155 19.68 12.68 16.12
CA ILE B 155 21.08 12.56 16.48
C ILE B 155 21.43 11.15 16.90
N PHE B 156 22.35 10.55 16.16
CA PHE B 156 22.77 9.20 16.46
C PHE B 156 24.18 9.19 17.02
N ASN B 157 24.33 8.68 18.25
CA ASN B 157 25.64 8.57 18.91
C ASN B 157 26.05 7.12 19.10
N GLY B 158 27.04 6.66 18.36
CA GLY B 158 27.49 5.29 18.55
C GLY B 158 26.74 4.21 17.79
N ILE B 159 25.76 4.62 16.98
CA ILE B 159 24.99 3.71 16.14
C ILE B 159 24.82 4.44 14.82
N ASN B 160 24.54 3.71 13.74
CA ASN B 160 24.37 4.34 12.43
C ASN B 160 22.91 4.69 12.11
N ASP B 161 22.70 5.74 11.31
CA ASP B 161 21.34 6.12 10.92
C ASP B 161 20.95 5.09 9.86
N TRP B 162 19.78 5.21 9.24
CA TRP B 162 19.40 4.19 8.29
C TRP B 162 20.37 3.93 7.15
N VAL B 163 20.70 4.97 6.38
CA VAL B 163 21.58 4.80 5.22
C VAL B 163 22.98 4.31 5.56
N TYR B 164 23.54 4.77 6.67
CA TYR B 164 24.89 4.34 7.05
C TYR B 164 24.90 2.86 7.42
N GLU B 165 23.91 2.46 8.20
CA GLU B 165 23.77 1.10 8.65
C GLU B 165 23.65 0.17 7.45
N GLU B 166 22.86 0.58 6.48
CA GLU B 166 22.61 -0.19 5.28
C GLU B 166 23.70 -0.17 4.20
N GLU B 167 24.14 1.05 3.82
CA GLU B 167 25.11 1.21 2.75
C GLU B 167 26.59 1.44 3.05
N ILE B 168 26.92 1.95 4.23
CA ILE B 168 28.33 2.19 4.52
C ILE B 168 28.98 1.16 5.43
N PHE B 169 28.49 1.04 6.65
CA PHE B 169 29.10 0.11 7.57
C PHE B 169 28.61 -1.32 7.56
N GLY B 170 27.34 -1.52 7.27
CA GLY B 170 26.86 -2.88 7.26
C GLY B 170 26.35 -3.37 8.59
N ALA B 171 26.47 -2.56 9.64
CA ALA B 171 25.96 -2.95 10.95
C ALA B 171 25.39 -1.74 11.67
N TYR B 172 24.79 -1.99 12.82
CA TYR B 172 24.18 -0.92 13.59
C TYR B 172 25.24 -0.13 14.35
N SER B 173 26.29 -0.85 14.76
CA SER B 173 27.36 -0.26 15.55
C SER B 173 28.21 0.86 14.94
N ALA B 174 28.52 1.85 15.77
CA ALA B 174 29.35 2.98 15.38
C ALA B 174 30.27 3.30 16.57
N LEU B 175 30.71 2.25 17.26
CA LEU B 175 31.63 2.33 18.41
C LEU B 175 32.90 1.55 18.06
N TRP B 176 34.02 1.93 18.68
CA TRP B 176 35.28 1.27 18.44
C TRP B 176 36.21 1.37 19.64
N TRP B 177 36.36 0.29 20.41
CA TRP B 177 37.25 0.31 21.55
C TRP B 177 38.69 0.23 21.04
N SER B 178 39.58 1.01 21.65
CA SER B 178 40.97 0.97 21.26
C SER B 178 41.53 -0.26 21.99
N PRO B 179 42.67 -0.80 21.53
CA PRO B 179 43.20 -1.97 22.23
C PRO B 179 43.59 -1.43 23.60
N ASN B 180 43.65 -2.30 24.61
CA ASN B 180 44.00 -1.84 25.96
C ASN B 180 42.93 -0.89 26.52
N GLY B 181 41.77 -0.89 25.85
CA GLY B 181 40.62 -0.09 26.26
C GLY B 181 40.72 1.28 26.91
N THR B 182 41.75 2.03 26.56
CA THR B 182 41.90 3.36 27.15
C THR B 182 40.89 4.32 26.51
N PHE B 183 40.81 4.30 25.18
CA PHE B 183 39.88 5.17 24.48
C PHE B 183 38.69 4.44 23.92
N LEU B 184 37.69 5.22 23.53
CA LEU B 184 36.49 4.70 22.92
C LEU B 184 36.14 5.70 21.83
N ALA B 185 36.27 5.27 20.59
CA ALA B 185 35.98 6.13 19.46
C ALA B 185 34.54 5.88 19.03
N TYR B 186 33.89 6.93 18.54
CA TYR B 186 32.53 6.77 18.09
C TYR B 186 32.18 7.82 17.06
N ALA B 187 31.17 7.53 16.25
CA ALA B 187 30.73 8.46 15.22
C ALA B 187 29.39 9.01 15.67
N GLN B 188 29.07 10.20 15.18
CA GLN B 188 27.82 10.84 15.50
C GLN B 188 27.17 11.35 14.23
N PHE B 189 25.90 11.03 14.03
CA PHE B 189 25.23 11.44 12.82
C PHE B 189 24.04 12.35 13.08
N ASN B 190 23.97 13.43 12.30
CA ASN B 190 22.88 14.42 12.37
C ASN B 190 22.05 14.13 11.11
N ASP B 191 20.80 13.70 11.31
CA ASP B 191 19.89 13.36 10.20
C ASP B 191 19.01 14.54 9.87
N THR B 192 19.28 15.66 10.52
CA THR B 192 18.45 16.83 10.36
C THR B 192 17.86 17.20 9.00
N GLY B 193 18.68 17.55 8.04
CA GLY B 193 18.10 17.91 6.75
C GLY B 193 17.59 16.75 5.89
N VAL B 194 17.86 15.52 6.31
CA VAL B 194 17.44 14.37 5.54
C VAL B 194 15.93 14.22 5.54
N PRO B 195 15.33 14.08 4.34
CA PRO B 195 13.89 13.93 4.09
C PRO B 195 13.33 12.66 4.71
N LEU B 196 12.00 12.56 4.79
CA LEU B 196 11.42 11.36 5.38
C LEU B 196 10.59 10.53 4.39
N ILE B 197 10.53 9.22 4.62
CA ILE B 197 9.72 8.32 3.80
C ILE B 197 8.80 7.78 4.90
N GLU B 198 7.50 7.67 4.62
CA GLU B 198 6.57 7.21 5.65
C GLU B 198 5.52 6.21 5.18
N TYR B 199 5.83 4.92 5.36
CA TYR B 199 4.94 3.82 5.03
C TYR B 199 3.97 3.43 6.18
N SER B 200 2.88 2.76 5.84
CA SER B 200 1.91 2.37 6.86
C SER B 200 2.14 0.97 7.42
N PHE B 201 1.72 0.79 8.67
CA PHE B 201 1.85 -0.51 9.34
C PHE B 201 0.49 -0.89 9.90
N TYR B 202 0.01 -2.07 9.56
CA TYR B 202 -1.31 -2.49 10.01
C TYR B 202 -1.40 -3.28 11.29
N SER B 203 -0.41 -4.12 11.54
CA SER B 203 -0.39 -4.88 12.78
C SER B 203 -1.62 -5.76 12.96
N ASP B 204 -1.75 -6.36 14.14
CA ASP B 204 -2.88 -7.24 14.45
C ASP B 204 -4.18 -6.63 14.01
N GLU B 205 -5.09 -7.49 13.57
CA GLU B 205 -6.36 -7.00 13.08
C GLU B 205 -7.16 -6.27 14.14
N SER B 206 -6.62 -6.21 15.35
CA SER B 206 -7.31 -5.53 16.44
C SER B 206 -7.01 -4.03 16.44
N LEU B 207 -5.87 -3.64 15.86
CA LEU B 207 -5.52 -2.23 15.80
C LEU B 207 -6.54 -1.58 14.89
N GLN B 208 -7.35 -0.67 15.43
CA GLN B 208 -8.37 -0.01 14.65
C GLN B 208 -7.80 0.99 13.62
N TYR B 209 -6.75 1.72 13.99
CA TYR B 209 -6.14 2.68 13.07
C TYR B 209 -4.68 2.33 12.77
N PRO B 210 -4.37 2.04 11.51
CA PRO B 210 -2.98 1.70 11.16
C PRO B 210 -1.95 2.73 11.56
N LYS B 211 -0.78 2.27 12.01
CA LYS B 211 0.29 3.18 12.42
C LYS B 211 0.98 3.75 11.19
N THR B 212 1.96 4.61 11.42
CA THR B 212 2.75 5.18 10.35
C THR B 212 4.20 5.23 10.82
N VAL B 213 5.10 4.67 10.03
CA VAL B 213 6.51 4.64 10.38
C VAL B 213 7.23 5.64 9.50
N TRP B 214 8.00 6.53 10.12
CA TRP B 214 8.77 7.51 9.36
C TRP B 214 10.25 7.21 9.50
N ILE B 215 11.01 7.46 8.44
CA ILE B 215 12.43 7.21 8.50
C ILE B 215 13.22 8.22 7.71
N PRO B 216 14.21 8.85 8.35
CA PRO B 216 14.98 9.81 7.55
C PRO B 216 15.79 8.96 6.57
N TYR B 217 15.36 9.01 5.31
CA TYR B 217 15.94 8.24 4.21
C TYR B 217 16.32 9.14 3.04
N PRO B 218 17.61 9.22 2.71
CA PRO B 218 18.00 10.08 1.58
C PRO B 218 18.02 9.39 0.21
N LYS B 219 17.08 9.74 -0.65
CA LYS B 219 17.03 9.15 -1.99
C LYS B 219 18.08 9.84 -2.85
N ALA B 220 18.37 9.28 -4.01
CA ALA B 220 19.40 9.85 -4.88
C ALA B 220 19.33 11.37 -4.98
N GLY B 221 20.48 12.02 -4.77
CA GLY B 221 20.56 13.46 -4.84
C GLY B 221 20.06 14.26 -3.64
N ALA B 222 19.25 13.64 -2.79
CA ALA B 222 18.70 14.31 -1.62
C ALA B 222 19.78 14.69 -0.60
N VAL B 223 19.41 15.52 0.35
CA VAL B 223 20.35 15.95 1.39
C VAL B 223 20.71 14.75 2.29
N ASN B 224 22.01 14.51 2.48
CA ASN B 224 22.47 13.39 3.32
C ASN B 224 22.73 13.73 4.77
N PRO B 225 22.85 12.71 5.62
CA PRO B 225 23.11 12.99 7.03
C PRO B 225 24.55 13.49 7.11
N THR B 226 24.94 14.01 8.27
CA THR B 226 26.29 14.51 8.43
C THR B 226 27.02 13.72 9.51
N VAL B 227 28.35 13.74 9.48
CA VAL B 227 29.13 12.97 10.45
C VAL B 227 30.07 13.79 11.31
N LYS B 228 30.54 13.16 12.36
CA LYS B 228 31.50 13.74 13.28
C LYS B 228 32.14 12.57 13.99
N PHE B 229 33.45 12.64 14.17
CA PHE B 229 34.17 11.56 14.83
C PHE B 229 34.78 11.98 16.16
N PHE B 230 34.50 11.19 17.20
CA PHE B 230 35.03 11.48 18.52
C PHE B 230 35.78 10.30 19.12
N ILE B 231 36.60 10.60 20.12
CA ILE B 231 37.37 9.62 20.87
C ILE B 231 37.36 10.16 22.29
N VAL B 232 36.71 9.45 23.19
CA VAL B 232 36.63 9.87 24.59
C VAL B 232 37.54 8.99 25.41
N ASN B 233 38.22 9.59 26.39
CA ASN B 233 39.13 8.86 27.26
C ASN B 233 38.40 8.13 28.40
N THR B 234 38.34 6.81 28.28
CA THR B 234 37.67 5.96 29.25
C THR B 234 38.20 5.99 30.68
N ASP B 235 39.52 6.15 30.83
CA ASP B 235 40.16 6.15 32.15
C ASP B 235 39.77 7.28 33.13
N SER B 236 39.39 8.44 32.63
CA SER B 236 39.06 9.54 33.53
C SER B 236 37.71 9.41 34.22
N LEU B 237 36.75 8.78 33.55
CA LEU B 237 35.38 8.63 34.07
C LEU B 237 35.15 8.65 35.57
N SER B 238 35.92 7.84 36.30
CA SER B 238 35.78 7.74 37.75
C SER B 238 36.04 9.03 38.54
N SER B 239 36.74 9.97 37.91
CA SER B 239 37.10 11.23 38.57
C SER B 239 36.41 12.45 38.03
N THR B 240 35.27 12.26 37.35
CA THR B 240 34.52 13.39 36.78
C THR B 240 33.07 13.04 36.73
N THR B 241 32.23 14.06 36.56
CA THR B 241 30.81 13.82 36.41
C THR B 241 30.66 13.67 34.90
N THR B 242 31.54 14.36 34.17
CA THR B 242 31.53 14.32 32.71
C THR B 242 32.92 14.35 32.10
N THR B 243 33.08 13.69 30.96
CA THR B 243 34.36 13.72 30.28
C THR B 243 34.13 14.46 28.98
N ILE B 244 35.18 15.09 28.45
CA ILE B 244 35.02 15.81 27.21
C ILE B 244 35.71 15.09 26.07
N PRO B 245 34.92 14.42 25.22
CA PRO B 245 35.47 13.69 24.09
C PRO B 245 36.21 14.64 23.14
N MET B 246 37.27 14.12 22.52
CA MET B 246 38.02 14.92 21.57
C MET B 246 37.52 14.54 20.18
N GLN B 247 37.41 15.52 19.30
CA GLN B 247 36.91 15.29 17.96
C GLN B 247 38.01 15.29 16.91
N ILE B 248 37.87 14.41 15.93
CA ILE B 248 38.81 14.34 14.83
C ILE B 248 38.00 14.90 13.68
N THR B 249 38.63 15.71 12.85
CA THR B 249 37.89 16.29 11.76
C THR B 249 38.41 15.76 10.42
N ALA B 250 37.51 15.19 9.63
CA ALA B 250 37.90 14.64 8.36
C ALA B 250 38.91 15.52 7.62
N PRO B 251 39.76 14.90 6.79
CA PRO B 251 40.77 15.63 6.01
C PRO B 251 40.18 16.68 5.04
N ALA B 252 40.86 17.80 4.92
CA ALA B 252 40.46 18.92 4.07
C ALA B 252 39.94 18.56 2.68
N SER B 253 40.65 17.68 1.99
CA SER B 253 40.26 17.28 0.65
C SER B 253 38.92 16.55 0.61
N VAL B 254 38.17 16.62 1.70
CA VAL B 254 36.89 15.94 1.80
C VAL B 254 35.76 16.84 2.37
N THR B 255 36.18 17.81 3.17
CA THR B 255 35.30 18.76 3.86
C THR B 255 34.63 19.85 3.02
N THR B 256 35.04 20.01 1.77
CA THR B 256 34.47 21.06 0.92
C THR B 256 32.98 20.90 0.65
N GLY B 257 32.54 19.63 0.51
CA GLY B 257 31.15 19.34 0.24
C GLY B 257 30.74 18.02 0.88
N ASP B 258 29.53 17.55 0.55
CA ASP B 258 29.01 16.30 1.10
C ASP B 258 30.09 15.21 1.07
N HIS B 259 30.11 14.35 2.09
CA HIS B 259 31.10 13.27 2.16
C HIS B 259 30.68 12.23 3.20
N TYR B 260 31.35 11.09 3.26
CA TYR B 260 31.00 10.08 4.25
C TYR B 260 32.22 9.50 4.95
N LEU B 261 31.97 8.87 6.10
CA LEU B 261 33.01 8.20 6.87
C LEU B 261 32.96 6.74 6.37
N CYS B 262 34.06 6.29 5.76
CA CYS B 262 34.16 4.95 5.18
C CYS B 262 34.39 3.80 6.11
N ASP B 263 35.44 3.91 6.92
CA ASP B 263 35.81 2.84 7.82
C ASP B 263 36.75 3.30 8.94
N VAL B 264 36.65 2.63 10.07
CA VAL B 264 37.47 2.91 11.26
C VAL B 264 38.29 1.66 11.59
N ALA B 265 39.54 1.88 11.97
CA ALA B 265 40.43 0.77 12.30
C ALA B 265 41.53 1.23 13.27
N TRP B 266 41.52 0.69 14.50
CA TRP B 266 42.55 1.05 15.49
C TRP B 266 43.91 0.40 15.16
N VAL B 267 44.96 1.18 14.93
CA VAL B 267 46.28 0.64 14.62
C VAL B 267 46.96 0.13 15.88
N SER B 268 47.20 1.03 16.82
CA SER B 268 47.79 0.65 18.10
C SER B 268 46.92 1.42 19.06
N GLU B 269 47.42 1.75 20.25
CA GLU B 269 46.54 2.49 21.15
C GLU B 269 46.77 3.99 21.21
N ASP B 270 47.65 4.48 20.33
CA ASP B 270 47.94 5.90 20.23
C ASP B 270 47.85 6.26 18.77
N ARG B 271 47.31 5.34 17.99
CA ARG B 271 47.16 5.54 16.56
C ARG B 271 45.89 4.86 16.07
N ILE B 272 45.12 5.61 15.30
CA ILE B 272 43.87 5.11 14.75
C ILE B 272 43.83 5.43 13.25
N SER B 273 43.09 4.61 12.50
CA SER B 273 42.98 4.77 11.06
C SER B 273 41.53 5.02 10.62
N LEU B 274 41.30 6.15 9.98
CA LEU B 274 39.97 6.51 9.49
C LEU B 274 40.00 6.64 7.97
N GLN B 275 38.94 6.19 7.32
CA GLN B 275 38.82 6.28 5.87
C GLN B 275 37.62 7.15 5.56
N TRP B 276 37.83 8.15 4.72
CA TRP B 276 36.76 9.06 4.34
C TRP B 276 36.49 8.98 2.85
N LEU B 277 35.26 9.30 2.47
CA LEU B 277 34.86 9.22 1.07
C LEU B 277 34.04 10.43 0.66
N ARG B 278 34.27 10.94 -0.55
CA ARG B 278 33.49 12.07 -1.05
C ARG B 278 32.12 11.57 -1.46
N ARG B 279 31.12 12.45 -1.51
CA ARG B 279 29.76 12.03 -1.88
C ARG B 279 29.79 11.29 -3.22
N ILE B 280 30.66 11.77 -4.09
CA ILE B 280 30.89 11.17 -5.40
C ILE B 280 32.09 10.28 -5.11
N GLN B 281 31.84 8.99 -4.91
CA GLN B 281 32.86 8.00 -4.56
C GLN B 281 34.02 7.74 -5.56
N ASN B 282 34.35 8.81 -6.26
CA ASN B 282 35.42 8.97 -7.26
C ASN B 282 36.74 9.01 -6.43
N TYR B 283 36.67 9.71 -5.28
CA TYR B 283 37.78 9.96 -4.36
C TYR B 283 37.65 9.41 -2.94
N SER B 284 38.78 9.02 -2.36
CA SER B 284 38.82 8.49 -1.00
C SER B 284 40.15 8.82 -0.29
N VAL B 285 40.09 9.09 1.02
CA VAL B 285 41.30 9.40 1.79
C VAL B 285 41.30 8.63 3.09
N MET B 286 42.45 8.05 3.42
CA MET B 286 42.59 7.27 4.65
C MET B 286 43.63 7.92 5.50
N ALA B 287 43.21 8.72 6.48
CA ALA B 287 44.16 9.39 7.35
C ALA B 287 44.53 8.51 8.54
N ILE B 288 45.77 8.68 9.00
CA ILE B 288 46.27 7.96 10.15
C ILE B 288 46.46 9.04 11.20
N CYS B 289 45.91 8.82 12.39
CA CYS B 289 46.02 9.82 13.44
C CYS B 289 46.72 9.33 14.68
N ASP B 290 47.52 10.22 15.26
CA ASP B 290 48.29 9.90 16.46
C ASP B 290 47.82 10.71 17.66
N TYR B 291 47.87 10.06 18.82
CA TYR B 291 47.47 10.70 20.05
C TYR B 291 48.63 11.46 20.67
N ASP B 292 48.47 12.77 20.83
CA ASP B 292 49.47 13.64 21.44
C ASP B 292 49.33 13.56 22.97
N LYS B 293 50.34 13.05 23.66
CA LYS B 293 50.29 12.94 25.12
C LYS B 293 50.27 14.31 25.80
N THR B 294 51.07 15.23 25.26
CA THR B 294 51.19 16.59 25.80
C THR B 294 49.91 17.40 25.76
N THR B 295 49.49 17.78 24.57
CA THR B 295 48.29 18.59 24.39
C THR B 295 46.97 17.79 24.44
N LEU B 296 47.08 16.48 24.66
CA LEU B 296 45.91 15.58 24.74
C LEU B 296 44.95 15.83 23.58
N VAL B 297 45.44 15.57 22.37
CA VAL B 297 44.68 15.79 21.15
C VAL B 297 45.15 14.79 20.10
N TRP B 298 44.29 14.49 19.13
CA TRP B 298 44.70 13.57 18.06
C TRP B 298 45.11 14.40 16.84
N ASN B 299 46.18 13.97 16.16
CA ASN B 299 46.64 14.68 14.99
C ASN B 299 46.58 13.77 13.79
N CYS B 300 46.12 14.32 12.66
CA CYS B 300 46.03 13.52 11.45
C CYS B 300 46.78 14.27 10.34
N PRO B 301 48.08 14.47 10.53
CA PRO B 301 48.99 15.15 9.59
C PRO B 301 48.81 14.70 8.17
N THR B 302 48.72 15.65 7.24
CA THR B 302 48.54 15.31 5.85
C THR B 302 49.65 14.40 5.32
N THR B 303 50.77 14.33 6.04
CA THR B 303 51.87 13.48 5.61
C THR B 303 51.50 12.00 5.68
N GLN B 304 50.49 11.69 6.48
CA GLN B 304 50.04 10.32 6.65
C GLN B 304 48.64 10.22 6.04
N GLU B 305 48.43 10.98 4.97
CA GLU B 305 47.14 11.03 4.32
C GLU B 305 46.71 9.81 3.52
N HIS B 306 47.43 9.47 2.45
CA HIS B 306 47.05 8.31 1.61
C HIS B 306 45.74 8.48 0.82
N ILE B 307 45.85 8.57 -0.50
CA ILE B 307 44.69 8.77 -1.37
C ILE B 307 44.37 7.62 -2.33
N GLU B 308 43.11 7.18 -2.32
CA GLU B 308 42.68 6.12 -3.22
C GLU B 308 41.78 6.79 -4.28
N THR B 309 41.93 6.38 -5.54
CA THR B 309 41.17 6.99 -6.60
C THR B 309 40.82 6.08 -7.75
N SER B 310 39.72 6.38 -8.44
CA SER B 310 39.28 5.56 -9.57
C SER B 310 38.88 6.39 -10.78
N ALA B 311 39.56 6.19 -11.91
CA ALA B 311 39.22 6.94 -13.11
C ALA B 311 38.22 6.19 -13.98
N THR B 312 37.85 4.99 -13.55
CA THR B 312 36.90 4.14 -14.28
C THR B 312 35.53 4.11 -13.63
N GLY B 313 35.51 4.20 -12.31
CA GLY B 313 34.24 4.17 -11.61
C GLY B 313 34.31 4.63 -10.17
N TRP B 314 34.10 3.72 -9.24
CA TRP B 314 34.12 4.07 -7.82
C TRP B 314 35.24 3.37 -7.09
N CYS B 315 35.48 3.78 -5.85
CA CYS B 315 36.52 3.17 -5.03
C CYS B 315 36.10 1.95 -4.29
N GLY B 316 36.83 0.86 -4.49
CA GLY B 316 36.53 -0.39 -3.81
C GLY B 316 35.41 -1.15 -4.47
N ARG B 317 35.06 -2.28 -3.87
CA ARG B 317 33.99 -3.12 -4.37
C ARG B 317 32.68 -2.43 -4.01
N PHE B 318 32.49 -2.15 -2.72
CA PHE B 318 31.31 -1.44 -2.26
C PHE B 318 31.76 -0.25 -1.39
N ARG B 319 33.08 -0.16 -1.24
CA ARG B 319 33.77 0.89 -0.49
C ARG B 319 35.22 0.48 -0.33
N PRO B 320 36.10 1.45 -0.02
CA PRO B 320 37.52 1.14 0.15
C PRO B 320 37.71 -0.04 1.07
N ALA B 321 38.66 -0.91 0.74
CA ALA B 321 38.95 -2.09 1.54
C ALA B 321 39.59 -1.66 2.86
N GLU B 322 39.56 -2.54 3.87
CA GLU B 322 40.13 -2.19 5.16
C GLU B 322 41.64 -2.39 5.27
N PRO B 323 42.32 -1.49 6.02
CA PRO B 323 43.77 -1.65 6.15
C PRO B 323 44.13 -2.67 7.25
N HIS B 324 45.28 -3.31 7.10
CA HIS B 324 45.76 -4.29 8.08
C HIS B 324 47.19 -3.90 8.45
N PHE B 325 47.32 -3.21 9.57
CA PHE B 325 48.61 -2.74 10.04
C PHE B 325 49.48 -3.80 10.70
N THR B 326 50.78 -3.52 10.74
CA THR B 326 51.75 -4.41 11.34
C THR B 326 51.72 -4.13 12.85
N SER B 327 52.43 -4.93 13.64
CA SER B 327 52.44 -4.73 15.08
C SER B 327 52.84 -3.31 15.44
N ASP B 328 54.03 -2.92 15.02
CA ASP B 328 54.56 -1.59 15.29
C ASP B 328 53.85 -0.52 14.47
N GLY B 329 52.77 -0.92 13.79
CA GLY B 329 51.99 0.01 12.98
C GLY B 329 52.77 0.89 12.04
N SER B 330 53.95 0.43 11.63
CA SER B 330 54.82 1.18 10.71
C SER B 330 54.34 1.11 9.27
N SER B 331 53.72 -0.03 8.93
CA SER B 331 53.22 -0.28 7.59
C SER B 331 51.88 -0.99 7.66
N PHE B 332 51.23 -1.10 6.52
CA PHE B 332 49.96 -1.79 6.46
C PHE B 332 49.67 -2.32 5.06
N TYR B 333 48.90 -3.40 5.00
CA TYR B 333 48.55 -3.99 3.72
C TYR B 333 47.07 -3.73 3.48
N LYS B 334 46.72 -3.49 2.21
CA LYS B 334 45.34 -3.19 1.86
C LYS B 334 45.06 -3.60 0.42
N ILE B 335 43.85 -4.11 0.17
CA ILE B 335 43.46 -4.55 -1.16
C ILE B 335 43.05 -3.38 -2.05
N VAL B 336 43.76 -3.19 -3.15
CA VAL B 336 43.44 -2.11 -4.09
C VAL B 336 43.70 -2.57 -5.52
N SER B 337 43.00 -1.96 -6.47
CA SER B 337 43.17 -2.32 -7.88
C SER B 337 44.58 -1.94 -8.34
N ASP B 338 45.22 -2.84 -9.08
CA ASP B 338 46.56 -2.57 -9.59
C ASP B 338 46.46 -1.87 -10.94
N LYS B 339 47.62 -1.63 -11.55
CA LYS B 339 47.66 -0.95 -12.84
C LYS B 339 46.69 -1.56 -13.85
N ASP B 340 46.34 -2.84 -13.70
CA ASP B 340 45.43 -3.52 -14.63
C ASP B 340 43.97 -3.61 -14.20
N GLY B 341 43.67 -3.09 -13.02
CA GLY B 341 42.30 -3.13 -12.55
C GLY B 341 41.97 -4.39 -11.78
N TYR B 342 42.98 -5.03 -11.21
CA TYR B 342 42.73 -6.24 -10.45
C TYR B 342 42.97 -5.99 -8.99
N LYS B 343 41.93 -6.16 -8.20
CA LYS B 343 42.02 -5.97 -6.76
C LYS B 343 43.07 -6.92 -6.16
N HIS B 344 44.21 -6.35 -5.75
CA HIS B 344 45.31 -7.09 -5.15
C HIS B 344 45.86 -6.47 -3.89
N ILE B 345 46.70 -7.23 -3.19
CA ILE B 345 47.29 -6.78 -1.94
C ILE B 345 48.60 -5.98 -2.12
N CYS B 346 48.72 -4.82 -1.49
CA CYS B 346 49.99 -4.11 -1.55
C CYS B 346 50.34 -3.36 -0.27
N GLN B 347 51.65 -3.17 -0.05
CA GLN B 347 52.18 -2.51 1.13
C GLN B 347 52.21 -1.00 1.06
N PHE B 348 51.98 -0.41 2.22
CA PHE B 348 51.98 1.02 2.41
C PHE B 348 52.84 1.30 3.63
N GLN B 349 53.33 2.53 3.69
CA GLN B 349 54.14 3.00 4.80
C GLN B 349 53.25 4.05 5.45
N LYS B 350 53.25 4.14 6.77
CA LYS B 350 52.39 5.13 7.42
C LYS B 350 52.44 6.47 6.67
N ASP B 351 53.64 6.94 6.34
CA ASP B 351 53.76 8.21 5.61
C ASP B 351 53.59 7.97 4.10
N ARG B 352 52.73 8.75 3.46
CA ARG B 352 52.50 8.60 2.02
C ARG B 352 53.74 8.97 1.24
N LYS B 353 53.91 8.35 0.08
CA LYS B 353 55.05 8.61 -0.80
C LYS B 353 54.53 9.03 -2.17
N PRO B 354 55.06 10.12 -2.74
CA PRO B 354 54.66 10.64 -4.05
C PRO B 354 54.46 9.65 -5.21
N GLU B 355 53.22 9.18 -5.37
CA GLU B 355 52.85 8.25 -6.43
C GLU B 355 53.64 6.94 -6.39
N GLN B 356 53.81 6.40 -5.20
CA GLN B 356 54.55 5.16 -4.99
C GLN B 356 54.10 4.60 -3.65
N VAL B 357 52.98 5.11 -3.14
CA VAL B 357 52.46 4.68 -1.83
C VAL B 357 52.29 3.16 -1.75
N CYS B 358 52.16 2.50 -2.90
CA CYS B 358 51.98 1.04 -2.90
C CYS B 358 53.06 0.22 -3.55
N THR B 359 53.15 -1.01 -3.08
CA THR B 359 54.09 -2.00 -3.60
C THR B 359 53.23 -3.26 -3.59
N PHE B 360 52.82 -3.70 -4.77
CA PHE B 360 51.98 -4.88 -4.80
C PHE B 360 52.70 -6.16 -4.43
N ILE B 361 52.01 -6.99 -3.66
CA ILE B 361 52.51 -8.26 -3.19
C ILE B 361 51.79 -9.37 -3.97
N THR B 362 50.89 -8.94 -4.86
CA THR B 362 50.11 -9.88 -5.65
C THR B 362 49.88 -9.35 -7.07
N LYS B 363 49.95 -10.26 -8.04
CA LYS B 363 49.76 -9.92 -9.45
C LYS B 363 48.94 -11.05 -10.08
N GLY B 364 48.33 -10.76 -11.23
CA GLY B 364 47.55 -11.78 -11.91
C GLY B 364 46.14 -11.37 -12.31
N ALA B 365 45.54 -12.14 -13.22
CA ALA B 365 44.18 -11.87 -13.68
C ALA B 365 43.22 -12.66 -12.80
N TRP B 366 43.24 -12.31 -11.53
CA TRP B 366 42.38 -12.90 -10.53
C TRP B 366 42.43 -11.84 -9.44
N GLU B 367 41.62 -11.98 -8.40
CA GLU B 367 41.63 -10.96 -7.36
C GLU B 367 41.70 -11.53 -5.96
N VAL B 368 42.16 -10.71 -5.02
CA VAL B 368 42.21 -11.11 -3.62
C VAL B 368 40.87 -10.74 -3.05
N ILE B 369 40.15 -11.74 -2.54
CA ILE B 369 38.84 -11.49 -1.97
C ILE B 369 38.96 -10.73 -0.66
N SER B 370 39.87 -11.16 0.20
CA SER B 370 40.02 -10.52 1.49
C SER B 370 41.25 -10.97 2.26
N ILE B 371 41.75 -10.09 3.12
CA ILE B 371 42.89 -10.40 3.97
C ILE B 371 42.33 -11.02 5.25
N GLU B 372 42.83 -12.19 5.63
CA GLU B 372 42.31 -12.87 6.82
C GLU B 372 43.11 -12.77 8.11
N ALA B 373 44.41 -12.51 8.01
CA ALA B 373 45.24 -12.40 9.20
C ALA B 373 46.63 -11.94 8.82
N LEU B 374 47.29 -11.22 9.72
CA LEU B 374 48.64 -10.73 9.46
C LEU B 374 49.55 -11.02 10.63
N THR B 375 50.38 -12.04 10.44
CA THR B 375 51.36 -12.47 11.43
C THR B 375 52.59 -11.58 11.29
N SER B 376 53.54 -11.77 12.19
CA SER B 376 54.78 -11.03 12.17
C SER B 376 55.61 -11.44 10.95
N ASP B 377 55.26 -12.58 10.37
CA ASP B 377 55.99 -13.11 9.22
C ASP B 377 55.09 -13.58 8.09
N TYR B 378 53.81 -13.80 8.38
CA TYR B 378 52.86 -14.28 7.39
C TYR B 378 51.61 -13.42 7.18
N LEU B 379 51.10 -13.45 5.95
CA LEU B 379 49.88 -12.74 5.60
C LEU B 379 48.92 -13.73 4.95
N TYR B 380 47.91 -14.18 5.70
CA TYR B 380 46.92 -15.14 5.19
C TYR B 380 45.79 -14.39 4.51
N TYR B 381 45.44 -14.80 3.30
CA TYR B 381 44.37 -14.14 2.58
C TYR B 381 43.50 -15.15 1.83
N ILE B 382 42.53 -14.66 1.06
CA ILE B 382 41.64 -15.53 0.29
C ILE B 382 41.46 -15.01 -1.13
N SER B 383 41.70 -15.85 -2.13
CA SER B 383 41.53 -15.43 -3.51
C SER B 383 40.80 -16.45 -4.39
N ASN B 384 40.45 -16.02 -5.59
CA ASN B 384 39.74 -16.86 -6.53
C ASN B 384 40.71 -17.20 -7.64
N GLU B 385 41.99 -17.22 -7.29
CA GLU B 385 43.08 -17.50 -8.23
C GLU B 385 43.09 -18.91 -8.80
N TYR B 386 43.08 -19.91 -7.91
CA TYR B 386 43.13 -21.32 -8.30
C TYR B 386 42.22 -21.71 -9.45
N LYS B 387 42.76 -22.53 -10.35
CA LYS B 387 42.05 -23.02 -11.54
C LYS B 387 41.33 -21.93 -12.33
N GLU B 388 41.86 -20.71 -12.31
CA GLU B 388 41.26 -19.59 -13.01
C GLU B 388 39.74 -19.51 -12.82
N MET B 389 39.26 -19.93 -11.65
CA MET B 389 37.84 -19.90 -11.34
C MET B 389 37.50 -18.71 -10.46
N PRO B 390 36.95 -17.63 -11.05
CA PRO B 390 36.60 -16.44 -10.26
C PRO B 390 35.46 -16.77 -9.31
N GLY B 391 34.79 -17.87 -9.57
CA GLY B 391 33.68 -18.28 -8.73
C GLY B 391 34.10 -19.19 -7.58
N GLY B 392 35.41 -19.45 -7.47
CA GLY B 392 35.88 -20.32 -6.40
C GLY B 392 36.57 -19.53 -5.28
N ARG B 393 36.68 -20.12 -4.10
CA ARG B 393 37.31 -19.45 -2.97
C ARG B 393 38.37 -20.30 -2.26
N ASN B 394 39.63 -19.85 -2.28
CA ASN B 394 40.71 -20.58 -1.62
C ASN B 394 41.58 -19.76 -0.66
N LEU B 395 42.05 -20.42 0.39
CA LEU B 395 42.90 -19.78 1.41
C LEU B 395 44.38 -19.85 1.11
N TYR B 396 44.99 -18.71 0.85
CA TYR B 396 46.42 -18.66 0.57
C TYR B 396 47.20 -18.07 1.73
N LYS B 397 48.53 -17.98 1.55
CA LYS B 397 49.39 -17.42 2.58
C LYS B 397 50.76 -17.03 2.02
N ILE B 398 51.23 -15.84 2.36
CA ILE B 398 52.52 -15.37 1.90
C ILE B 398 53.42 -15.03 3.06
N GLN B 399 54.71 -15.36 2.90
CA GLN B 399 55.71 -15.06 3.91
C GLN B 399 56.09 -13.61 3.60
N LEU B 400 55.99 -12.75 4.61
CA LEU B 400 56.28 -11.34 4.44
C LEU B 400 57.70 -11.08 3.97
N THR B 401 58.65 -11.71 4.66
CA THR B 401 60.08 -11.58 4.39
C THR B 401 60.50 -12.08 3.00
N ASP B 402 59.65 -12.90 2.38
CA ASP B 402 59.91 -13.47 1.06
C ASP B 402 58.57 -13.63 0.34
N HIS B 403 58.24 -12.67 -0.54
CA HIS B 403 56.96 -12.74 -1.28
C HIS B 403 56.88 -13.91 -2.24
N THR B 404 57.94 -14.70 -2.31
CA THR B 404 57.95 -15.87 -3.18
C THR B 404 57.29 -17.03 -2.46
N ASN B 405 57.54 -17.13 -1.15
CA ASN B 405 56.99 -18.21 -0.34
C ASN B 405 55.47 -18.11 -0.21
N LYS B 406 54.79 -18.22 -1.36
CA LYS B 406 53.32 -18.15 -1.47
C LYS B 406 52.76 -19.56 -1.64
N LYS B 407 51.89 -19.97 -0.72
CA LYS B 407 51.35 -21.32 -0.77
C LYS B 407 49.84 -21.39 -0.50
N CYS B 408 49.14 -22.17 -1.31
CA CYS B 408 47.70 -22.37 -1.12
C CYS B 408 47.53 -23.48 -0.09
N LEU B 409 46.64 -23.29 0.88
CA LEU B 409 46.45 -24.29 1.92
C LEU B 409 45.15 -25.09 1.81
N SER B 410 44.32 -24.79 0.82
CA SER B 410 43.06 -25.50 0.67
C SER B 410 42.85 -26.12 -0.72
N CYS B 411 43.69 -25.73 -1.66
CA CYS B 411 43.62 -26.22 -3.03
C CYS B 411 43.66 -27.74 -3.19
N ASP B 412 44.43 -28.44 -2.34
CA ASP B 412 44.53 -29.91 -2.44
C ASP B 412 43.37 -30.57 -1.73
N LEU B 413 43.43 -30.52 -0.40
CA LEU B 413 42.44 -31.10 0.48
C LEU B 413 41.33 -31.94 -0.16
N ASN B 414 40.42 -31.31 -0.90
CA ASN B 414 39.31 -32.03 -1.55
C ASN B 414 38.92 -31.31 -2.84
N PRO B 415 39.77 -31.39 -3.86
CA PRO B 415 39.49 -30.72 -5.14
C PRO B 415 38.13 -31.07 -5.73
N GLU B 416 37.64 -32.24 -5.37
CA GLU B 416 36.35 -32.73 -5.85
C GLU B 416 35.20 -32.10 -5.06
N ARG B 417 35.25 -32.22 -3.75
CA ARG B 417 34.20 -31.71 -2.87
C ARG B 417 34.29 -30.22 -2.55
N CYS B 418 35.50 -29.71 -2.37
CA CYS B 418 35.67 -28.31 -1.99
C CYS B 418 36.44 -27.37 -2.90
N GLN B 419 35.77 -26.28 -3.30
CA GLN B 419 36.36 -25.26 -4.15
C GLN B 419 35.99 -23.87 -3.63
N TYR B 420 35.19 -23.84 -2.57
CA TYR B 420 34.71 -22.60 -1.97
C TYR B 420 34.97 -22.66 -0.47
N TYR B 421 36.09 -22.08 -0.03
CA TYR B 421 36.41 -22.11 1.37
C TYR B 421 36.15 -20.82 2.13
N SER B 422 35.86 -20.97 3.41
CA SER B 422 35.64 -19.87 4.32
C SER B 422 36.70 -20.18 5.36
N VAL B 423 37.30 -19.17 5.98
CA VAL B 423 38.33 -19.47 6.98
C VAL B 423 38.03 -18.89 8.35
N SER B 424 38.97 -19.04 9.27
CA SER B 424 38.83 -18.53 10.63
C SER B 424 40.03 -18.94 11.43
N LEU B 425 41.01 -18.05 11.55
CA LEU B 425 42.23 -18.35 12.29
C LEU B 425 42.14 -17.96 13.76
N SER B 426 42.91 -18.65 14.60
CA SER B 426 42.91 -18.38 16.04
C SER B 426 43.56 -17.02 16.28
N LYS B 427 43.35 -16.48 17.48
CA LYS B 427 43.88 -15.18 17.85
C LYS B 427 45.22 -14.82 17.23
N GLU B 428 46.14 -15.77 17.15
CA GLU B 428 47.44 -15.49 16.56
C GLU B 428 47.85 -16.47 15.49
N ALA B 429 46.86 -16.90 14.72
CA ALA B 429 47.07 -17.82 13.61
C ALA B 429 47.84 -19.09 13.95
N LYS B 430 47.66 -19.63 15.15
CA LYS B 430 48.36 -20.86 15.49
C LYS B 430 47.62 -22.04 14.87
N TYR B 431 46.29 -21.91 14.82
CA TYR B 431 45.43 -22.92 14.22
C TYR B 431 44.49 -22.18 13.29
N TYR B 432 43.83 -22.92 12.41
CA TYR B 432 42.90 -22.29 11.50
C TYR B 432 41.83 -23.28 11.12
N GLN B 433 40.58 -22.87 11.22
CA GLN B 433 39.47 -23.74 10.86
C GLN B 433 39.04 -23.46 9.43
N LEU B 434 38.76 -24.51 8.67
CA LEU B 434 38.34 -24.34 7.30
C LEU B 434 36.88 -24.72 7.09
N GLY B 435 36.22 -23.89 6.28
CA GLY B 435 34.83 -24.11 5.97
C GLY B 435 34.67 -24.40 4.50
N CYS B 436 34.38 -25.66 4.20
CA CYS B 436 34.18 -26.09 2.84
C CYS B 436 32.71 -25.82 2.50
N ARG B 437 32.48 -24.85 1.62
CA ARG B 437 31.14 -24.51 1.18
C ARG B 437 31.10 -25.08 -0.22
N GLY B 438 32.28 -25.52 -0.64
CA GLY B 438 32.55 -26.11 -1.95
C GLY B 438 31.46 -26.92 -2.57
N PRO B 439 31.59 -27.25 -3.86
CA PRO B 439 30.63 -28.03 -4.65
C PRO B 439 29.83 -29.08 -3.87
N GLY B 440 30.54 -30.00 -3.20
CA GLY B 440 29.88 -31.05 -2.43
C GLY B 440 29.32 -30.60 -1.10
N LEU B 441 28.85 -31.52 -0.27
CA LEU B 441 28.28 -31.12 1.02
C LEU B 441 29.34 -30.40 1.84
N PRO B 442 28.96 -29.31 2.53
CA PRO B 442 29.89 -28.53 3.35
C PRO B 442 30.71 -29.36 4.36
N LEU B 443 32.02 -29.10 4.37
CA LEU B 443 32.98 -29.82 5.23
C LEU B 443 33.85 -28.91 6.09
N TYR B 444 33.76 -29.08 7.41
CA TYR B 444 34.52 -28.25 8.33
C TYR B 444 35.63 -29.03 9.03
N THR B 445 36.83 -28.49 8.94
CA THR B 445 38.00 -29.12 9.51
C THR B 445 38.90 -28.07 10.14
N LEU B 446 39.64 -28.44 11.18
CA LEU B 446 40.57 -27.48 11.77
C LEU B 446 41.97 -28.05 11.60
N HIS B 447 42.93 -27.17 11.37
CA HIS B 447 44.32 -27.56 11.16
C HIS B 447 45.26 -26.81 12.09
N ARG B 448 46.53 -27.19 12.08
CA ARG B 448 47.56 -26.50 12.86
C ARG B 448 48.35 -25.72 11.83
N SER B 449 48.36 -24.40 11.96
CA SER B 449 49.04 -23.51 11.02
C SER B 449 50.44 -23.89 10.59
N THR B 450 51.25 -24.37 11.54
CA THR B 450 52.65 -24.75 11.28
C THR B 450 52.87 -25.58 10.01
N ASP B 451 52.29 -26.77 10.01
CA ASP B 451 52.42 -27.70 8.91
C ASP B 451 51.10 -28.03 8.20
N GLN B 452 50.00 -27.43 8.65
CA GLN B 452 48.70 -27.68 8.07
C GLN B 452 48.10 -29.04 8.44
N LYS B 453 48.74 -29.75 9.35
CA LYS B 453 48.26 -31.06 9.78
C LYS B 453 46.78 -30.98 10.18
N GLU B 454 45.90 -31.52 9.33
CA GLU B 454 44.49 -31.51 9.67
C GLU B 454 44.32 -32.28 10.98
N LEU B 455 44.25 -31.55 12.08
CA LEU B 455 44.08 -32.17 13.39
C LEU B 455 42.87 -33.10 13.38
N ARG B 456 41.73 -32.60 12.91
CA ARG B 456 40.53 -33.42 12.85
C ARG B 456 39.44 -32.82 11.99
N VAL B 457 38.37 -33.59 11.83
CA VAL B 457 37.23 -33.15 11.06
C VAL B 457 36.11 -32.76 12.04
N LEU B 458 35.81 -31.46 12.03
CA LEU B 458 34.81 -30.86 12.90
C LEU B 458 33.38 -31.13 12.48
N GLU B 459 33.17 -31.26 11.17
CA GLU B 459 31.85 -31.54 10.65
C GLU B 459 31.84 -31.83 9.17
N ASP B 460 31.37 -33.04 8.84
CA ASP B 460 31.24 -33.50 7.46
C ASP B 460 29.75 -33.82 7.49
N ASN B 461 28.98 -33.39 6.51
CA ASN B 461 27.55 -33.67 6.60
C ASN B 461 27.13 -35.09 6.27
N SER B 462 27.75 -36.03 6.99
CA SER B 462 27.46 -37.44 6.84
C SER B 462 25.96 -37.69 7.06
N ALA B 463 25.41 -37.03 8.08
CA ALA B 463 23.99 -37.14 8.40
C ALA B 463 23.14 -36.70 7.22
N LEU B 464 23.35 -35.46 6.78
CA LEU B 464 22.63 -34.92 5.64
C LEU B 464 22.89 -35.81 4.43
N ASP B 465 24.08 -36.38 4.37
CA ASP B 465 24.45 -37.24 3.25
C ASP B 465 23.60 -38.51 3.20
N LYS B 466 23.50 -39.20 4.34
CA LYS B 466 22.71 -40.43 4.43
C LYS B 466 21.29 -40.13 3.97
N MET B 467 20.79 -38.97 4.39
CA MET B 467 19.45 -38.50 4.06
C MET B 467 19.21 -38.30 2.57
N LEU B 468 20.11 -37.58 1.91
CA LEU B 468 20.01 -37.27 0.50
C LEU B 468 20.20 -38.46 -0.44
N GLN B 469 20.49 -39.63 0.14
CA GLN B 469 20.69 -40.84 -0.63
C GLN B 469 19.38 -41.26 -1.29
N ASP B 470 18.30 -41.17 -0.53
CA ASP B 470 16.98 -41.55 -1.00
C ASP B 470 16.26 -40.45 -1.76
N VAL B 471 16.98 -39.45 -2.22
CA VAL B 471 16.35 -38.36 -2.96
C VAL B 471 17.06 -38.08 -4.27
N GLN B 472 16.30 -37.82 -5.32
CA GLN B 472 16.86 -37.55 -6.63
C GLN B 472 17.32 -36.10 -6.72
N MET B 473 18.52 -35.82 -6.20
CA MET B 473 19.08 -34.46 -6.20
C MET B 473 19.55 -33.99 -7.57
N PRO B 474 19.41 -32.68 -7.82
CA PRO B 474 19.85 -32.15 -9.11
C PRO B 474 21.35 -31.87 -9.07
N SER B 475 21.94 -31.65 -10.23
CA SER B 475 23.38 -31.39 -10.31
C SER B 475 23.60 -29.88 -10.52
N LYS B 476 24.86 -29.47 -10.65
CA LYS B 476 25.16 -28.06 -10.85
C LYS B 476 26.40 -27.85 -11.69
N LYS B 477 26.23 -27.40 -12.92
CA LYS B 477 27.37 -27.15 -13.78
C LYS B 477 27.82 -25.72 -13.55
N LEU B 478 29.13 -25.51 -13.45
CA LEU B 478 29.69 -24.17 -13.27
C LEU B 478 30.74 -24.00 -14.34
N ASP B 479 30.35 -23.42 -15.48
CA ASP B 479 31.30 -23.23 -16.56
C ASP B 479 31.27 -21.78 -17.00
N PHE B 480 31.68 -21.54 -18.23
CA PHE B 480 31.71 -20.20 -18.76
C PHE B 480 31.57 -20.20 -20.27
N ILE B 481 30.87 -19.20 -20.78
CA ILE B 481 30.67 -19.05 -22.21
C ILE B 481 31.61 -17.86 -22.49
N VAL B 482 31.96 -17.61 -23.76
CA VAL B 482 32.82 -16.47 -24.06
C VAL B 482 32.14 -15.55 -25.07
N LEU B 483 32.02 -14.28 -24.69
CA LEU B 483 31.38 -13.26 -25.52
C LEU B 483 32.44 -12.21 -25.84
N ASN B 484 32.27 -11.49 -26.95
CA ASN B 484 33.21 -10.43 -27.36
C ASN B 484 34.66 -10.73 -26.91
N GLU B 485 35.07 -12.00 -26.98
CA GLU B 485 36.42 -12.42 -26.59
C GLU B 485 36.76 -12.39 -25.10
N THR B 486 35.77 -12.62 -24.24
CA THR B 486 35.99 -12.60 -22.80
C THR B 486 35.29 -13.74 -22.08
N ARG B 487 35.92 -14.25 -21.02
CA ARG B 487 35.30 -15.31 -20.25
C ARG B 487 34.14 -14.69 -19.48
N PHE B 488 33.03 -15.41 -19.39
CA PHE B 488 31.86 -14.97 -18.64
C PHE B 488 31.27 -16.20 -18.01
N TRP B 489 31.44 -16.34 -16.71
CA TRP B 489 30.94 -17.52 -16.01
C TRP B 489 29.44 -17.60 -15.77
N TYR B 490 28.93 -18.81 -15.77
CA TYR B 490 27.51 -19.05 -15.55
C TYR B 490 27.39 -20.36 -14.82
N GLN B 491 26.20 -20.65 -14.34
CA GLN B 491 25.98 -21.90 -13.65
C GLN B 491 24.57 -22.39 -13.92
N MET B 492 24.37 -23.70 -13.85
CA MET B 492 23.06 -24.29 -14.10
C MET B 492 22.73 -25.37 -13.09
N ILE B 493 21.51 -25.34 -12.61
CA ILE B 493 21.06 -26.36 -11.67
C ILE B 493 20.27 -27.28 -12.60
N LEU B 494 20.87 -28.44 -12.89
CA LEU B 494 20.29 -29.42 -13.80
C LEU B 494 19.46 -30.46 -13.06
N PRO B 495 18.23 -30.68 -13.54
CA PRO B 495 17.34 -31.66 -12.89
C PRO B 495 17.96 -33.07 -12.92
N PRO B 496 17.70 -33.87 -11.88
CA PRO B 496 18.23 -35.23 -11.77
C PRO B 496 18.86 -35.87 -12.99
N HIS B 497 18.22 -36.91 -13.52
CA HIS B 497 18.75 -37.65 -14.67
C HIS B 497 18.82 -36.84 -15.97
N PHE B 498 19.29 -35.60 -15.84
CA PHE B 498 19.41 -34.65 -16.95
C PHE B 498 19.99 -35.27 -18.21
N ASP B 499 19.19 -35.26 -19.26
CA ASP B 499 19.58 -35.81 -20.55
C ASP B 499 19.77 -34.71 -21.59
N LYS B 500 21.02 -34.47 -21.93
CA LYS B 500 21.43 -33.43 -22.89
C LYS B 500 20.67 -33.42 -24.23
N SER B 501 19.96 -34.50 -24.53
CA SER B 501 19.24 -34.57 -25.79
C SER B 501 17.80 -34.06 -25.67
N LYS B 502 17.16 -34.29 -24.53
CA LYS B 502 15.80 -33.82 -24.33
C LYS B 502 15.79 -32.31 -24.19
N LYS B 503 14.61 -31.72 -24.00
CA LYS B 503 14.52 -30.27 -23.83
C LYS B 503 13.72 -29.86 -22.61
N TYR B 504 14.34 -29.00 -21.80
CA TYR B 504 13.73 -28.51 -20.57
C TYR B 504 13.44 -27.00 -20.60
N PRO B 505 12.56 -26.55 -19.67
CA PRO B 505 12.21 -25.14 -19.59
C PRO B 505 13.35 -24.49 -18.80
N LEU B 506 13.61 -23.22 -19.07
CA LEU B 506 14.69 -22.51 -18.41
C LEU B 506 14.24 -21.35 -17.52
N LEU B 507 14.84 -21.25 -16.34
CA LEU B 507 14.55 -20.16 -15.41
C LEU B 507 15.85 -19.44 -15.15
N ILE B 508 15.90 -18.15 -15.48
CA ILE B 508 17.12 -17.39 -15.21
C ILE B 508 16.95 -16.80 -13.82
N ASP B 509 17.90 -17.07 -12.94
CA ASP B 509 17.88 -16.53 -11.58
C ASP B 509 18.78 -15.29 -11.70
N VAL B 510 18.22 -14.11 -11.45
CA VAL B 510 19.01 -12.89 -11.60
C VAL B 510 19.25 -12.01 -10.39
N TYR B 511 20.36 -11.29 -10.51
CA TYR B 511 20.82 -10.31 -9.54
C TYR B 511 21.53 -9.33 -10.47
N ALA B 512 22.72 -9.68 -10.92
CA ALA B 512 23.48 -8.87 -11.85
C ALA B 512 23.67 -7.40 -11.48
N GLY B 513 23.83 -7.12 -10.19
CA GLY B 513 24.06 -5.74 -9.77
C GLY B 513 25.55 -5.49 -9.79
N PRO B 514 26.01 -4.25 -9.59
CA PRO B 514 27.46 -4.03 -9.61
C PRO B 514 28.18 -4.94 -8.61
N CYS B 515 29.31 -5.49 -9.05
CA CYS B 515 30.15 -6.38 -8.25
C CYS B 515 29.41 -7.58 -7.63
N SER B 516 28.45 -8.12 -8.36
CA SER B 516 27.66 -9.25 -7.89
C SER B 516 28.23 -10.54 -8.45
N GLN B 517 27.82 -11.67 -7.86
CA GLN B 517 28.28 -12.97 -8.35
C GLN B 517 27.27 -14.06 -8.07
N LYS B 518 26.66 -14.59 -9.12
CA LYS B 518 25.66 -15.63 -8.96
C LYS B 518 26.19 -17.00 -9.36
N ALA B 519 27.27 -17.00 -10.15
CA ALA B 519 27.89 -18.23 -10.60
C ALA B 519 29.10 -18.55 -9.71
N ASP B 520 28.92 -19.49 -8.79
CA ASP B 520 30.01 -19.87 -7.90
C ASP B 520 29.97 -21.36 -7.57
N ALA B 521 30.98 -21.81 -6.84
CA ALA B 521 31.11 -23.21 -6.46
C ALA B 521 30.57 -23.54 -5.08
N ALA B 522 29.55 -22.82 -4.61
CA ALA B 522 29.00 -23.08 -3.29
C ALA B 522 27.77 -23.98 -3.31
N PHE B 523 27.73 -24.92 -2.37
CA PHE B 523 26.62 -25.86 -2.26
C PHE B 523 25.40 -25.22 -1.60
N ARG B 524 24.22 -25.45 -2.18
CA ARG B 524 23.00 -24.89 -1.64
C ARG B 524 21.77 -25.75 -1.83
N LEU B 525 20.81 -25.60 -0.92
CA LEU B 525 19.54 -26.31 -0.97
C LEU B 525 18.47 -25.23 -0.89
N ASN B 526 18.12 -24.66 -2.04
CA ASN B 526 17.12 -23.60 -2.12
C ASN B 526 15.92 -23.95 -2.97
N TRP B 527 15.18 -22.91 -3.37
CA TRP B 527 14.00 -23.09 -4.19
C TRP B 527 14.39 -23.68 -5.55
N ALA B 528 15.51 -23.22 -6.10
CA ALA B 528 16.00 -23.71 -7.39
C ALA B 528 16.22 -25.22 -7.36
N THR B 529 16.55 -25.73 -6.17
CA THR B 529 16.78 -27.16 -5.99
C THR B 529 15.47 -27.88 -6.25
N TYR B 530 14.40 -27.39 -5.62
CA TYR B 530 13.06 -27.96 -5.80
C TYR B 530 12.63 -27.86 -7.25
N LEU B 531 12.88 -26.70 -7.84
CA LEU B 531 12.49 -26.46 -9.21
C LEU B 531 13.09 -27.43 -10.22
N ALA B 532 14.29 -27.94 -9.93
CA ALA B 532 14.93 -28.87 -10.85
C ALA B 532 14.61 -30.32 -10.48
N SER B 533 14.70 -30.63 -9.20
CA SER B 533 14.46 -31.98 -8.70
C SER B 533 13.01 -32.45 -8.80
N THR B 534 12.07 -31.55 -9.04
CA THR B 534 10.67 -31.96 -9.11
C THR B 534 9.87 -31.36 -10.26
N GLU B 535 10.37 -30.29 -10.87
CA GLU B 535 9.65 -29.68 -11.97
C GLU B 535 10.45 -29.85 -13.24
N ASN B 536 11.64 -30.43 -13.10
CA ASN B 536 12.56 -30.64 -14.23
C ASN B 536 12.83 -29.34 -14.94
N ILE B 537 13.05 -28.28 -14.17
CA ILE B 537 13.32 -26.98 -14.74
C ILE B 537 14.80 -26.71 -14.53
N ILE B 538 15.42 -26.13 -15.55
CA ILE B 538 16.82 -25.78 -15.45
C ILE B 538 16.90 -24.35 -14.93
N VAL B 539 17.50 -24.17 -13.76
CA VAL B 539 17.67 -22.84 -13.18
C VAL B 539 19.11 -22.40 -13.39
N ALA B 540 19.31 -21.36 -14.18
CA ALA B 540 20.65 -20.88 -14.47
C ALA B 540 20.86 -19.41 -14.10
N SER B 541 22.09 -19.06 -13.76
CA SER B 541 22.45 -17.68 -13.43
C SER B 541 23.68 -17.34 -14.27
N PHE B 542 23.86 -16.06 -14.58
CA PHE B 542 24.98 -15.64 -15.41
C PHE B 542 25.60 -14.35 -14.95
N ASP B 543 26.90 -14.37 -14.64
CA ASP B 543 27.59 -13.15 -14.21
C ASP B 543 28.15 -12.46 -15.46
N GLY B 544 27.44 -11.44 -15.91
CA GLY B 544 27.87 -10.69 -17.08
C GLY B 544 28.63 -9.43 -16.71
N ARG B 545 28.58 -8.42 -17.57
CA ARG B 545 29.30 -7.20 -17.28
C ARG B 545 28.87 -6.45 -16.02
N GLY B 546 29.82 -5.71 -15.47
CA GLY B 546 29.57 -4.95 -14.25
C GLY B 546 29.48 -5.88 -13.06
N SER B 547 30.10 -7.05 -13.17
CA SER B 547 30.02 -7.99 -12.08
C SER B 547 31.29 -8.46 -11.39
N GLY B 548 31.05 -9.45 -10.55
CA GLY B 548 32.05 -10.14 -9.76
C GLY B 548 33.42 -9.60 -9.52
N TYR B 549 34.31 -10.54 -9.20
CA TYR B 549 35.69 -10.27 -8.87
C TYR B 549 36.60 -10.70 -10.00
N GLN B 550 36.52 -9.96 -11.10
CA GLN B 550 37.31 -10.27 -12.27
C GLN B 550 37.91 -9.00 -12.85
N GLY B 551 38.27 -8.06 -11.99
CA GLY B 551 38.86 -6.82 -12.47
C GLY B 551 37.83 -5.75 -12.73
N ASP B 552 38.30 -4.51 -12.65
CA ASP B 552 37.45 -3.36 -12.86
C ASP B 552 37.00 -3.21 -14.31
N LYS B 553 37.76 -3.75 -15.26
CA LYS B 553 37.34 -3.62 -16.65
C LYS B 553 35.92 -4.17 -16.77
N ILE B 554 35.69 -5.31 -16.12
CA ILE B 554 34.37 -5.92 -16.15
C ILE B 554 33.39 -5.23 -15.20
N MET B 555 33.81 -4.97 -13.97
CA MET B 555 32.95 -4.33 -12.98
C MET B 555 32.54 -2.90 -13.36
N HIS B 556 33.51 -2.02 -13.58
CA HIS B 556 33.20 -0.63 -13.92
C HIS B 556 32.52 -0.46 -15.29
N ALA B 557 32.30 -1.55 -15.99
CA ALA B 557 31.66 -1.50 -17.31
C ALA B 557 30.28 -0.87 -17.28
N ILE B 558 29.66 -0.90 -16.10
CA ILE B 558 28.32 -0.36 -15.92
C ILE B 558 28.32 1.11 -15.48
N ASN B 559 29.42 1.53 -14.86
CA ASN B 559 29.54 2.89 -14.34
C ASN B 559 28.69 3.96 -15.03
N LYS B 560 28.08 4.81 -14.23
CA LYS B 560 27.25 5.90 -14.72
C LYS B 560 26.08 5.48 -15.60
N ARG B 561 25.83 4.18 -15.71
CA ARG B 561 24.71 3.73 -16.55
C ARG B 561 24.17 2.34 -16.23
N LEU B 562 23.50 2.21 -15.10
CA LEU B 562 22.90 0.94 -14.68
C LEU B 562 21.72 0.69 -15.61
N GLY B 563 21.18 -0.54 -15.60
CA GLY B 563 20.05 -0.86 -16.45
C GLY B 563 20.40 -0.88 -17.93
N THR B 564 21.65 -1.22 -18.20
CA THR B 564 22.18 -1.25 -19.56
C THR B 564 22.78 -2.62 -19.85
N LEU B 565 24.10 -2.63 -19.98
CA LEU B 565 24.87 -3.83 -20.28
C LEU B 565 24.52 -5.02 -19.41
N GLU B 566 24.45 -4.87 -18.09
CA GLU B 566 24.12 -6.00 -17.23
C GLU B 566 22.77 -6.61 -17.62
N VAL B 567 21.84 -5.79 -18.11
CA VAL B 567 20.54 -6.31 -18.55
C VAL B 567 20.75 -7.07 -19.86
N GLU B 568 21.27 -6.38 -20.87
CA GLU B 568 21.53 -7.01 -22.18
C GLU B 568 22.23 -8.37 -22.03
N ASP B 569 23.46 -8.36 -21.49
CA ASP B 569 24.24 -9.57 -21.28
C ASP B 569 23.43 -10.69 -20.65
N GLN B 570 22.41 -10.34 -19.90
CA GLN B 570 21.57 -11.36 -19.28
C GLN B 570 20.72 -12.03 -20.36
N ILE B 571 20.32 -11.26 -21.36
CA ILE B 571 19.54 -11.79 -22.47
C ILE B 571 20.45 -12.64 -23.35
N GLU B 572 21.64 -12.12 -23.63
CA GLU B 572 22.64 -12.84 -24.43
C GLU B 572 22.85 -14.22 -23.84
N ALA B 573 23.08 -14.24 -22.54
CA ALA B 573 23.31 -15.49 -21.82
C ALA B 573 22.20 -16.49 -22.11
N ALA B 574 20.97 -16.00 -22.22
CA ALA B 574 19.84 -16.86 -22.49
C ALA B 574 20.01 -17.39 -23.91
N ARG B 575 20.28 -16.50 -24.86
CA ARG B 575 20.48 -16.89 -26.24
C ARG B 575 21.43 -18.08 -26.27
N GLN B 576 22.64 -17.85 -25.75
CA GLN B 576 23.69 -18.84 -25.66
C GLN B 576 23.22 -20.18 -25.07
N PHE B 577 22.44 -20.10 -24.00
CA PHE B 577 21.92 -21.30 -23.36
C PHE B 577 21.05 -22.07 -24.33
N LEU B 578 20.24 -21.34 -25.10
CA LEU B 578 19.37 -21.98 -26.07
C LEU B 578 20.23 -22.73 -27.08
N LYS B 579 21.29 -22.07 -27.56
CA LYS B 579 22.20 -22.67 -28.54
C LYS B 579 22.85 -23.93 -27.98
N MET B 580 22.82 -24.10 -26.66
CA MET B 580 23.42 -25.29 -26.09
C MET B 580 22.53 -26.51 -26.34
N GLY B 581 21.35 -26.27 -26.91
CA GLY B 581 20.44 -27.37 -27.22
C GLY B 581 19.29 -27.64 -26.28
N PHE B 582 19.58 -28.37 -25.20
CA PHE B 582 18.61 -28.79 -24.17
C PHE B 582 17.63 -27.79 -23.58
N VAL B 583 17.41 -26.66 -24.24
CA VAL B 583 16.49 -25.65 -23.72
C VAL B 583 15.30 -25.47 -24.64
N ASP B 584 14.12 -25.71 -24.08
CA ASP B 584 12.85 -25.55 -24.80
C ASP B 584 12.61 -24.05 -25.00
N SER B 585 13.05 -23.48 -26.12
CA SER B 585 12.88 -22.04 -26.33
C SER B 585 11.45 -21.52 -26.12
N LYS B 586 10.47 -22.42 -26.07
CA LYS B 586 9.08 -22.01 -25.88
C LYS B 586 8.67 -21.82 -24.42
N ARG B 587 9.60 -22.11 -23.52
CA ARG B 587 9.33 -21.94 -22.11
C ARG B 587 10.59 -21.50 -21.35
N VAL B 588 10.89 -20.22 -21.47
CA VAL B 588 12.04 -19.58 -20.84
C VAL B 588 11.53 -18.43 -19.96
N ALA B 589 11.89 -18.46 -18.67
CA ALA B 589 11.47 -17.42 -17.73
C ALA B 589 12.68 -16.72 -17.09
N ILE B 590 12.38 -15.81 -16.16
CA ILE B 590 13.42 -15.05 -15.46
C ILE B 590 12.81 -14.35 -14.26
N TRP B 591 13.47 -14.45 -13.11
CA TRP B 591 12.99 -13.78 -11.91
C TRP B 591 14.13 -13.15 -11.14
N GLY B 592 13.78 -12.32 -10.16
CA GLY B 592 14.79 -11.65 -9.39
C GLY B 592 14.18 -10.92 -8.21
N TRP B 593 15.01 -10.66 -7.21
CA TRP B 593 14.58 -9.96 -6.00
C TRP B 593 15.42 -8.68 -5.92
N SER B 594 14.89 -7.61 -5.32
CA SER B 594 15.62 -6.33 -5.19
C SER B 594 16.22 -5.90 -6.55
N TYR B 595 17.55 -5.88 -6.64
CA TYR B 595 18.23 -5.49 -7.88
C TYR B 595 17.84 -6.45 -9.00
N GLY B 596 17.79 -7.74 -8.65
CA GLY B 596 17.44 -8.77 -9.61
C GLY B 596 16.06 -8.57 -10.18
N GLY B 597 15.14 -8.08 -9.36
CA GLY B 597 13.79 -7.84 -9.83
C GLY B 597 13.78 -6.71 -10.84
N TYR B 598 14.71 -5.78 -10.69
CA TYR B 598 14.83 -4.64 -11.59
C TYR B 598 15.23 -5.18 -12.95
N VAL B 599 16.33 -5.92 -12.98
CA VAL B 599 16.84 -6.50 -14.22
C VAL B 599 15.77 -7.41 -14.86
N THR B 600 15.11 -8.22 -14.03
CA THR B 600 14.07 -9.10 -14.54
C THR B 600 13.09 -8.24 -15.30
N SER B 601 12.59 -7.20 -14.63
CA SER B 601 11.61 -6.28 -15.21
C SER B 601 12.14 -5.56 -16.43
N MET B 602 13.40 -5.16 -16.39
CA MET B 602 14.02 -4.49 -17.53
C MET B 602 14.21 -5.44 -18.71
N VAL B 603 14.36 -6.73 -18.43
CA VAL B 603 14.50 -7.74 -19.48
C VAL B 603 13.13 -8.01 -20.08
N LEU B 604 12.16 -8.28 -19.22
CA LEU B 604 10.81 -8.53 -19.68
C LEU B 604 10.31 -7.36 -20.50
N GLY B 605 10.69 -6.15 -20.10
CA GLY B 605 10.23 -4.98 -20.82
C GLY B 605 11.08 -4.51 -21.97
N SER B 606 12.02 -5.37 -22.40
CA SER B 606 12.90 -5.04 -23.50
C SER B 606 12.34 -5.49 -24.84
N GLY B 607 11.28 -6.29 -24.79
CA GLY B 607 10.67 -6.81 -26.00
C GLY B 607 11.63 -7.62 -26.88
N SER B 608 12.59 -8.29 -26.25
CA SER B 608 13.56 -9.10 -27.00
C SER B 608 12.89 -10.38 -27.48
N GLY B 609 11.66 -10.60 -27.01
CA GLY B 609 10.93 -11.80 -27.38
C GLY B 609 11.48 -13.10 -26.81
N VAL B 610 12.66 -13.06 -26.22
CA VAL B 610 13.30 -14.25 -25.66
C VAL B 610 12.67 -14.87 -24.42
N PHE B 611 11.89 -14.11 -23.66
CA PHE B 611 11.26 -14.64 -22.44
C PHE B 611 9.74 -14.66 -22.43
N LYS B 612 9.18 -15.72 -21.86
CA LYS B 612 7.74 -15.92 -21.80
C LYS B 612 7.12 -15.19 -20.61
N CYS B 613 7.67 -15.44 -19.43
CA CYS B 613 7.16 -14.83 -18.22
C CYS B 613 8.31 -14.43 -17.32
N GLY B 614 7.97 -13.87 -16.16
CA GLY B 614 8.99 -13.45 -15.23
C GLY B 614 8.37 -13.01 -13.91
N ILE B 615 9.18 -13.02 -12.86
CA ILE B 615 8.72 -12.59 -11.54
C ILE B 615 9.73 -11.63 -10.94
N ALA B 616 9.24 -10.48 -10.47
CA ALA B 616 10.08 -9.47 -9.85
C ALA B 616 9.61 -9.22 -8.41
N VAL B 617 10.46 -9.45 -7.44
CA VAL B 617 10.09 -9.23 -6.04
C VAL B 617 10.86 -8.01 -5.52
N ALA B 618 10.11 -7.07 -4.93
CA ALA B 618 10.65 -5.82 -4.38
C ALA B 618 11.70 -5.24 -5.32
N PRO B 619 11.29 -4.98 -6.56
CA PRO B 619 12.19 -4.42 -7.58
C PRO B 619 12.44 -2.93 -7.43
N VAL B 620 13.43 -2.43 -8.16
CA VAL B 620 13.70 -1.02 -8.14
C VAL B 620 13.17 -0.61 -9.51
N SER B 621 12.33 0.42 -9.57
CA SER B 621 11.76 0.81 -10.85
C SER B 621 12.43 2.03 -11.49
N ARG B 622 13.17 2.80 -10.70
CA ARG B 622 13.93 3.94 -11.24
C ARG B 622 14.84 4.41 -10.13
N TRP B 623 16.10 4.67 -10.46
CA TRP B 623 17.06 5.04 -9.44
C TRP B 623 16.81 6.26 -8.57
N GLU B 624 15.96 7.19 -8.97
CA GLU B 624 15.73 8.33 -8.08
C GLU B 624 15.04 7.86 -6.80
N TYR B 625 14.36 6.72 -6.84
CA TYR B 625 13.67 6.22 -5.66
C TYR B 625 14.61 5.55 -4.67
N TYR B 626 15.74 5.02 -5.14
CA TYR B 626 16.63 4.35 -4.20
C TYR B 626 17.51 5.32 -3.46
N ASP B 627 18.11 4.86 -2.35
CA ASP B 627 18.94 5.72 -1.52
C ASP B 627 20.20 6.25 -2.17
N SER B 628 20.73 7.32 -1.58
CA SER B 628 21.91 8.02 -2.08
C SER B 628 23.24 7.24 -2.14
N VAL B 629 23.71 6.78 -0.99
CA VAL B 629 24.99 6.07 -0.94
C VAL B 629 25.11 4.98 -1.97
N TYR B 630 24.11 4.13 -2.09
CA TYR B 630 24.18 3.07 -3.08
C TYR B 630 24.09 3.59 -4.51
N THR B 631 22.94 4.17 -4.86
CA THR B 631 22.70 4.68 -6.20
C THR B 631 23.83 5.55 -6.75
N GLU B 632 24.10 6.63 -6.05
CA GLU B 632 25.12 7.59 -6.47
C GLU B 632 26.49 6.96 -6.72
N ARG B 633 26.81 5.92 -5.94
CA ARG B 633 28.10 5.27 -6.09
C ARG B 633 28.33 4.81 -7.53
N TYR B 634 27.24 4.49 -8.23
CA TYR B 634 27.34 4.04 -9.60
C TYR B 634 26.72 5.02 -10.56
N MET B 635 25.70 5.75 -10.10
CA MET B 635 25.00 6.69 -10.97
C MET B 635 25.31 8.18 -10.86
N GLY B 636 26.07 8.58 -9.85
CA GLY B 636 26.38 9.99 -9.67
C GLY B 636 25.13 10.69 -9.15
N LEU B 637 25.01 11.99 -9.39
CA LEU B 637 23.84 12.70 -8.94
C LEU B 637 22.83 12.85 -10.09
N PRO B 638 21.54 12.71 -9.79
CA PRO B 638 20.47 12.82 -10.78
C PRO B 638 20.22 14.25 -11.22
N THR B 639 21.27 14.94 -11.63
CA THR B 639 21.13 16.34 -12.03
C THR B 639 21.62 16.63 -13.43
N PRO B 640 21.00 17.60 -14.11
CA PRO B 640 21.42 17.94 -15.48
C PRO B 640 22.90 18.26 -15.53
N GLU B 641 23.46 18.67 -14.39
CA GLU B 641 24.87 19.01 -14.35
C GLU B 641 25.72 17.75 -14.22
N ASP B 642 25.08 16.60 -14.11
CA ASP B 642 25.78 15.32 -13.97
C ASP B 642 25.19 14.20 -14.82
N ASN B 643 24.46 13.29 -14.18
CA ASN B 643 23.91 12.13 -14.87
C ASN B 643 22.38 11.98 -14.89
N LEU B 644 21.64 13.08 -14.85
CA LEU B 644 20.18 13.01 -14.85
C LEU B 644 19.61 12.21 -16.00
N ASP B 645 20.24 12.29 -17.16
CA ASP B 645 19.74 11.59 -18.32
C ASP B 645 19.74 10.09 -18.15
N HIS B 646 20.85 9.50 -17.73
CA HIS B 646 20.89 8.05 -17.55
C HIS B 646 19.91 7.64 -16.46
N TYR B 647 19.65 8.52 -15.52
CA TYR B 647 18.68 8.20 -14.48
C TYR B 647 17.32 8.02 -15.16
N ARG B 648 16.92 9.03 -15.93
CA ARG B 648 15.64 8.99 -16.60
C ARG B 648 15.49 7.97 -17.74
N ASN B 649 16.61 7.44 -18.22
CA ASN B 649 16.57 6.47 -19.29
C ASN B 649 16.37 5.05 -18.76
N SER B 650 16.99 4.75 -17.62
CA SER B 650 16.91 3.41 -17.02
C SER B 650 15.64 3.11 -16.20
N THR B 651 14.53 3.71 -16.59
CA THR B 651 13.25 3.51 -15.91
C THR B 651 12.53 2.25 -16.33
N VAL B 652 11.88 1.55 -15.40
CA VAL B 652 11.15 0.35 -15.78
C VAL B 652 9.82 0.76 -16.39
N MET B 653 9.22 1.82 -15.86
CA MET B 653 7.94 2.26 -16.38
C MET B 653 8.03 2.72 -17.82
N SER B 654 9.20 3.20 -18.22
CA SER B 654 9.36 3.68 -19.59
C SER B 654 9.27 2.54 -20.59
N ARG B 655 9.17 1.31 -20.08
CA ARG B 655 9.10 0.14 -20.93
C ARG B 655 7.79 -0.63 -20.77
N ALA B 656 6.80 0.03 -20.19
CA ALA B 656 5.47 -0.56 -19.94
C ALA B 656 4.92 -1.27 -21.17
N GLU B 657 4.93 -0.56 -22.30
CA GLU B 657 4.44 -1.11 -23.54
C GLU B 657 4.87 -2.56 -23.77
N ASN B 658 6.17 -2.79 -23.88
CA ASN B 658 6.70 -4.13 -24.13
C ASN B 658 6.23 -5.26 -23.23
N PHE B 659 5.52 -4.94 -22.16
CA PHE B 659 5.05 -5.99 -21.26
C PHE B 659 3.83 -6.71 -21.81
N LYS B 660 3.26 -6.19 -22.89
CA LYS B 660 2.08 -6.83 -23.48
C LYS B 660 2.43 -8.22 -23.96
N GLN B 661 3.72 -8.41 -24.28
CA GLN B 661 4.20 -9.69 -24.78
C GLN B 661 4.77 -10.58 -23.67
N VAL B 662 4.24 -10.48 -22.45
CA VAL B 662 4.77 -11.25 -21.33
C VAL B 662 3.80 -11.45 -20.15
N GLU B 663 3.89 -12.60 -19.49
CA GLU B 663 3.07 -12.85 -18.30
C GLU B 663 3.98 -12.33 -17.18
N TYR B 664 3.54 -11.29 -16.48
CA TYR B 664 4.35 -10.70 -15.43
C TYR B 664 3.74 -10.82 -14.04
N LEU B 665 4.59 -11.11 -13.05
CA LEU B 665 4.16 -11.21 -11.65
C LEU B 665 5.00 -10.29 -10.77
N LEU B 666 4.38 -9.24 -10.26
CA LEU B 666 5.03 -8.24 -9.41
C LEU B 666 4.66 -8.48 -7.94
N ILE B 667 5.67 -8.63 -7.09
CA ILE B 667 5.42 -8.89 -5.68
C ILE B 667 6.16 -7.88 -4.81
N HIS B 668 5.49 -7.36 -3.79
CA HIS B 668 6.16 -6.40 -2.92
C HIS B 668 5.69 -6.44 -1.47
N GLY B 669 6.61 -6.10 -0.58
CA GLY B 669 6.29 -6.09 0.83
C GLY B 669 5.78 -4.73 1.28
N THR B 670 4.69 -4.74 2.03
CA THR B 670 4.07 -3.51 2.54
C THR B 670 4.94 -2.64 3.44
N ALA B 671 5.79 -3.25 4.24
CA ALA B 671 6.63 -2.51 5.15
C ALA B 671 8.10 -2.55 4.75
N ASP B 672 8.34 -2.44 3.45
CA ASP B 672 9.70 -2.45 2.92
C ASP B 672 10.34 -1.08 3.10
N ASP B 673 11.23 -0.97 4.09
CA ASP B 673 11.91 0.29 4.36
C ASP B 673 13.11 0.48 3.45
N ASN B 674 13.51 -0.57 2.74
CA ASN B 674 14.66 -0.50 1.84
C ASN B 674 14.25 -0.08 0.40
N VAL B 675 13.50 -0.95 -0.26
CA VAL B 675 12.99 -0.69 -1.61
C VAL B 675 11.51 -0.37 -1.36
N HIS B 676 11.26 0.91 -1.15
CA HIS B 676 9.97 1.48 -0.78
C HIS B 676 8.57 1.10 -1.21
N PHE B 677 8.36 0.21 -2.17
CA PHE B 677 6.98 -0.16 -2.59
C PHE B 677 6.50 0.89 -3.54
N GLN B 678 6.85 2.12 -3.23
CA GLN B 678 6.53 3.25 -4.08
C GLN B 678 7.03 2.78 -5.44
N GLN B 679 8.10 1.99 -5.41
CA GLN B 679 8.73 1.45 -6.59
C GLN B 679 7.79 0.57 -7.43
N SER B 680 7.25 -0.47 -6.80
CA SER B 680 6.34 -1.35 -7.50
C SER B 680 5.04 -0.63 -7.83
N ALA B 681 4.60 0.25 -6.93
CA ALA B 681 3.37 1.02 -7.10
C ALA B 681 3.47 1.90 -8.35
N GLN B 682 4.68 2.35 -8.63
CA GLN B 682 4.90 3.21 -9.78
C GLN B 682 4.89 2.34 -11.06
N ILE B 683 5.26 1.06 -10.92
CA ILE B 683 5.27 0.10 -12.03
C ILE B 683 3.88 -0.34 -12.40
N SER B 684 3.12 -0.79 -11.40
CA SER B 684 1.77 -1.27 -11.66
C SER B 684 1.01 -0.16 -12.34
N LYS B 685 1.14 1.04 -11.82
CA LYS B 685 0.47 2.21 -12.38
C LYS B 685 0.89 2.42 -13.85
N ALA B 686 2.17 2.27 -14.15
CA ALA B 686 2.70 2.45 -15.50
C ALA B 686 2.07 1.47 -16.48
N LEU B 687 2.00 0.21 -16.07
CA LEU B 687 1.42 -0.84 -16.89
C LEU B 687 -0.07 -0.65 -17.07
N VAL B 688 -0.74 -0.19 -16.02
CA VAL B 688 -2.18 0.04 -16.07
C VAL B 688 -2.51 1.14 -17.07
N ASP B 689 -1.65 2.17 -17.12
CA ASP B 689 -1.88 3.26 -18.06
C ASP B 689 -1.57 2.80 -19.46
N ALA B 690 -0.75 1.75 -19.58
CA ALA B 690 -0.37 1.18 -20.87
C ALA B 690 -1.36 0.12 -21.34
N GLY B 691 -2.31 -0.23 -20.47
CA GLY B 691 -3.29 -1.23 -20.82
C GLY B 691 -2.67 -2.61 -20.94
N VAL B 692 -1.73 -2.90 -20.04
CA VAL B 692 -1.04 -4.19 -20.03
C VAL B 692 -1.45 -5.00 -18.82
N ASP B 693 -2.06 -6.15 -19.04
CA ASP B 693 -2.48 -6.96 -17.90
C ASP B 693 -1.28 -7.64 -17.27
N PHE B 694 -1.34 -7.89 -15.97
CA PHE B 694 -0.25 -8.54 -15.25
C PHE B 694 -0.81 -9.00 -13.92
N GLN B 695 0.00 -9.73 -13.16
CA GLN B 695 -0.43 -10.23 -11.85
C GLN B 695 0.36 -9.59 -10.71
N ALA B 696 -0.31 -9.24 -9.63
CA ALA B 696 0.37 -8.60 -8.51
C ALA B 696 0.10 -9.33 -7.20
N MET B 697 0.84 -8.93 -6.16
CA MET B 697 0.71 -9.54 -4.85
C MET B 697 1.46 -8.70 -3.81
N TRP B 698 0.73 -8.19 -2.83
CA TRP B 698 1.36 -7.39 -1.79
C TRP B 698 1.42 -8.28 -0.54
N TYR B 699 2.42 -8.04 0.30
CA TYR B 699 2.55 -8.79 1.54
C TYR B 699 2.46 -7.85 2.73
N THR B 700 1.26 -7.82 3.31
CA THR B 700 0.95 -6.98 4.44
C THR B 700 1.96 -7.02 5.57
N ASP B 701 2.52 -5.85 5.88
CA ASP B 701 3.50 -5.74 6.95
C ASP B 701 4.80 -6.52 6.80
N GLU B 702 5.08 -7.03 5.62
CA GLU B 702 6.31 -7.76 5.42
C GLU B 702 7.46 -6.82 5.11
N ASP B 703 8.64 -7.24 5.54
CA ASP B 703 9.90 -6.52 5.36
C ASP B 703 10.31 -6.46 3.91
N HIS B 704 11.58 -6.16 3.67
CA HIS B 704 12.10 -6.13 2.31
C HIS B 704 12.44 -7.56 1.94
N GLY B 705 12.45 -8.42 2.95
CA GLY B 705 12.79 -9.81 2.72
C GLY B 705 11.60 -10.76 2.76
N ILE B 706 10.40 -10.23 3.04
CA ILE B 706 9.20 -11.06 3.10
C ILE B 706 9.64 -12.39 3.69
N ALA B 707 10.30 -12.31 4.84
CA ALA B 707 10.83 -13.50 5.46
C ALA B 707 10.16 -14.04 6.71
N SER B 708 8.99 -13.53 7.08
CA SER B 708 8.32 -14.08 8.25
C SER B 708 8.03 -15.51 7.83
N SER B 709 7.79 -16.41 8.77
CA SER B 709 7.54 -17.80 8.37
C SER B 709 6.38 -17.95 7.35
N THR B 710 5.17 -17.67 7.80
CA THR B 710 3.99 -17.77 6.94
C THR B 710 4.15 -17.06 5.60
N ALA B 711 4.77 -15.89 5.61
CA ALA B 711 4.96 -15.13 4.38
C ALA B 711 5.94 -15.83 3.45
N HIS B 712 7.09 -16.21 4.01
CA HIS B 712 8.12 -16.90 3.24
C HIS B 712 7.53 -18.10 2.48
N GLN B 713 6.74 -18.89 3.18
CA GLN B 713 6.12 -20.06 2.58
C GLN B 713 5.15 -19.63 1.47
N HIS B 714 4.26 -18.69 1.82
CA HIS B 714 3.26 -18.19 0.90
C HIS B 714 3.81 -17.63 -0.40
N ILE B 715 4.84 -16.79 -0.30
CA ILE B 715 5.42 -16.20 -1.49
C ILE B 715 6.11 -17.19 -2.41
N TYR B 716 6.66 -18.27 -1.86
CA TYR B 716 7.32 -19.22 -2.74
C TYR B 716 6.32 -20.15 -3.38
N SER B 717 5.28 -20.49 -2.64
CA SER B 717 4.26 -21.36 -3.18
C SER B 717 3.59 -20.62 -4.32
N HIS B 718 3.28 -19.35 -4.08
CA HIS B 718 2.63 -18.53 -5.09
C HIS B 718 3.50 -18.38 -6.33
N MET B 719 4.81 -18.24 -6.13
CA MET B 719 5.68 -18.10 -7.28
C MET B 719 5.78 -19.42 -8.04
N SER B 720 5.74 -20.52 -7.30
CA SER B 720 5.81 -21.84 -7.90
C SER B 720 4.60 -21.98 -8.83
N HIS B 721 3.41 -21.79 -8.30
CA HIS B 721 2.21 -21.89 -9.12
C HIS B 721 2.28 -20.93 -10.32
N PHE B 722 2.92 -19.77 -10.18
CA PHE B 722 3.00 -18.85 -11.31
C PHE B 722 3.79 -19.50 -12.45
N LEU B 723 4.92 -20.11 -12.10
CA LEU B 723 5.76 -20.78 -13.10
C LEU B 723 5.04 -22.00 -13.66
N GLN B 724 4.38 -22.74 -12.79
CA GLN B 724 3.65 -23.92 -13.19
C GLN B 724 2.60 -23.53 -14.24
N GLN B 725 1.84 -22.46 -13.96
CA GLN B 725 0.84 -21.99 -14.90
C GLN B 725 1.57 -21.55 -16.18
N CYS B 726 2.65 -20.77 -16.03
CA CYS B 726 3.39 -20.30 -17.19
C CYS B 726 4.02 -21.41 -18.05
N PHE B 727 4.55 -22.45 -17.41
CA PHE B 727 5.18 -23.54 -18.14
C PHE B 727 4.25 -24.70 -18.51
N SER B 728 2.95 -24.51 -18.35
CA SER B 728 1.95 -25.54 -18.67
C SER B 728 2.05 -26.82 -17.83
N LEU B 729 2.70 -26.74 -16.67
CA LEU B 729 2.86 -27.89 -15.79
C LEU B 729 1.65 -27.95 -14.86
N ARG B 730 1.91 -27.87 -13.55
CA ARG B 730 0.90 -27.90 -12.48
C ARG B 730 -0.36 -28.69 -12.75
C2 AIA C . -21.01 1.18 2.91
C3 AIA C . -19.03 1.01 1.47
C4 AIA C . -20.35 3.16 1.42
C5 AIA C . -20.08 0.10 3.48
C6 AIA C . -22.16 0.57 2.20
C7 AIA C . -19.18 -0.28 2.31
C8 AIA C . -19.10 0.51 0.02
C9 AIA C . -21.55 3.99 1.96
N1 AIA C . -20.15 1.87 1.91
O10 AIA C . -19.63 3.70 0.59
C11 AIA C . -23.08 0.11 1.58
N12 AIA C . -20.15 0.83 -0.77
C13 AIA C . -22.85 3.95 1.11
N14 AIA C . -21.07 5.34 2.09
C16 AIA C . -24.09 4.47 1.83
C17 AIA C . -22.86 4.76 -0.18
C18 AIA C . -25.14 4.59 0.72
C19 AIA C . -24.34 4.76 -0.58
#